data_2IGS
#
_entry.id   2IGS
#
_cell.length_a   76.424
_cell.length_b   100.458
_cell.length_c   140.845
_cell.angle_alpha   90.00
_cell.angle_beta   100.33
_cell.angle_gamma   90.00
#
_symmetry.space_group_name_H-M   'P 1 21 1'
#
loop_
_entity.id
_entity.type
_entity.pdbx_description
1 polymer 'Hypothetical protein'
2 non-polymer 'SULFATE ION'
3 non-polymer 'ACETIC ACID'
4 non-polymer GLYCEROL
5 water water
#
_entity_poly.entity_id   1
_entity_poly.type   'polypeptide(L)'
_entity_poly.pdbx_seq_one_letter_code
;GH(MSE)AEINIYQNPGQSLANIYKGFARQCNPGFVFPEAQTIEAWDIPLRLHPEFIPGGDISKADQQYSTLLAQEIANG
VTIGFR(MSE)VNEKERVCNVEILPLLTS(MSE)AQNLDRIKARFGSGYLDRFKGSPNVYPTDVGFSTDASGGISQESGL
LVSYGVNLRTLTPGTWQA(MSE)TLPEDIKALVGPGVGLRLDAPNFSDVFNTIKSGLRYTTAVTLLLAYFAAIGS
;
_entity_poly.pdbx_strand_id   A,B,C,D,E,F,G,H
#
# COMPACT_ATOMS: atom_id res chain seq x y z
N ILE A 6 4.69 34.98 -33.32
CA ILE A 6 3.45 35.12 -32.49
C ILE A 6 2.39 36.02 -33.13
N ASN A 7 1.14 35.79 -32.70
CA ASN A 7 0.00 36.64 -33.02
C ASN A 7 -0.93 36.70 -31.80
N ILE A 8 -1.86 37.65 -31.77
CA ILE A 8 -2.70 37.85 -30.60
C ILE A 8 -3.68 36.70 -30.35
N TYR A 9 -4.02 35.96 -31.42
CA TYR A 9 -4.97 34.85 -31.34
C TYR A 9 -4.35 33.64 -30.66
N GLN A 10 -3.27 33.13 -31.23
CA GLN A 10 -2.56 31.98 -30.68
C GLN A 10 -1.74 32.32 -29.44
N ASN A 11 -1.31 33.58 -29.33
CA ASN A 11 -0.42 34.02 -28.27
C ASN A 11 -0.94 35.28 -27.59
N PRO A 12 -2.14 35.20 -26.98
CA PRO A 12 -2.71 36.41 -26.37
C PRO A 12 -1.89 36.99 -25.21
N GLY A 13 -1.35 36.14 -24.34
CA GLY A 13 -0.56 36.63 -23.20
C GLY A 13 0.67 37.41 -23.64
N GLN A 14 1.41 36.85 -24.58
CA GLN A 14 2.67 37.45 -25.03
C GLN A 14 2.43 38.74 -25.80
N SER A 15 1.44 38.73 -26.69
CA SER A 15 1.11 39.92 -27.47
C SER A 15 0.71 41.06 -26.53
N LEU A 16 -0.18 40.79 -25.59
CA LEU A 16 -0.67 41.84 -24.69
C LEU A 16 0.40 42.29 -23.70
N ALA A 17 1.15 41.35 -23.14
CA ALA A 17 2.23 41.70 -22.24
C ALA A 17 3.22 42.64 -22.96
N ASN A 18 3.55 42.34 -24.22
CA ASN A 18 4.37 43.24 -25.08
C ASN A 18 3.89 44.68 -25.22
N ILE A 19 2.58 44.86 -25.40
CA ILE A 19 1.98 46.19 -25.42
C ILE A 19 2.17 46.81 -24.03
N TYR A 20 1.84 46.06 -22.98
CA TYR A 20 1.88 46.60 -21.63
C TYR A 20 3.28 46.79 -21.09
N LYS A 21 4.22 45.99 -21.58
CA LYS A 21 5.65 46.22 -21.34
C LYS A 21 6.02 47.61 -21.86
N GLY A 22 5.54 47.94 -23.06
CA GLY A 22 5.71 49.26 -23.66
C GLY A 22 5.18 50.41 -22.80
N PHE A 23 3.92 50.32 -22.37
CA PHE A 23 3.30 51.35 -21.52
C PHE A 23 4.01 51.56 -20.20
N ALA A 24 4.39 50.46 -19.54
CA ALA A 24 5.11 50.48 -18.25
C ALA A 24 6.45 51.18 -18.41
N ARG A 25 7.15 50.87 -19.52
N ARG A 25 7.16 50.88 -19.50
CA ARG A 25 8.43 51.50 -19.89
CA ARG A 25 8.43 51.54 -19.80
C ARG A 25 8.30 53.02 -19.96
C ARG A 25 8.24 53.05 -19.83
N GLN A 26 7.21 53.50 -20.55
CA GLN A 26 6.91 54.94 -20.68
C GLN A 26 6.53 55.56 -19.35
N CYS A 27 5.77 54.80 -18.56
CA CYS A 27 5.38 55.18 -17.22
C CYS A 27 6.61 55.33 -16.32
N ASN A 28 7.40 54.27 -16.22
CA ASN A 28 8.64 54.25 -15.44
C ASN A 28 9.56 53.15 -15.94
N PRO A 29 10.71 53.52 -16.53
CA PRO A 29 11.75 52.58 -16.96
C PRO A 29 12.29 51.65 -15.85
N GLY A 30 12.34 52.12 -14.61
CA GLY A 30 12.85 51.33 -13.47
C GLY A 30 11.83 50.40 -12.82
N PHE A 31 10.58 50.49 -13.27
CA PHE A 31 9.51 49.59 -12.85
C PHE A 31 9.79 48.21 -13.45
N VAL A 32 9.96 47.21 -12.58
CA VAL A 32 10.23 45.85 -13.05
C VAL A 32 8.97 45.19 -13.59
N PHE A 33 8.94 44.95 -14.90
CA PHE A 33 7.77 44.38 -15.56
C PHE A 33 7.65 42.89 -15.27
N PRO A 34 6.56 42.48 -14.59
CA PRO A 34 6.37 41.06 -14.22
C PRO A 34 5.93 40.26 -15.47
N GLU A 35 6.89 39.89 -16.29
CA GLU A 35 6.63 39.42 -17.65
C GLU A 35 6.05 38.02 -17.70
N ALA A 36 6.65 37.10 -16.93
CA ALA A 36 6.15 35.72 -16.82
C ALA A 36 4.70 35.69 -16.33
N GLN A 37 4.41 36.42 -15.26
CA GLN A 37 3.07 36.43 -14.67
C GLN A 37 2.03 37.08 -15.59
N THR A 38 2.44 38.13 -16.30
CA THR A 38 1.54 38.84 -17.22
C THR A 38 1.16 37.95 -18.43
N ILE A 39 2.14 37.30 -19.03
CA ILE A 39 1.90 36.34 -20.12
C ILE A 39 1.00 35.18 -19.66
N GLU A 40 1.36 34.58 -18.52
CA GLU A 40 0.61 33.44 -17.99
C GLU A 40 -0.86 33.80 -17.69
N ALA A 41 -1.04 34.91 -17.00
CA ALA A 41 -2.37 35.36 -16.64
C ALA A 41 -3.23 35.65 -17.86
N TRP A 42 -2.66 36.30 -18.88
CA TRP A 42 -3.45 36.64 -20.05
C TRP A 42 -3.59 35.50 -21.05
N ASP A 43 -2.88 34.41 -20.80
CA ASP A 43 -3.07 33.14 -21.51
C ASP A 43 -4.20 32.29 -20.92
N ILE A 44 -4.57 32.56 -19.66
CA ILE A 44 -5.56 31.74 -18.94
C ILE A 44 -6.81 31.43 -19.78
N PRO A 45 -7.48 32.47 -20.32
CA PRO A 45 -8.67 32.12 -21.09
C PRO A 45 -8.42 31.13 -22.25
N LEU A 46 -7.31 31.29 -22.98
CA LEU A 46 -6.91 30.32 -24.02
C LEU A 46 -6.56 28.91 -23.49
N ARG A 47 -5.85 28.83 -22.37
N ARG A 47 -5.89 28.84 -22.34
CA ARG A 47 -5.52 27.54 -21.78
CA ARG A 47 -5.48 27.57 -21.74
C ARG A 47 -6.80 26.78 -21.44
C ARG A 47 -6.67 26.80 -21.10
N LEU A 48 -7.80 27.49 -20.91
CA LEU A 48 -9.06 26.86 -20.48
C LEU A 48 -9.90 26.46 -21.68
N HIS A 49 -9.74 27.19 -22.78
CA HIS A 49 -10.50 26.93 -24.00
C HIS A 49 -9.61 26.84 -25.22
N PRO A 50 -8.86 25.71 -25.35
CA PRO A 50 -7.98 25.60 -26.49
C PRO A 50 -8.78 25.66 -27.78
N GLU A 51 -10.06 25.31 -27.69
N GLU A 51 -10.04 25.26 -27.74
CA GLU A 51 -10.94 25.20 -28.84
CA GLU A 51 -10.85 25.18 -28.96
C GLU A 51 -11.21 26.54 -29.52
C GLU A 51 -11.33 26.55 -29.47
N PHE A 52 -10.79 27.62 -28.88
CA PHE A 52 -10.96 28.98 -29.43
C PHE A 52 -10.25 29.12 -30.79
N ILE A 53 -9.11 28.44 -30.91
CA ILE A 53 -8.38 28.25 -32.16
C ILE A 53 -8.54 26.79 -32.64
N PRO A 54 -9.55 26.52 -33.49
CA PRO A 54 -9.86 25.16 -33.92
C PRO A 54 -8.78 24.55 -34.82
N GLY A 55 -8.16 23.48 -34.33
CA GLY A 55 -7.07 22.80 -35.05
C GLY A 55 -5.95 23.74 -35.49
N GLY A 56 -5.57 24.69 -34.64
CA GLY A 56 -4.47 25.60 -34.93
C GLY A 56 -4.67 26.59 -36.08
N ASP A 57 -5.91 26.72 -36.56
CA ASP A 57 -6.23 27.61 -37.68
C ASP A 57 -6.87 28.92 -37.21
N ILE A 58 -6.07 29.99 -37.18
CA ILE A 58 -6.55 31.28 -36.68
C ILE A 58 -7.62 31.95 -37.57
N SER A 59 -7.70 31.53 -38.84
CA SER A 59 -8.75 32.03 -39.73
C SER A 59 -10.13 31.52 -39.30
N LYS A 60 -10.16 30.42 -38.55
CA LYS A 60 -11.39 29.92 -37.97
C LYS A 60 -11.48 30.14 -36.45
N ALA A 61 -10.69 31.08 -35.94
CA ALA A 61 -10.70 31.44 -34.51
C ALA A 61 -12.07 31.96 -34.04
N ASP A 62 -12.50 31.50 -32.86
CA ASP A 62 -13.77 31.90 -32.25
C ASP A 62 -13.98 33.42 -32.28
N GLN A 63 -15.12 33.84 -32.82
CA GLN A 63 -15.39 35.25 -33.13
C GLN A 63 -15.49 36.16 -31.89
N GLN A 64 -16.19 35.69 -30.86
N GLN A 64 -16.17 35.71 -30.85
CA GLN A 64 -16.32 36.44 -29.59
CA GLN A 64 -16.27 36.56 -29.65
C GLN A 64 -14.93 36.63 -28.96
C GLN A 64 -14.95 36.61 -28.84
N TYR A 65 -14.16 35.55 -28.92
CA TYR A 65 -12.78 35.59 -28.39
C TYR A 65 -11.88 36.57 -29.19
N SER A 66 -11.95 36.50 -30.52
CA SER A 66 -11.25 37.44 -31.42
C SER A 66 -11.67 38.90 -31.23
N THR A 67 -12.99 39.13 -31.07
CA THR A 67 -13.54 40.45 -30.76
C THR A 67 -13.02 41.00 -29.43
N LEU A 68 -12.96 40.15 -28.42
CA LEU A 68 -12.38 40.47 -27.13
C LEU A 68 -10.96 41.02 -27.27
N LEU A 69 -10.17 40.38 -28.13
CA LEU A 69 -8.78 40.76 -28.29
C LEU A 69 -8.62 42.03 -29.13
N ALA A 70 -9.47 42.18 -30.14
CA ALA A 70 -9.52 43.41 -30.93
C ALA A 70 -9.87 44.61 -30.06
N GLN A 71 -10.81 44.42 -29.12
CA GLN A 71 -11.16 45.44 -28.13
C GLN A 71 -9.92 45.87 -27.36
N GLU A 72 -9.06 44.91 -27.09
CA GLU A 72 -7.86 45.18 -26.32
C GLU A 72 -6.82 45.93 -27.16
N ILE A 73 -6.74 45.59 -28.44
CA ILE A 73 -5.94 46.39 -29.37
C ILE A 73 -6.47 47.84 -29.44
N ALA A 74 -7.79 48.00 -29.63
CA ALA A 74 -8.36 49.36 -29.70
C ALA A 74 -8.17 50.17 -28.41
N ASN A 75 -8.30 49.51 -27.25
CA ASN A 75 -8.02 50.17 -25.98
C ASN A 75 -6.57 50.58 -25.83
N GLY A 76 -5.65 49.81 -26.40
CA GLY A 76 -4.22 50.17 -26.40
C GLY A 76 -3.92 51.50 -27.09
N VAL A 77 -4.53 51.67 -28.27
CA VAL A 77 -4.45 52.90 -29.02
C VAL A 77 -4.91 54.10 -28.19
N THR A 78 -6.03 53.94 -27.49
CA THR A 78 -6.62 54.96 -26.63
C THR A 78 -5.71 55.34 -25.46
N ILE A 79 -5.12 54.33 -24.83
CA ILE A 79 -4.17 54.53 -23.77
C ILE A 79 -2.98 55.33 -24.28
N GLY A 80 -2.48 54.96 -25.46
CA GLY A 80 -1.42 55.74 -26.09
C GLY A 80 -1.81 57.20 -26.27
N PHE A 81 -3.04 57.45 -26.71
CA PHE A 81 -3.54 58.81 -26.89
C PHE A 81 -3.64 59.56 -25.55
N ARG A 82 -4.07 58.84 -24.53
CA ARG A 82 -4.30 59.42 -23.22
C ARG A 82 -3.01 59.67 -22.43
N VAL A 84 -0.48 61.37 -23.12
CA VAL A 84 -0.07 62.76 -23.21
C VAL A 84 -0.65 63.62 -22.08
N ASN A 85 -1.97 63.72 -22.00
CA ASN A 85 -2.62 64.62 -21.02
C ASN A 85 -3.05 63.96 -19.70
N GLU A 86 -2.81 62.65 -19.58
CA GLU A 86 -3.31 61.87 -18.44
C GLU A 86 -2.33 60.83 -17.90
N LYS A 87 -1.04 60.99 -18.21
CA LYS A 87 -0.02 60.03 -17.80
C LYS A 87 -0.14 59.57 -16.33
N GLU A 88 -0.29 60.54 -15.42
CA GLU A 88 -0.40 60.26 -13.98
C GLU A 88 -1.50 59.24 -13.66
N ARG A 89 -2.73 59.53 -14.10
CA ARG A 89 -3.84 58.62 -13.90
C ARG A 89 -3.61 57.31 -14.65
N VAL A 90 -3.22 57.40 -15.93
CA VAL A 90 -2.97 56.22 -16.77
C VAL A 90 -1.97 55.30 -16.08
N CYS A 91 -0.87 55.87 -15.60
CA CYS A 91 0.21 55.09 -15.05
C CYS A 91 -0.07 54.62 -13.64
N ASN A 92 -0.37 55.56 -12.74
CA ASN A 92 -0.42 55.29 -11.29
C ASN A 92 -1.76 54.70 -10.77
N VAL A 93 -2.78 54.72 -11.62
CA VAL A 93 -4.11 54.24 -11.24
C VAL A 93 -4.51 53.03 -12.10
N GLU A 94 -4.29 53.15 -13.39
CA GLU A 94 -4.81 52.22 -14.38
C GLU A 94 -3.84 51.08 -14.75
N ILE A 95 -2.56 51.40 -14.92
CA ILE A 95 -1.63 50.44 -15.53
C ILE A 95 -0.66 49.79 -14.55
N LEU A 96 0.12 50.58 -13.82
CA LEU A 96 1.10 49.99 -12.91
C LEU A 96 0.46 49.12 -11.83
N PRO A 97 -0.62 49.60 -11.16
CA PRO A 97 -1.27 48.76 -10.16
C PRO A 97 -1.89 47.49 -10.73
N LEU A 98 -2.35 47.53 -11.97
CA LEU A 98 -2.94 46.35 -12.59
C LEU A 98 -1.90 45.26 -12.75
N LEU A 99 -0.75 45.60 -13.33
CA LEU A 99 0.33 44.65 -13.54
C LEU A 99 0.90 44.08 -12.25
N THR A 100 1.05 44.92 -11.23
CA THR A 100 1.65 44.46 -9.97
C THR A 100 0.64 43.59 -9.21
N SER A 101 -0.63 43.98 -9.27
CA SER A 101 -1.68 43.23 -8.57
C SER A 101 -1.83 41.83 -9.14
N ALA A 103 0.32 40.03 -10.83
CA ALA A 103 1.52 39.23 -10.57
C ALA A 103 1.53 38.65 -9.16
N GLN A 104 1.26 39.49 -8.18
CA GLN A 104 1.16 39.09 -6.79
C GLN A 104 0.02 38.09 -6.60
N ASN A 105 -1.11 38.37 -7.25
CA ASN A 105 -2.29 37.53 -7.10
C ASN A 105 -2.09 36.17 -7.73
N LEU A 106 -1.52 36.14 -8.93
CA LEU A 106 -1.18 34.88 -9.59
C LEU A 106 -0.19 34.07 -8.73
N ASP A 107 0.80 34.74 -8.14
CA ASP A 107 1.73 34.08 -7.25
C ASP A 107 1.05 33.56 -5.99
N ARG A 108 0.09 34.32 -5.43
CA ARG A 108 -0.64 33.80 -4.28
C ARG A 108 -1.50 32.58 -4.64
N ILE A 109 -2.16 32.65 -5.81
CA ILE A 109 -2.99 31.54 -6.33
C ILE A 109 -2.18 30.26 -6.58
N LYS A 110 -0.97 30.42 -7.11
CA LYS A 110 -0.05 29.29 -7.27
C LYS A 110 0.32 28.62 -5.93
N ALA A 111 0.63 29.43 -4.91
CA ALA A 111 0.93 28.86 -3.58
C ALA A 111 -0.29 28.22 -2.93
N ARG A 112 -1.44 28.84 -3.08
CA ARG A 112 -2.66 28.37 -2.41
C ARG A 112 -3.25 27.09 -3.02
N PHE A 113 -3.23 27.02 -4.35
CA PHE A 113 -3.97 25.99 -5.09
C PHE A 113 -3.06 24.99 -5.82
N GLY A 114 -1.77 25.29 -5.90
CA GLY A 114 -0.80 24.35 -6.46
C GLY A 114 -0.70 24.49 -7.97
N SER A 115 0.11 23.65 -8.59
CA SER A 115 0.40 23.77 -10.03
C SER A 115 -0.82 23.55 -10.92
N GLY A 116 -1.85 22.90 -10.40
CA GLY A 116 -3.08 22.69 -11.14
C GLY A 116 -4.12 23.74 -10.81
N TYR A 117 -3.68 24.94 -10.47
CA TYR A 117 -4.59 26.02 -10.04
C TYR A 117 -5.68 26.31 -11.09
N LEU A 118 -5.39 26.03 -12.36
CA LEU A 118 -6.34 26.26 -13.45
C LEU A 118 -7.63 25.50 -13.22
N ASP A 119 -7.55 24.48 -12.38
CA ASP A 119 -8.72 23.68 -12.04
C ASP A 119 -9.76 24.48 -11.25
N ARG A 120 -9.34 25.54 -10.57
CA ARG A 120 -10.26 26.42 -9.85
C ARG A 120 -11.18 27.20 -10.78
N PHE A 121 -10.77 27.36 -12.03
CA PHE A 121 -11.48 28.21 -12.98
C PHE A 121 -12.44 27.40 -13.86
N LYS A 122 -12.39 26.07 -13.72
CA LYS A 122 -13.22 25.19 -14.53
C LYS A 122 -14.58 24.97 -13.88
N GLY A 123 -15.55 24.53 -14.68
CA GLY A 123 -16.89 24.21 -14.19
C GLY A 123 -17.86 25.37 -13.98
N SER A 124 -17.43 26.60 -14.27
CA SER A 124 -18.32 27.76 -14.23
C SER A 124 -19.18 27.76 -15.48
N PRO A 125 -20.37 28.42 -15.45
CA PRO A 125 -21.21 28.53 -16.63
C PRO A 125 -20.64 29.46 -17.71
N ASN A 126 -19.63 30.24 -17.35
CA ASN A 126 -19.04 31.26 -18.22
C ASN A 126 -17.89 30.70 -19.07
N VAL A 127 -18.02 30.87 -20.38
CA VAL A 127 -17.04 30.43 -21.39
C VAL A 127 -15.96 31.49 -21.63
N TYR A 128 -16.39 32.75 -21.73
CA TYR A 128 -15.49 33.88 -21.95
C TYR A 128 -15.14 34.57 -20.66
N PRO A 129 -13.94 35.15 -20.57
CA PRO A 129 -13.52 35.74 -19.29
C PRO A 129 -14.36 36.94 -18.88
N THR A 130 -14.99 37.59 -19.86
CA THR A 130 -15.82 38.75 -19.65
C THR A 130 -17.32 38.42 -19.42
N ASP A 131 -17.69 37.15 -19.45
CA ASP A 131 -19.06 36.73 -19.20
C ASP A 131 -19.52 37.06 -17.78
N VAL A 132 -20.77 37.50 -17.68
CA VAL A 132 -21.42 37.73 -16.41
C VAL A 132 -22.67 36.87 -16.41
N GLY A 133 -22.80 36.00 -15.42
CA GLY A 133 -24.01 35.21 -15.28
C GLY A 133 -24.53 35.22 -13.85
N PHE A 134 -25.25 34.15 -13.51
CA PHE A 134 -25.97 34.06 -12.26
C PHE A 134 -25.37 32.96 -11.40
N SER A 135 -25.16 33.28 -10.13
CA SER A 135 -24.49 32.35 -9.23
C SER A 135 -25.48 31.29 -8.72
N THR A 136 -24.94 30.22 -8.14
CA THR A 136 -25.73 29.13 -7.60
C THR A 136 -25.95 29.43 -6.12
N ASP A 137 -27.18 29.23 -5.63
CA ASP A 137 -27.48 29.48 -4.22
C ASP A 137 -27.03 28.31 -3.32
N ALA A 138 -27.24 28.39 -2.00
CA ALA A 138 -26.69 27.37 -1.10
C ALA A 138 -27.30 25.97 -1.24
N SER A 139 -28.48 25.91 -1.88
CA SER A 139 -29.17 24.63 -2.10
C SER A 139 -28.88 24.09 -3.49
N GLY A 140 -28.03 24.80 -4.24
CA GLY A 140 -27.57 24.31 -5.52
C GLY A 140 -28.32 24.75 -6.78
N GLY A 141 -29.23 25.71 -6.65
CA GLY A 141 -29.92 26.22 -7.83
C GLY A 141 -29.78 27.72 -8.01
N ILE A 142 -30.23 28.24 -9.14
CA ILE A 142 -30.36 29.70 -9.31
C ILE A 142 -31.72 30.12 -8.76
N SER A 143 -31.71 31.13 -7.89
CA SER A 143 -32.94 31.68 -7.29
C SER A 143 -32.75 33.17 -7.00
N GLN A 144 -33.77 33.81 -6.43
CA GLN A 144 -33.63 35.20 -6.01
C GLN A 144 -32.51 35.44 -4.97
N GLU A 145 -32.05 34.36 -4.31
CA GLU A 145 -30.90 34.37 -3.38
C GLU A 145 -29.56 34.44 -4.10
N SER A 146 -29.57 34.11 -5.40
CA SER A 146 -28.37 34.21 -6.20
C SER A 146 -28.02 35.65 -6.49
N GLY A 147 -26.86 35.81 -7.11
CA GLY A 147 -26.42 37.11 -7.62
C GLY A 147 -25.47 36.96 -8.78
N LEU A 148 -24.49 37.85 -8.83
CA LEU A 148 -23.60 37.97 -10.01
C LEU A 148 -22.43 36.97 -9.97
N LEU A 149 -22.31 36.16 -11.02
CA LEU A 149 -21.15 35.32 -11.23
C LEU A 149 -20.37 35.79 -12.47
N VAL A 150 -19.21 36.39 -12.24
CA VAL A 150 -18.48 37.00 -13.35
C VAL A 150 -17.23 36.17 -13.68
N SER A 151 -16.89 36.09 -14.97
N SER A 151 -16.91 36.09 -14.97
CA SER A 151 -15.67 35.39 -15.40
CA SER A 151 -15.75 35.31 -15.46
C SER A 151 -15.70 33.93 -14.90
C SER A 151 -15.72 33.88 -14.90
N TYR A 152 -14.52 33.36 -14.68
CA TYR A 152 -14.36 31.98 -14.29
C TYR A 152 -14.55 31.68 -12.81
N GLY A 153 -15.67 32.11 -12.23
CA GLY A 153 -16.01 31.75 -10.86
C GLY A 153 -15.97 32.88 -9.83
N VAL A 154 -15.92 34.13 -10.28
CA VAL A 154 -15.99 35.26 -9.34
C VAL A 154 -17.42 35.49 -8.89
N ASN A 155 -17.73 34.95 -7.72
CA ASN A 155 -19.06 35.04 -7.10
C ASN A 155 -19.17 36.29 -6.26
N LEU A 156 -19.79 37.33 -6.83
CA LEU A 156 -19.96 38.61 -6.18
C LEU A 156 -21.02 38.53 -5.08
N ARG A 157 -22.02 37.68 -5.30
CA ARG A 157 -23.08 37.48 -4.34
C ARG A 157 -22.57 37.06 -2.95
N THR A 158 -21.66 36.09 -2.88
CA THR A 158 -21.20 35.55 -1.59
C THR A 158 -19.89 36.19 -1.14
N LEU A 159 -19.39 37.14 -1.93
CA LEU A 159 -18.10 37.76 -1.68
C LEU A 159 -18.17 38.52 -0.36
N THR A 160 -17.42 38.03 0.62
CA THR A 160 -17.46 38.53 2.00
C THR A 160 -16.70 39.85 2.21
N PRO A 161 -17.03 40.58 3.31
CA PRO A 161 -16.26 41.77 3.75
C PRO A 161 -14.77 41.50 3.95
N GLY A 162 -14.44 40.34 4.53
CA GLY A 162 -13.04 39.90 4.64
C GLY A 162 -12.31 39.77 3.31
N THR A 163 -12.92 39.10 2.34
CA THR A 163 -12.35 38.95 1.00
C THR A 163 -12.20 40.32 0.33
N TRP A 164 -13.23 41.16 0.44
CA TRP A 164 -13.19 42.53 -0.09
C TRP A 164 -11.98 43.33 0.37
N GLN A 165 -11.69 43.30 1.67
N GLN A 165 -11.70 43.28 1.68
CA GLN A 165 -10.56 44.05 2.27
CA GLN A 165 -10.59 44.01 2.30
C GLN A 165 -9.20 43.43 1.92
C GLN A 165 -9.22 43.43 1.94
N ALA A 166 -9.18 42.12 1.69
CA ALA A 166 -7.93 41.41 1.36
C ALA A 166 -7.58 41.56 -0.14
N THR A 168 -6.56 42.79 -3.62
CA THR A 168 -5.60 43.72 -4.19
C THR A 168 -6.08 43.99 -5.64
N LEU A 169 -6.84 45.06 -5.81
CA LEU A 169 -7.51 45.36 -7.08
C LEU A 169 -7.35 46.85 -7.49
N PRO A 170 -7.00 47.13 -8.77
CA PRO A 170 -6.90 48.52 -9.28
C PRO A 170 -8.25 49.25 -9.14
N GLU A 171 -8.18 50.54 -8.79
N GLU A 171 -8.23 50.54 -8.79
CA GLU A 171 -9.31 51.40 -8.41
CA GLU A 171 -9.42 51.23 -8.32
C GLU A 171 -10.53 51.31 -9.32
C GLU A 171 -10.58 51.38 -9.32
N ASP A 172 -10.29 51.32 -10.63
CA ASP A 172 -11.39 51.34 -11.64
C ASP A 172 -12.20 50.04 -11.64
N ILE A 173 -11.52 48.91 -11.49
CA ILE A 173 -12.20 47.62 -11.41
C ILE A 173 -13.00 47.49 -10.10
N LYS A 174 -12.37 47.86 -8.99
N LYS A 174 -12.37 47.84 -8.98
CA LYS A 174 -13.03 47.95 -7.68
CA LYS A 174 -13.03 47.95 -7.69
C LYS A 174 -14.31 48.79 -7.70
C LYS A 174 -14.35 48.73 -7.81
N ALA A 175 -14.29 49.90 -8.42
CA ALA A 175 -15.46 50.76 -8.58
C ALA A 175 -16.50 50.18 -9.54
N LEU A 176 -16.05 49.48 -10.58
CA LEU A 176 -16.97 48.78 -11.47
C LEU A 176 -17.77 47.70 -10.75
N VAL A 177 -17.09 46.96 -9.90
CA VAL A 177 -17.58 45.68 -9.43
C VAL A 177 -18.20 45.79 -8.02
N GLY A 178 -17.85 46.86 -7.30
CA GLY A 178 -18.25 47.05 -5.90
C GLY A 178 -19.74 46.99 -5.65
N PRO A 179 -20.54 47.71 -6.48
CA PRO A 179 -22.01 47.67 -6.33
C PRO A 179 -22.67 46.31 -6.56
N GLY A 180 -21.93 45.35 -7.11
CA GLY A 180 -22.49 44.04 -7.32
C GLY A 180 -22.24 43.09 -6.18
N VAL A 181 -21.37 43.46 -5.25
CA VAL A 181 -21.00 42.59 -4.13
C VAL A 181 -22.19 42.40 -3.16
N GLY A 182 -22.60 41.14 -2.97
CA GLY A 182 -23.73 40.77 -2.10
C GLY A 182 -25.09 41.07 -2.73
N LEU A 183 -25.08 41.52 -3.98
CA LEU A 183 -26.30 41.96 -4.62
C LEU A 183 -27.11 40.75 -5.12
N ARG A 184 -28.38 40.74 -4.74
CA ARG A 184 -29.35 39.71 -5.06
C ARG A 184 -30.04 39.97 -6.39
N LEU A 185 -30.40 38.89 -7.08
CA LEU A 185 -31.16 38.98 -8.34
C LEU A 185 -32.43 39.83 -8.23
N ASP A 186 -33.05 39.81 -7.08
CA ASP A 186 -34.30 40.52 -6.95
C ASP A 186 -34.11 41.96 -6.45
N ALA A 187 -32.86 42.43 -6.32
CA ALA A 187 -32.61 43.78 -5.83
C ALA A 187 -33.12 44.77 -6.88
N PRO A 188 -33.59 45.97 -6.45
CA PRO A 188 -34.15 46.94 -7.39
C PRO A 188 -33.09 47.44 -8.41
N ASN A 189 -31.83 47.54 -7.98
CA ASN A 189 -30.73 47.95 -8.84
C ASN A 189 -29.96 46.83 -9.52
N PHE A 190 -30.43 45.58 -9.38
CA PHE A 190 -29.73 44.45 -9.98
C PHE A 190 -29.44 44.60 -11.49
N SER A 191 -30.51 44.80 -12.26
CA SER A 191 -30.48 45.05 -13.71
C SER A 191 -29.42 46.08 -14.11
N ASP A 192 -29.37 47.19 -13.38
CA ASP A 192 -28.44 48.30 -13.68
C ASP A 192 -27.04 47.85 -13.45
N VAL A 193 -26.79 47.26 -12.28
CA VAL A 193 -25.43 46.89 -11.91
C VAL A 193 -24.90 45.77 -12.84
N PHE A 194 -25.73 44.78 -13.08
CA PHE A 194 -25.45 43.71 -14.02
C PHE A 194 -25.04 44.27 -15.39
N ASN A 195 -25.82 45.22 -15.90
CA ASN A 195 -25.61 45.80 -17.21
C ASN A 195 -24.30 46.59 -17.24
N THR A 196 -24.07 47.34 -16.17
CA THR A 196 -22.85 48.11 -16.00
C THR A 196 -21.60 47.21 -15.94
N ILE A 197 -21.64 46.17 -15.12
CA ILE A 197 -20.45 45.29 -15.00
C ILE A 197 -20.16 44.61 -16.33
N LYS A 198 -21.19 44.02 -16.92
CA LYS A 198 -21.06 43.34 -18.21
C LYS A 198 -20.50 44.24 -19.33
N SER A 199 -20.91 45.52 -19.40
CA SER A 199 -20.45 46.45 -20.45
C SER A 199 -19.09 47.05 -20.16
N GLY A 200 -18.65 46.96 -18.91
CA GLY A 200 -17.47 47.68 -18.49
C GLY A 200 -16.25 46.79 -18.42
N LEU A 201 -16.47 45.49 -18.50
CA LEU A 201 -15.38 44.53 -18.47
C LEU A 201 -14.69 44.36 -19.81
N ARG A 202 -13.41 43.97 -19.74
CA ARG A 202 -12.61 43.67 -20.91
C ARG A 202 -11.78 42.43 -20.57
N TYR A 203 -11.23 41.80 -21.60
CA TYR A 203 -10.46 40.58 -21.47
C TYR A 203 -9.42 40.69 -20.36
N THR A 204 -8.56 41.71 -20.42
CA THR A 204 -7.47 41.84 -19.45
C THR A 204 -7.95 42.07 -18.03
N THR A 205 -8.97 42.91 -17.90
CA THR A 205 -9.52 43.32 -16.60
C THR A 205 -10.41 42.27 -15.94
N ALA A 206 -11.09 41.46 -16.76
CA ALA A 206 -11.86 40.32 -16.25
C ALA A 206 -10.89 39.32 -15.63
N VAL A 207 -9.78 39.06 -16.30
CA VAL A 207 -8.69 38.24 -15.74
C VAL A 207 -8.08 38.87 -14.46
N THR A 208 -7.90 40.19 -14.45
CA THR A 208 -7.33 40.85 -13.26
C THR A 208 -8.25 40.60 -12.03
N LEU A 209 -9.56 40.71 -12.26
CA LEU A 209 -10.58 40.47 -11.25
C LEU A 209 -10.60 39.01 -10.79
N LEU A 210 -10.56 38.08 -11.74
CA LEU A 210 -10.57 36.64 -11.46
C LEU A 210 -9.45 36.29 -10.48
N LEU A 211 -8.29 36.84 -10.75
CA LEU A 211 -7.10 36.59 -9.94
C LEU A 211 -7.12 37.30 -8.57
N ALA A 212 -7.62 38.53 -8.54
CA ALA A 212 -7.80 39.30 -7.29
C ALA A 212 -8.64 38.51 -6.28
N TYR A 213 -9.76 38.00 -6.78
CA TYR A 213 -10.73 37.23 -6.02
C TYR A 213 -10.18 35.94 -5.48
N PHE A 214 -9.68 35.06 -6.35
CA PHE A 214 -9.17 33.74 -5.91
C PHE A 214 -7.92 33.81 -5.03
N ALA A 215 -7.25 34.94 -5.06
CA ALA A 215 -6.08 35.13 -4.21
C ALA A 215 -6.49 35.65 -2.82
N ALA A 216 -7.75 36.07 -2.70
CA ALA A 216 -8.23 36.74 -1.51
C ALA A 216 -9.33 36.00 -0.76
N ILE A 217 -10.04 35.11 -1.47
N ILE A 217 -10.05 35.12 -1.46
CA ILE A 217 -11.14 34.32 -0.91
CA ILE A 217 -11.16 34.38 -0.85
C ILE A 217 -10.70 33.56 0.35
C ILE A 217 -10.69 33.59 0.36
N GLY A 218 -11.55 33.60 1.37
CA GLY A 218 -11.26 33.01 2.67
C GLY A 218 -10.85 34.05 3.69
N SER A 219 -10.22 35.13 3.22
CA SER A 219 -9.63 36.20 4.07
C SER A 219 -8.49 35.66 4.97
N ALA B 4 42.59 -4.80 33.19
CA ALA B 4 41.62 -4.58 34.32
C ALA B 4 40.81 -3.28 34.18
N GLU B 5 41.50 -2.15 33.98
CA GLU B 5 40.82 -0.85 33.91
C GLU B 5 40.32 -0.46 32.51
N ILE B 6 39.26 -1.12 32.12
CA ILE B 6 38.60 -0.85 30.87
C ILE B 6 37.29 -0.11 31.16
N ASN B 7 36.74 0.56 30.16
CA ASN B 7 35.42 1.11 30.32
C ASN B 7 34.69 1.00 28.99
N ILE B 8 33.37 1.11 29.01
CA ILE B 8 32.59 0.86 27.80
C ILE B 8 32.78 1.89 26.68
N TYR B 9 33.15 3.11 27.02
CA TYR B 9 33.46 4.17 26.04
C TYR B 9 34.71 3.82 25.21
N GLN B 10 35.81 3.48 25.89
CA GLN B 10 37.12 3.26 25.28
C GLN B 10 37.33 1.79 24.91
N ASN B 11 36.62 0.91 25.60
CA ASN B 11 36.76 -0.54 25.37
C ASN B 11 35.40 -1.15 25.21
N PRO B 12 34.64 -0.72 24.19
CA PRO B 12 33.29 -1.27 24.07
C PRO B 12 33.23 -2.75 23.77
N GLY B 13 34.13 -3.25 22.94
CA GLY B 13 34.09 -4.67 22.55
C GLY B 13 34.41 -5.54 23.73
N GLN B 14 35.38 -5.13 24.53
CA GLN B 14 35.80 -5.93 25.68
C GLN B 14 34.77 -5.86 26.79
N SER B 15 34.27 -4.65 27.05
CA SER B 15 33.16 -4.42 27.98
C SER B 15 31.93 -5.27 27.71
N LEU B 16 31.40 -5.21 26.49
CA LEU B 16 30.24 -6.03 26.14
C LEU B 16 30.56 -7.53 26.04
N ALA B 17 31.70 -7.90 25.44
CA ALA B 17 32.19 -9.28 25.53
C ALA B 17 32.10 -9.87 26.96
N ASN B 18 32.57 -9.12 27.97
CA ASN B 18 32.51 -9.60 29.36
C ASN B 18 31.07 -9.98 29.74
N ILE B 19 30.11 -9.11 29.38
CA ILE B 19 28.69 -9.36 29.68
C ILE B 19 28.13 -10.56 28.92
N TYR B 20 28.44 -10.63 27.63
CA TYR B 20 27.92 -11.73 26.79
C TYR B 20 28.55 -13.06 27.14
N LYS B 21 29.79 -13.05 27.60
CA LYS B 21 30.44 -14.28 28.07
C LYS B 21 29.74 -14.86 29.33
N GLY B 22 29.24 -13.97 30.17
CA GLY B 22 28.43 -14.32 31.31
C GLY B 22 27.07 -14.86 30.88
N PHE B 23 26.45 -14.29 29.87
CA PHE B 23 25.22 -14.85 29.28
C PHE B 23 25.51 -16.22 28.68
N ALA B 24 26.59 -16.32 27.89
CA ALA B 24 26.93 -17.58 27.23
C ALA B 24 27.13 -18.70 28.24
N ARG B 25 27.71 -18.37 29.39
CA ARG B 25 27.85 -19.34 30.50
C ARG B 25 26.50 -19.69 31.14
N GLN B 26 25.66 -18.69 31.43
CA GLN B 26 24.29 -18.96 31.87
C GLN B 26 23.66 -19.96 30.91
N CYS B 27 23.79 -19.69 29.62
CA CYS B 27 23.30 -20.58 28.56
C CYS B 27 23.89 -21.97 28.62
N ASN B 28 25.19 -22.08 28.37
CA ASN B 28 25.84 -23.38 28.27
C ASN B 28 27.30 -23.26 28.62
N PRO B 29 27.69 -23.76 29.81
CA PRO B 29 29.10 -23.71 30.25
C PRO B 29 30.07 -24.39 29.26
N GLY B 30 29.55 -25.29 28.43
CA GLY B 30 30.35 -25.97 27.41
C GLY B 30 30.47 -25.25 26.07
N PHE B 31 29.70 -24.17 25.91
CA PHE B 31 29.84 -23.31 24.75
C PHE B 31 31.20 -22.62 24.79
N VAL B 32 31.95 -22.70 23.70
CA VAL B 32 33.25 -22.04 23.61
C VAL B 32 33.08 -20.60 23.12
N PHE B 33 33.36 -19.66 24.01
CA PHE B 33 33.09 -18.28 23.74
C PHE B 33 34.18 -17.72 22.78
N PRO B 34 33.77 -17.11 21.65
CA PRO B 34 34.78 -16.59 20.72
C PRO B 34 35.22 -15.19 21.15
N GLU B 35 36.09 -15.13 22.15
CA GLU B 35 36.35 -13.87 22.83
C GLU B 35 37.06 -12.87 21.94
N ALA B 36 38.15 -13.27 21.29
CA ALA B 36 38.92 -12.35 20.46
C ALA B 36 38.08 -11.70 19.36
N GLN B 37 37.26 -12.50 18.68
CA GLN B 37 36.40 -12.02 17.60
C GLN B 37 35.34 -11.07 18.10
N THR B 38 34.72 -11.39 19.24
CA THR B 38 33.66 -10.58 19.83
C THR B 38 34.21 -9.22 20.26
N ILE B 39 35.39 -9.22 20.88
CA ILE B 39 36.05 -7.96 21.26
C ILE B 39 36.35 -7.16 19.99
N GLU B 40 37.00 -7.80 19.01
CA GLU B 40 37.37 -7.14 17.78
C GLU B 40 36.16 -6.59 17.00
N ALA B 41 35.11 -7.41 16.82
CA ALA B 41 33.87 -6.94 16.15
C ALA B 41 33.20 -5.75 16.82
N TRP B 42 33.12 -5.81 18.15
CA TRP B 42 32.37 -4.76 18.84
C TRP B 42 33.17 -3.48 19.06
N ASP B 43 34.44 -3.54 18.74
CA ASP B 43 35.33 -2.36 18.72
C ASP B 43 35.28 -1.64 17.36
N ILE B 44 34.80 -2.30 16.31
CA ILE B 44 34.81 -1.76 14.96
C ILE B 44 34.29 -0.29 14.85
N PRO B 45 33.13 0.03 15.47
CA PRO B 45 32.63 1.38 15.37
C PRO B 45 33.54 2.45 15.96
N LEU B 46 34.20 2.12 17.07
CA LEU B 46 35.19 2.98 17.67
C LEU B 46 36.50 3.09 16.86
N ARG B 47 36.91 2.01 16.21
N ARG B 47 36.92 1.99 16.22
N ARG B 47 36.89 2.00 16.21
CA ARG B 47 38.10 2.07 15.38
CA ARG B 47 38.10 2.04 15.37
CA ARG B 47 38.08 1.99 15.35
C ARG B 47 37.86 2.94 14.14
C ARG B 47 37.87 2.92 14.14
C ARG B 47 37.88 2.71 14.01
N LEU B 48 36.64 2.93 13.63
CA LEU B 48 36.27 3.72 12.46
C LEU B 48 36.12 5.18 12.84
N HIS B 49 35.69 5.41 14.07
CA HIS B 49 35.47 6.75 14.58
C HIS B 49 36.16 6.99 15.92
N PRO B 50 37.51 7.11 15.91
CA PRO B 50 38.24 7.49 17.14
C PRO B 50 37.76 8.81 17.72
N GLU B 51 37.24 9.67 16.83
N GLU B 51 37.22 9.72 16.91
CA GLU B 51 36.60 10.96 17.13
CA GLU B 51 36.78 11.02 17.42
C GLU B 51 35.62 10.88 18.29
C GLU B 51 35.52 10.94 18.30
N PHE B 52 34.95 9.74 18.44
CA PHE B 52 33.86 9.53 19.43
C PHE B 52 34.31 9.86 20.86
N ILE B 53 35.63 9.70 21.09
CA ILE B 53 36.27 10.02 22.35
C ILE B 53 37.44 10.96 22.03
N PRO B 54 37.18 12.28 21.96
CA PRO B 54 38.20 13.26 21.55
C PRO B 54 39.42 13.25 22.49
N GLY B 55 40.59 12.94 21.93
CA GLY B 55 41.85 12.92 22.67
C GLY B 55 41.90 11.98 23.86
N GLY B 56 41.11 10.91 23.85
CA GLY B 56 41.09 9.98 24.99
C GLY B 56 40.31 10.42 26.23
N ASP B 57 39.54 11.50 26.10
CA ASP B 57 38.78 12.08 27.21
C ASP B 57 37.33 11.63 27.16
N ILE B 58 36.95 10.70 28.03
CA ILE B 58 35.58 10.12 28.02
C ILE B 58 34.50 11.11 28.47
N SER B 59 34.90 12.18 29.14
CA SER B 59 33.97 13.20 29.56
C SER B 59 33.61 14.10 28.37
N LYS B 60 34.36 13.95 27.28
CA LYS B 60 34.05 14.63 26.04
C LYS B 60 33.44 13.66 25.01
N ALA B 61 33.02 12.48 25.47
CA ALA B 61 32.45 11.42 24.61
C ALA B 61 31.27 11.91 23.79
N ASP B 62 31.16 11.43 22.55
CA ASP B 62 30.08 11.80 21.63
C ASP B 62 28.72 11.35 22.19
N GLN B 63 27.76 12.29 22.26
CA GLN B 63 26.43 12.08 22.83
C GLN B 63 25.74 10.89 22.20
N GLN B 64 25.73 10.85 20.87
CA GLN B 64 25.03 9.79 20.17
C GLN B 64 25.67 8.44 20.39
N TYR B 65 27.00 8.40 20.37
CA TYR B 65 27.75 7.20 20.73
C TYR B 65 27.41 6.76 22.13
N SER B 66 27.45 7.71 23.07
CA SER B 66 27.13 7.41 24.46
C SER B 66 25.69 6.86 24.58
N THR B 67 24.75 7.48 23.87
CA THR B 67 23.35 6.97 23.83
C THR B 67 23.23 5.53 23.32
N LEU B 68 24.08 5.13 22.37
CA LEU B 68 24.07 3.77 21.83
C LEU B 68 24.55 2.76 22.88
N LEU B 69 25.57 3.18 23.64
CA LEU B 69 26.16 2.36 24.68
C LEU B 69 25.20 2.17 25.86
N ALA B 70 24.46 3.23 26.20
CA ALA B 70 23.38 3.18 27.19
C ALA B 70 22.20 2.27 26.78
N GLN B 71 21.83 2.34 25.49
N GLN B 71 21.86 2.27 25.49
CA GLN B 71 20.84 1.43 24.88
CA GLN B 71 20.76 1.42 25.03
C GLN B 71 21.21 -0.01 25.17
C GLN B 71 21.16 -0.07 25.00
N GLU B 72 22.47 -0.32 24.87
CA GLU B 72 23.03 -1.66 24.95
C GLU B 72 23.10 -2.16 26.39
N ILE B 73 23.43 -1.28 27.31
CA ILE B 73 23.38 -1.62 28.72
C ILE B 73 21.95 -1.97 29.12
N ALA B 74 20.99 -1.14 28.69
CA ALA B 74 19.59 -1.32 29.01
C ALA B 74 19.06 -2.64 28.47
N ASN B 75 19.58 -3.06 27.32
CA ASN B 75 19.21 -4.32 26.70
C ASN B 75 19.78 -5.53 27.43
N GLY B 76 21.02 -5.39 27.94
CA GLY B 76 21.60 -6.45 28.77
C GLY B 76 20.80 -6.68 30.04
N VAL B 77 20.22 -5.61 30.57
CA VAL B 77 19.35 -5.68 31.75
C VAL B 77 18.06 -6.45 31.43
N THR B 78 17.51 -6.26 30.24
CA THR B 78 16.29 -6.97 29.89
C THR B 78 16.58 -8.44 29.57
N ILE B 79 17.70 -8.72 28.91
CA ILE B 79 18.09 -10.12 28.70
C ILE B 79 18.26 -10.84 30.04
N GLY B 80 18.81 -10.16 31.05
CA GLY B 80 18.96 -10.72 32.38
C GLY B 80 17.61 -11.16 32.90
N PHE B 81 16.61 -10.28 32.79
CA PHE B 81 15.25 -10.57 33.22
C PHE B 81 14.62 -11.69 32.41
N ARG B 82 14.87 -11.70 31.11
CA ARG B 82 14.30 -12.70 30.20
C ARG B 82 14.97 -14.07 30.30
N VAL B 84 15.09 -15.75 32.90
CA VAL B 84 14.37 -16.53 33.89
C VAL B 84 13.16 -17.18 33.24
N ASN B 85 12.41 -16.42 32.44
CA ASN B 85 11.18 -16.93 31.85
C ASN B 85 11.27 -17.35 30.38
N GLU B 86 12.36 -17.00 29.71
CA GLU B 86 12.51 -17.27 28.28
C GLU B 86 13.90 -17.77 27.95
N LYS B 87 14.48 -18.58 28.82
CA LYS B 87 15.89 -18.94 28.68
C LYS B 87 16.24 -19.65 27.36
N GLU B 88 15.36 -20.53 26.89
CA GLU B 88 15.64 -21.29 25.68
C GLU B 88 15.66 -20.44 24.39
N ARG B 89 14.71 -19.51 24.29
N ARG B 89 14.71 -19.52 24.27
CA ARG B 89 14.64 -18.54 23.20
CA ARG B 89 14.71 -18.57 23.16
C ARG B 89 15.83 -17.58 23.28
C ARG B 89 15.90 -17.62 23.29
N VAL B 90 16.06 -17.03 24.47
CA VAL B 90 17.21 -16.15 24.74
C VAL B 90 18.54 -16.80 24.32
N CYS B 91 18.74 -18.04 24.74
CA CYS B 91 20.03 -18.72 24.52
C CYS B 91 20.25 -19.25 23.10
N ASN B 92 19.29 -19.98 22.55
CA ASN B 92 19.49 -20.73 21.31
C ASN B 92 19.00 -20.08 20.03
N VAL B 93 18.26 -18.99 20.16
CA VAL B 93 17.78 -18.22 19.00
C VAL B 93 18.49 -16.85 18.98
N GLU B 94 18.58 -16.24 20.15
CA GLU B 94 19.05 -14.88 20.24
C GLU B 94 20.57 -14.80 20.44
N ILE B 95 21.11 -15.47 21.46
CA ILE B 95 22.47 -15.12 21.91
C ILE B 95 23.60 -15.95 21.32
N LEU B 96 23.54 -17.26 21.48
CA LEU B 96 24.64 -18.12 21.01
C LEU B 96 24.84 -18.02 19.50
N PRO B 97 23.74 -18.06 18.71
CA PRO B 97 23.85 -17.85 17.25
C PRO B 97 24.48 -16.51 16.87
N LEU B 98 24.10 -15.45 17.59
CA LEU B 98 24.73 -14.15 17.38
C LEU B 98 26.24 -14.23 17.50
N LEU B 99 26.70 -14.83 18.59
CA LEU B 99 28.14 -14.92 18.91
C LEU B 99 28.88 -15.82 17.93
N THR B 100 28.26 -16.95 17.58
CA THR B 100 28.79 -17.90 16.60
C THR B 100 28.92 -17.26 15.18
N SER B 101 27.83 -16.67 14.70
CA SER B 101 27.80 -16.12 13.36
C SER B 101 28.71 -14.92 13.20
N ALA B 103 31.50 -14.32 14.85
CA ALA B 103 32.86 -14.84 14.80
C ALA B 103 33.23 -15.48 13.46
N GLN B 104 32.29 -16.20 12.85
CA GLN B 104 32.51 -16.81 11.54
C GLN B 104 32.60 -15.77 10.42
N ASN B 105 31.75 -14.75 10.49
CA ASN B 105 31.72 -13.72 9.48
C ASN B 105 32.91 -12.77 9.60
N LEU B 106 33.31 -12.42 10.80
CA LEU B 106 34.50 -11.59 10.97
C LEU B 106 35.74 -12.28 10.39
N ASP B 107 35.88 -13.57 10.67
CA ASP B 107 36.93 -14.41 10.11
C ASP B 107 36.93 -14.54 8.58
N ARG B 108 35.75 -14.62 7.97
N ARG B 108 35.74 -14.62 7.98
CA ARG B 108 35.65 -14.64 6.49
CA ARG B 108 35.60 -14.63 6.52
C ARG B 108 36.20 -13.33 5.94
C ARG B 108 36.13 -13.35 5.91
N ILE B 109 35.77 -12.22 6.55
CA ILE B 109 36.20 -10.91 6.14
C ILE B 109 37.73 -10.72 6.23
N LYS B 110 38.32 -11.16 7.33
CA LYS B 110 39.78 -11.07 7.52
C LYS B 110 40.52 -11.93 6.51
N ALA B 111 39.99 -13.12 6.25
CA ALA B 111 40.61 -14.04 5.30
C ALA B 111 40.56 -13.48 3.87
N ARG B 112 39.49 -12.74 3.55
CA ARG B 112 39.32 -12.12 2.23
C ARG B 112 40.14 -10.83 2.04
N PHE B 113 40.22 -9.98 3.06
CA PHE B 113 40.80 -8.64 2.89
C PHE B 113 42.07 -8.35 3.72
N GLY B 114 42.36 -9.23 4.69
CA GLY B 114 43.52 -9.05 5.54
C GLY B 114 43.25 -8.05 6.65
N SER B 115 44.32 -7.56 7.26
CA SER B 115 44.21 -6.69 8.45
C SER B 115 43.58 -5.32 8.14
N GLY B 116 43.67 -4.89 6.88
CA GLY B 116 43.10 -3.63 6.44
C GLY B 116 41.61 -3.66 6.07
N TYR B 117 40.92 -4.72 6.50
CA TYR B 117 39.51 -4.92 6.17
C TYR B 117 38.63 -3.72 6.52
N LEU B 118 39.08 -2.88 7.47
CA LEU B 118 38.26 -1.73 7.92
C LEU B 118 37.93 -0.75 6.80
N ASP B 119 38.78 -0.67 5.77
CA ASP B 119 38.53 0.17 4.61
C ASP B 119 37.27 -0.23 3.84
N ARG B 120 36.88 -1.51 3.93
N ARG B 120 36.86 -1.50 3.95
CA ARG B 120 35.62 -1.98 3.34
CA ARG B 120 35.63 -1.98 3.31
C ARG B 120 34.42 -1.24 3.91
C ARG B 120 34.35 -1.46 4.00
N PHE B 121 34.49 -0.90 5.20
CA PHE B 121 33.36 -0.30 5.91
C PHE B 121 33.27 1.23 5.76
N LYS B 122 34.18 1.82 5.00
CA LYS B 122 34.21 3.28 4.87
C LYS B 122 33.46 3.73 3.63
N GLY B 123 33.02 4.97 3.58
CA GLY B 123 32.42 5.49 2.35
C GLY B 123 30.90 5.67 2.29
N SER B 124 30.17 5.20 3.30
CA SER B 124 28.78 5.56 3.38
C SER B 124 28.70 6.85 4.19
N PRO B 125 27.60 7.58 4.04
CA PRO B 125 27.37 8.77 4.84
C PRO B 125 27.14 8.50 6.34
N ASN B 126 26.98 7.24 6.71
CA ASN B 126 26.58 6.83 8.05
C ASN B 126 27.72 6.87 9.05
N VAL B 127 27.58 7.72 10.05
CA VAL B 127 28.60 7.86 11.07
C VAL B 127 28.44 6.76 12.14
N TYR B 128 27.19 6.42 12.48
CA TYR B 128 26.91 5.45 13.54
C TYR B 128 26.47 4.07 13.02
N PRO B 129 26.83 3.00 13.75
CA PRO B 129 26.58 1.63 13.28
C PRO B 129 25.11 1.32 13.16
N THR B 130 24.28 2.05 13.89
CA THR B 130 22.85 1.84 13.83
C THR B 130 22.16 2.75 12.82
N ASP B 131 22.90 3.62 12.15
CA ASP B 131 22.26 4.55 11.21
C ASP B 131 21.43 3.87 10.14
N VAL B 132 20.31 4.51 9.81
CA VAL B 132 19.44 4.11 8.74
C VAL B 132 19.24 5.32 7.83
N GLY B 133 19.64 5.18 6.57
CA GLY B 133 19.46 6.23 5.57
C GLY B 133 19.12 5.67 4.19
N PHE B 134 19.45 6.43 3.15
CA PHE B 134 19.09 6.09 1.78
C PHE B 134 20.24 5.58 0.92
N SER B 135 19.94 4.56 0.14
CA SER B 135 20.68 4.14 -1.04
C SER B 135 20.86 5.38 -1.95
N THR B 136 21.90 5.31 -2.79
CA THR B 136 22.36 6.37 -3.68
C THR B 136 22.17 5.90 -5.14
N ASP B 137 21.93 6.85 -6.06
CA ASP B 137 22.14 6.52 -7.48
C ASP B 137 23.65 6.46 -7.84
N ALA B 138 23.98 6.38 -9.12
CA ALA B 138 25.38 6.39 -9.55
C ALA B 138 26.02 7.80 -9.50
N SER B 139 25.20 8.82 -9.21
CA SER B 139 25.64 10.21 -9.26
C SER B 139 25.70 10.89 -7.89
N GLY B 140 25.60 10.09 -6.84
CA GLY B 140 25.67 10.59 -5.47
C GLY B 140 24.33 11.05 -4.90
N GLY B 141 23.29 10.98 -5.71
CA GLY B 141 21.99 11.51 -5.34
C GLY B 141 21.00 10.46 -4.82
N ILE B 142 19.86 10.93 -4.39
CA ILE B 142 18.80 10.04 -3.98
C ILE B 142 17.78 10.13 -5.09
N SER B 143 17.24 8.98 -5.51
CA SER B 143 16.16 8.98 -6.47
C SER B 143 15.06 8.06 -5.98
N GLN B 144 14.01 7.93 -6.77
CA GLN B 144 12.86 7.06 -6.48
C GLN B 144 13.27 5.59 -6.46
N GLU B 145 14.39 5.26 -7.11
N GLU B 145 14.42 5.35 -7.11
CA GLU B 145 14.92 3.89 -7.10
CA GLU B 145 15.14 4.09 -7.26
C GLU B 145 15.75 3.54 -5.86
C GLU B 145 15.82 3.60 -5.97
N SER B 146 16.12 4.54 -5.06
CA SER B 146 16.81 4.30 -3.79
C SER B 146 15.96 3.49 -2.82
N GLY B 147 16.62 2.76 -1.94
CA GLY B 147 16.03 2.10 -0.80
C GLY B 147 16.83 2.36 0.46
N LEU B 148 16.95 1.34 1.31
CA LEU B 148 17.63 1.49 2.61
C LEU B 148 19.13 1.19 2.55
N LEU B 149 19.88 2.08 3.20
CA LEU B 149 21.29 1.88 3.43
C LEU B 149 21.56 2.02 4.94
N VAL B 150 21.95 0.91 5.55
CA VAL B 150 22.01 0.86 7.00
C VAL B 150 23.42 0.54 7.47
N SER B 151 23.76 1.06 8.64
CA SER B 151 25.08 0.82 9.25
C SER B 151 26.18 1.26 8.29
N TYR B 152 27.34 0.61 8.38
CA TYR B 152 28.50 1.04 7.57
C TYR B 152 28.53 0.42 6.16
N GLY B 153 27.48 0.68 5.38
CA GLY B 153 27.44 0.25 3.99
C GLY B 153 26.54 -0.93 3.65
N VAL B 154 25.67 -1.36 4.58
CA VAL B 154 24.78 -2.48 4.33
C VAL B 154 23.64 -1.93 3.45
N ASN B 155 23.82 -2.13 2.15
CA ASN B 155 22.88 -1.66 1.17
C ASN B 155 21.80 -2.68 0.98
N LEU B 156 20.69 -2.50 1.69
CA LEU B 156 19.53 -3.39 1.58
C LEU B 156 18.81 -3.27 0.22
N ARG B 157 18.84 -2.08 -0.38
CA ARG B 157 18.16 -1.87 -1.64
C ARG B 157 18.75 -2.75 -2.74
N THR B 158 20.08 -2.86 -2.79
CA THR B 158 20.74 -3.62 -3.86
C THR B 158 21.15 -5.05 -3.46
N LEU B 159 20.90 -5.43 -2.20
CA LEU B 159 21.22 -6.78 -1.75
C LEU B 159 20.31 -7.76 -2.47
N THR B 160 20.86 -8.81 -3.08
CA THR B 160 19.99 -9.75 -3.76
C THR B 160 19.41 -10.74 -2.75
N PRO B 161 18.21 -11.27 -3.05
CA PRO B 161 17.69 -12.34 -2.16
C PRO B 161 18.59 -13.59 -2.08
N GLY B 162 19.37 -13.86 -3.12
CA GLY B 162 20.35 -14.94 -3.08
C GLY B 162 21.40 -14.68 -2.01
N THR B 163 22.01 -13.49 -2.03
CA THR B 163 23.04 -13.24 -1.01
C THR B 163 22.42 -13.04 0.38
N TRP B 164 21.23 -12.45 0.45
CA TRP B 164 20.52 -12.34 1.72
C TRP B 164 20.33 -13.72 2.35
N GLN B 165 19.90 -14.70 1.55
N GLN B 165 19.88 -14.71 1.56
CA GLN B 165 19.69 -16.06 2.07
CA GLN B 165 19.71 -16.07 2.08
C GLN B 165 21.00 -16.84 2.33
C GLN B 165 21.05 -16.65 2.53
N ALA B 166 22.10 -16.36 1.75
CA ALA B 166 23.44 -16.89 1.99
C ALA B 166 24.09 -16.30 3.25
N THR B 168 24.80 -15.40 7.07
CA THR B 168 24.73 -16.15 8.33
C THR B 168 24.40 -15.12 9.42
N LEU B 169 23.18 -15.20 9.95
CA LEU B 169 22.60 -14.13 10.75
C LEU B 169 21.57 -14.71 11.73
N PRO B 170 21.56 -14.24 13.01
CA PRO B 170 20.50 -14.64 13.94
C PRO B 170 19.11 -14.37 13.39
N GLU B 171 18.15 -15.26 13.65
N GLU B 171 18.23 -15.26 13.79
CA GLU B 171 16.78 -15.10 13.11
CA GLU B 171 16.85 -15.34 13.38
C GLU B 171 16.16 -13.75 13.41
C GLU B 171 16.07 -14.05 13.62
N ASP B 172 16.31 -13.32 14.66
N ASP B 172 16.31 -13.38 14.74
CA ASP B 172 15.71 -12.08 15.13
CA ASP B 172 15.62 -12.11 15.02
C ASP B 172 16.17 -10.91 14.27
C ASP B 172 16.13 -10.95 14.16
N ILE B 173 17.42 -10.98 13.80
CA ILE B 173 17.97 -9.92 12.97
C ILE B 173 17.45 -10.05 11.55
N LYS B 174 17.33 -11.28 11.06
CA LYS B 174 16.74 -11.51 9.72
C LYS B 174 15.31 -10.98 9.60
N ALA B 175 14.50 -11.24 10.62
CA ALA B 175 13.09 -10.84 10.61
C ALA B 175 12.97 -9.32 10.66
N LEU B 176 13.85 -8.65 11.37
CA LEU B 176 13.82 -7.19 11.49
C LEU B 176 14.24 -6.56 10.18
N VAL B 177 15.26 -7.12 9.56
CA VAL B 177 15.93 -6.48 8.43
C VAL B 177 15.40 -6.97 7.07
N GLY B 178 15.02 -8.24 7.02
CA GLY B 178 14.49 -8.83 5.79
C GLY B 178 13.45 -8.02 5.02
N PRO B 179 12.41 -7.48 5.70
CA PRO B 179 11.43 -6.58 5.04
C PRO B 179 11.97 -5.44 4.16
N GLY B 180 13.20 -5.00 4.37
CA GLY B 180 13.79 -3.91 3.60
C GLY B 180 14.67 -4.30 2.42
N VAL B 181 14.98 -5.59 2.32
CA VAL B 181 15.76 -6.11 1.19
C VAL B 181 15.07 -5.84 -0.16
N GLY B 182 15.75 -5.12 -1.04
CA GLY B 182 15.25 -4.81 -2.38
C GLY B 182 14.13 -3.77 -2.43
N LEU B 183 13.84 -3.17 -1.29
CA LEU B 183 12.63 -2.34 -1.17
C LEU B 183 12.89 -0.89 -1.61
N ARG B 184 12.12 -0.40 -2.58
CA ARG B 184 12.23 0.98 -3.06
C ARG B 184 11.55 1.96 -2.10
N LEU B 185 12.01 3.22 -2.13
CA LEU B 185 11.54 4.20 -1.18
C LEU B 185 10.09 4.65 -1.40
N ASP B 186 9.52 4.28 -2.55
CA ASP B 186 8.10 4.56 -2.79
C ASP B 186 7.18 3.36 -2.58
N ALA B 187 7.70 2.23 -2.08
CA ALA B 187 6.88 1.04 -1.82
C ALA B 187 5.86 1.37 -0.72
N PRO B 188 4.64 0.80 -0.79
CA PRO B 188 3.61 1.10 0.23
C PRO B 188 4.10 0.95 1.67
N ASN B 189 4.96 -0.04 1.93
CA ASN B 189 5.43 -0.29 3.28
C ASN B 189 6.81 0.29 3.63
N PHE B 190 7.43 1.02 2.70
CA PHE B 190 8.80 1.52 2.97
C PHE B 190 8.90 2.34 4.27
N SER B 191 7.98 3.26 4.45
CA SER B 191 7.98 4.13 5.61
C SER B 191 7.94 3.32 6.94
N ASP B 192 7.09 2.29 6.99
CA ASP B 192 7.02 1.40 8.15
C ASP B 192 8.31 0.62 8.40
N VAL B 193 8.78 -0.05 7.36
CA VAL B 193 10.02 -0.79 7.36
C VAL B 193 11.22 0.10 7.73
N PHE B 194 11.38 1.23 7.05
CA PHE B 194 12.49 2.15 7.34
C PHE B 194 12.55 2.42 8.85
N ASN B 195 11.40 2.74 9.41
CA ASN B 195 11.28 3.09 10.81
C ASN B 195 11.28 1.97 11.83
N THR B 196 10.83 0.79 11.42
CA THR B 196 10.96 -0.42 12.21
C THR B 196 12.44 -0.82 12.35
N ILE B 197 13.20 -0.80 11.24
CA ILE B 197 14.64 -1.12 11.30
C ILE B 197 15.38 -0.07 12.12
N LYS B 198 15.02 1.20 11.89
CA LYS B 198 15.57 2.32 12.67
C LYS B 198 15.36 2.19 14.21
N SER B 199 14.16 1.81 14.66
CA SER B 199 13.90 1.60 16.10
C SER B 199 14.40 0.25 16.64
N GLY B 200 14.55 -0.74 15.76
CA GLY B 200 14.91 -2.09 16.14
C GLY B 200 16.39 -2.37 16.25
N LEU B 201 17.23 -1.63 15.53
CA LEU B 201 18.68 -1.86 15.58
C LEU B 201 19.36 -1.36 16.86
N ARG B 202 20.45 -2.05 17.23
CA ARG B 202 21.20 -1.72 18.44
C ARG B 202 22.67 -1.70 18.06
N TYR B 203 23.53 -1.07 18.85
CA TYR B 203 24.96 -1.11 18.58
C TYR B 203 25.44 -2.52 18.15
N THR B 204 25.11 -3.54 18.94
CA THR B 204 25.71 -4.88 18.76
C THR B 204 25.14 -5.67 17.58
N THR B 205 23.83 -5.57 17.36
CA THR B 205 23.15 -6.28 16.27
C THR B 205 23.39 -5.61 14.92
N ALA B 206 23.58 -4.28 14.89
CA ALA B 206 23.98 -3.62 13.63
C ALA B 206 25.35 -4.07 13.17
N VAL B 207 26.27 -4.26 14.11
CA VAL B 207 27.62 -4.82 13.79
C VAL B 207 27.48 -6.26 13.31
N THR B 208 26.67 -7.08 14.01
CA THR B 208 26.32 -8.43 13.52
C THR B 208 25.84 -8.43 12.06
N LEU B 209 24.86 -7.59 11.74
CA LEU B 209 24.38 -7.40 10.36
C LEU B 209 25.49 -6.98 9.41
N LEU B 210 26.26 -5.97 9.78
CA LEU B 210 27.40 -5.50 8.99
C LEU B 210 28.41 -6.59 8.60
N LEU B 211 28.75 -7.45 9.56
CA LEU B 211 29.74 -8.50 9.31
C LEU B 211 29.15 -9.60 8.46
N ALA B 212 27.87 -9.88 8.64
CA ALA B 212 27.21 -10.91 7.80
C ALA B 212 27.18 -10.48 6.34
N TYR B 213 26.80 -9.23 6.11
CA TYR B 213 26.73 -8.65 4.78
C TYR B 213 28.08 -8.60 4.13
N PHE B 214 29.07 -8.02 4.80
CA PHE B 214 30.41 -7.93 4.20
C PHE B 214 31.12 -9.29 3.96
N ALA B 215 30.81 -10.30 4.78
CA ALA B 215 31.28 -11.68 4.56
C ALA B 215 30.70 -12.30 3.30
N ALA B 216 29.44 -11.99 3.02
CA ALA B 216 28.70 -12.66 1.95
C ALA B 216 28.77 -11.96 0.59
N ILE B 217 28.86 -10.64 0.53
CA ILE B 217 28.77 -10.00 -0.79
C ILE B 217 30.03 -10.22 -1.65
N ILE C 6 17.89 -21.06 -27.69
CA ILE C 6 16.60 -20.94 -26.92
C ILE C 6 15.37 -20.73 -27.82
N ASN C 7 14.19 -20.95 -27.24
CA ASN C 7 12.91 -20.74 -27.91
C ASN C 7 11.90 -20.29 -26.86
N ILE C 8 10.73 -19.82 -27.29
CA ILE C 8 9.76 -19.27 -26.34
C ILE C 8 9.08 -20.33 -25.45
N TYR C 9 9.23 -21.60 -25.82
CA TYR C 9 8.50 -22.65 -25.15
C TYR C 9 9.24 -23.28 -23.97
N GLN C 10 10.54 -23.48 -24.12
CA GLN C 10 11.36 -23.98 -23.01
C GLN C 10 12.00 -22.85 -22.24
N ASN C 11 11.93 -21.65 -22.81
CA ASN C 11 12.55 -20.46 -22.25
C ASN C 11 11.58 -19.28 -22.34
N PRO C 12 10.38 -19.41 -21.77
CA PRO C 12 9.46 -18.29 -21.93
C PRO C 12 9.96 -17.01 -21.26
N GLY C 13 10.55 -17.14 -20.08
CA GLY C 13 11.04 -15.99 -19.32
C GLY C 13 12.14 -15.22 -20.04
N GLN C 14 13.13 -15.94 -20.55
N GLN C 14 13.12 -15.96 -20.57
CA GLN C 14 14.20 -15.32 -21.33
CA GLN C 14 14.23 -15.40 -21.34
C GLN C 14 13.67 -14.68 -22.61
C GLN C 14 13.78 -14.76 -22.67
N SER C 15 12.85 -15.42 -23.36
CA SER C 15 12.30 -14.91 -24.63
C SER C 15 11.47 -13.63 -24.45
N LEU C 16 10.64 -13.61 -23.42
CA LEU C 16 9.78 -12.45 -23.17
C LEU C 16 10.61 -11.31 -22.58
N ALA C 17 11.55 -11.65 -21.72
CA ALA C 17 12.47 -10.67 -21.14
C ALA C 17 13.22 -9.88 -22.22
N ASN C 18 13.66 -10.59 -23.28
CA ASN C 18 14.37 -9.98 -24.42
C ASN C 18 13.52 -8.96 -25.19
N ILE C 19 12.31 -9.37 -25.55
CA ILE C 19 11.30 -8.45 -26.11
C ILE C 19 11.08 -7.22 -25.22
N TYR C 20 10.84 -7.43 -23.94
CA TYR C 20 10.54 -6.35 -23.01
C TYR C 20 11.74 -5.46 -22.71
N LYS C 21 12.94 -6.00 -22.85
CA LYS C 21 14.18 -5.21 -22.75
C LYS C 21 14.25 -4.19 -23.88
N GLY C 22 13.72 -4.56 -25.04
CA GLY C 22 13.70 -3.67 -26.19
C GLY C 22 12.69 -2.57 -25.98
N PHE C 23 11.53 -2.93 -25.45
CA PHE C 23 10.48 -1.95 -25.09
C PHE C 23 10.99 -0.94 -24.08
N ALA C 24 11.68 -1.42 -23.05
CA ALA C 24 12.28 -0.57 -22.03
C ALA C 24 13.35 0.39 -22.57
N ARG C 25 14.26 -0.11 -23.39
N ARG C 25 14.24 -0.13 -23.41
CA ARG C 25 15.30 0.73 -24.02
CA ARG C 25 15.30 0.65 -24.09
C ARG C 25 14.66 1.80 -24.93
C ARG C 25 14.68 1.76 -24.93
N GLN C 26 13.56 1.44 -25.59
CA GLN C 26 12.82 2.39 -26.41
C GLN C 26 12.13 3.47 -25.57
N CYS C 27 11.53 3.04 -24.46
CA CYS C 27 10.91 3.93 -23.48
C CYS C 27 11.92 4.81 -22.78
N ASN C 28 12.93 4.18 -22.19
CA ASN C 28 13.93 4.84 -21.37
C ASN C 28 15.24 4.04 -21.31
N PRO C 29 16.27 4.49 -22.05
CA PRO C 29 17.59 3.87 -22.06
C PRO C 29 18.31 3.90 -20.69
N GLY C 30 18.03 4.94 -19.90
CA GLY C 30 18.52 5.06 -18.52
C GLY C 30 17.94 4.04 -17.55
N PHE C 31 16.66 3.69 -17.73
CA PHE C 31 15.93 2.70 -16.92
C PHE C 31 16.74 1.41 -16.88
N VAL C 32 17.08 0.94 -15.67
CA VAL C 32 17.86 -0.27 -15.50
C VAL C 32 16.92 -1.47 -15.56
N PHE C 33 17.09 -2.33 -16.56
CA PHE C 33 16.17 -3.44 -16.81
C PHE C 33 16.41 -4.61 -15.84
N PRO C 34 15.37 -5.04 -15.10
CA PRO C 34 15.56 -6.10 -14.10
C PRO C 34 15.46 -7.46 -14.75
N GLU C 35 16.53 -7.84 -15.45
CA GLU C 35 16.52 -9.01 -16.33
C GLU C 35 16.32 -10.32 -15.57
N ALA C 36 17.06 -10.52 -14.47
CA ALA C 36 16.98 -11.74 -13.68
C ALA C 36 15.56 -12.01 -13.11
N GLN C 37 14.95 -10.97 -12.52
CA GLN C 37 13.60 -11.07 -11.97
C GLN C 37 12.55 -11.32 -13.05
N THR C 38 12.62 -10.56 -14.13
CA THR C 38 11.70 -10.73 -15.27
C THR C 38 11.73 -12.18 -15.80
N ILE C 39 12.95 -12.67 -16.06
CA ILE C 39 13.15 -14.04 -16.53
C ILE C 39 12.57 -15.05 -15.56
N GLU C 40 12.87 -14.89 -14.28
CA GLU C 40 12.43 -15.84 -13.26
C GLU C 40 10.92 -15.83 -13.06
N ALA C 41 10.33 -14.64 -13.14
CA ALA C 41 8.89 -14.46 -13.00
C ALA C 41 8.17 -15.16 -14.14
N TRP C 42 8.61 -14.88 -15.36
CA TRP C 42 7.91 -15.39 -16.53
C TRP C 42 8.24 -16.85 -16.81
N ASP C 43 9.23 -17.38 -16.08
CA ASP C 43 9.48 -18.82 -16.02
C ASP C 43 8.58 -19.58 -15.01
N ILE C 44 7.85 -18.87 -14.14
CA ILE C 44 7.12 -19.50 -13.04
C ILE C 44 6.10 -20.59 -13.46
N PRO C 45 5.19 -20.29 -14.41
CA PRO C 45 4.25 -21.35 -14.86
C PRO C 45 4.90 -22.63 -15.41
N LEU C 46 6.04 -22.50 -16.11
CA LEU C 46 6.78 -23.66 -16.62
C LEU C 46 7.54 -24.43 -15.53
N ARG C 47 8.06 -23.73 -14.54
CA ARG C 47 8.65 -24.38 -13.38
C ARG C 47 7.59 -25.13 -12.56
N LEU C 48 6.40 -24.54 -12.46
CA LEU C 48 5.28 -25.18 -11.82
C LEU C 48 4.79 -26.40 -12.61
N HIS C 49 4.85 -26.29 -13.93
CA HIS C 49 4.25 -27.26 -14.84
C HIS C 49 5.21 -27.72 -15.94
N PRO C 50 6.19 -28.56 -15.56
CA PRO C 50 7.12 -29.08 -16.56
C PRO C 50 6.41 -29.96 -17.61
N GLU C 51 5.24 -30.55 -17.26
CA GLU C 51 4.43 -31.35 -18.18
C GLU C 51 4.08 -30.60 -19.45
N PHE C 52 4.09 -29.26 -19.39
CA PHE C 52 3.80 -28.41 -20.55
C PHE C 52 4.68 -28.74 -21.75
N ILE C 53 5.93 -29.12 -21.48
CA ILE C 53 6.85 -29.63 -22.50
C ILE C 53 7.22 -31.06 -22.14
N PRO C 54 6.51 -32.05 -22.72
CA PRO C 54 6.66 -33.42 -22.24
C PRO C 54 7.85 -34.11 -22.89
N GLY C 55 8.70 -34.70 -22.05
CA GLY C 55 9.94 -35.33 -22.51
C GLY C 55 10.90 -34.36 -23.18
N GLY C 56 10.68 -33.06 -22.96
CA GLY C 56 11.50 -32.02 -23.57
C GLY C 56 11.30 -31.79 -25.05
N ASP C 57 10.30 -32.43 -25.65
N ASP C 57 10.23 -32.37 -25.61
CA ASP C 57 10.03 -32.21 -27.08
CA ASP C 57 9.88 -32.27 -27.02
C ASP C 57 8.88 -31.23 -27.31
C ASP C 57 8.83 -31.18 -27.23
N ILE C 58 9.24 -30.06 -27.82
CA ILE C 58 8.33 -28.91 -28.03
C ILE C 58 7.23 -29.13 -29.07
N SER C 59 7.41 -30.12 -29.95
CA SER C 59 6.38 -30.40 -30.95
C SER C 59 5.14 -31.03 -30.30
N LYS C 60 5.32 -31.55 -29.07
CA LYS C 60 4.21 -32.08 -28.26
C LYS C 60 3.86 -31.14 -27.08
N ALA C 61 4.36 -29.91 -27.12
CA ALA C 61 4.09 -28.94 -26.05
C ALA C 61 2.61 -28.71 -25.84
N ASP C 62 2.21 -28.56 -24.58
CA ASP C 62 0.84 -28.22 -24.20
C ASP C 62 0.30 -27.10 -25.10
N GLN C 63 -0.87 -27.32 -25.69
CA GLN C 63 -1.43 -26.39 -26.66
C GLN C 63 -1.92 -25.08 -26.03
N GLN C 64 -2.62 -25.17 -24.91
N GLN C 64 -2.63 -25.15 -24.91
CA GLN C 64 -3.09 -23.98 -24.18
CA GLN C 64 -3.07 -23.93 -24.23
C GLN C 64 -1.91 -23.10 -23.73
C GLN C 64 -1.86 -23.09 -23.80
N TYR C 65 -0.87 -23.74 -23.21
CA TYR C 65 0.39 -23.07 -22.85
C TYR C 65 1.04 -22.41 -24.08
N SER C 66 1.14 -23.13 -25.21
CA SER C 66 1.71 -22.54 -26.42
C SER C 66 0.91 -21.34 -26.94
N THR C 67 -0.40 -21.44 -26.87
CA THR C 67 -1.29 -20.38 -27.35
C THR C 67 -1.17 -19.15 -26.47
N LEU C 68 -1.09 -19.36 -25.16
CA LEU C 68 -0.78 -18.27 -24.24
C LEU C 68 0.47 -17.47 -24.67
N LEU C 69 1.49 -18.18 -25.08
CA LEU C 69 2.73 -17.55 -25.43
C LEU C 69 2.67 -16.82 -26.79
N ALA C 70 1.93 -17.38 -27.74
CA ALA C 70 1.69 -16.73 -29.03
C ALA C 70 0.95 -15.40 -28.84
N GLN C 71 -0.03 -15.38 -27.93
CA GLN C 71 -0.77 -14.17 -27.64
C GLN C 71 0.15 -13.07 -27.14
N GLU C 72 1.17 -13.46 -26.36
CA GLU C 72 2.16 -12.53 -25.87
C GLU C 72 3.03 -12.00 -27.00
N ILE C 73 3.39 -12.88 -27.94
CA ILE C 73 4.14 -12.43 -29.11
C ILE C 73 3.32 -11.40 -29.88
N ALA C 74 2.05 -11.72 -30.15
CA ALA C 74 1.16 -10.83 -30.91
C ALA C 74 0.95 -9.48 -30.22
N ASN C 75 0.76 -9.52 -28.89
CA ASN C 75 0.56 -8.31 -28.07
C ASN C 75 1.80 -7.42 -28.11
N GLY C 76 2.97 -8.05 -28.06
CA GLY C 76 4.25 -7.38 -28.24
C GLY C 76 4.30 -6.57 -29.53
N VAL C 77 3.82 -7.14 -30.64
CA VAL C 77 3.74 -6.44 -31.95
C VAL C 77 2.78 -5.24 -31.87
N THR C 78 1.67 -5.42 -31.15
CA THR C 78 0.72 -4.34 -30.90
C THR C 78 1.34 -3.25 -30.04
N ILE C 79 2.02 -3.61 -28.96
CA ILE C 79 2.78 -2.62 -28.18
C ILE C 79 3.74 -1.78 -29.03
N GLY C 80 4.60 -2.43 -29.80
CA GLY C 80 5.53 -1.70 -30.65
C GLY C 80 4.86 -0.79 -31.66
N PHE C 81 3.66 -1.16 -32.11
CA PHE C 81 2.90 -0.30 -33.01
C PHE C 81 2.41 0.96 -32.26
N ARG C 82 1.97 0.74 -31.03
N ARG C 82 1.98 0.75 -31.03
CA ARG C 82 1.37 1.80 -30.23
CA ARG C 82 1.37 1.80 -30.23
C ARG C 82 2.39 2.82 -29.71
C ARG C 82 2.39 2.82 -29.69
N VAL C 84 4.26 4.77 -31.21
CA VAL C 84 4.29 6.03 -31.96
C VAL C 84 3.29 7.05 -31.39
N ASN C 85 2.02 6.68 -31.28
CA ASN C 85 1.00 7.65 -30.84
C ASN C 85 0.64 7.58 -29.35
N GLU C 86 1.15 6.58 -28.65
CA GLU C 86 0.80 6.32 -27.25
C GLU C 86 2.02 6.02 -26.38
N LYS C 87 3.13 6.67 -26.68
CA LYS C 87 4.36 6.42 -25.99
C LYS C 87 4.25 6.71 -24.48
N GLU C 88 3.58 7.81 -24.11
N GLU C 88 3.58 7.79 -24.09
CA GLU C 88 3.40 8.23 -22.70
CA GLU C 88 3.47 8.18 -22.67
C GLU C 88 2.76 7.10 -21.90
C GLU C 88 2.79 7.04 -21.89
N ARG C 89 1.65 6.59 -22.41
CA ARG C 89 0.86 5.55 -21.75
C ARG C 89 1.52 4.19 -21.83
N VAL C 90 1.96 3.78 -23.02
CA VAL C 90 2.67 2.49 -23.15
C VAL C 90 3.87 2.43 -22.19
N CYS C 91 4.65 3.50 -22.11
CA CYS C 91 5.86 3.49 -21.29
C CYS C 91 5.58 3.64 -19.80
N ASN C 92 4.86 4.72 -19.45
CA ASN C 92 4.76 5.16 -18.06
C ASN C 92 3.55 4.66 -17.27
N VAL C 93 2.59 4.07 -17.98
CA VAL C 93 1.40 3.44 -17.35
C VAL C 93 1.47 1.93 -17.53
N GLU C 94 1.96 1.49 -18.69
CA GLU C 94 1.87 0.08 -19.06
C GLU C 94 3.13 -0.73 -18.81
N ILE C 95 4.24 -0.36 -19.45
CA ILE C 95 5.41 -1.24 -19.46
C ILE C 95 6.37 -1.07 -18.30
N LEU C 96 6.80 0.16 -18.03
CA LEU C 96 7.77 0.36 -16.95
C LEU C 96 7.22 0.03 -15.55
N PRO C 97 5.98 0.49 -15.22
CA PRO C 97 5.35 0.03 -13.98
C PRO C 97 5.25 -1.49 -13.86
N LEU C 98 4.87 -2.18 -14.92
CA LEU C 98 4.84 -3.65 -14.90
C LEU C 98 6.20 -4.27 -14.58
N LEU C 99 7.27 -3.75 -15.19
CA LEU C 99 8.60 -4.31 -14.99
C LEU C 99 9.11 -4.07 -13.56
N THR C 100 8.87 -2.87 -13.04
CA THR C 100 9.31 -2.47 -11.70
C THR C 100 8.55 -3.25 -10.62
N SER C 101 7.23 -3.24 -10.77
CA SER C 101 6.28 -4.00 -9.97
C SER C 101 6.71 -5.47 -9.81
N ALA C 103 9.72 -6.90 -10.53
CA ALA C 103 11.03 -7.06 -9.90
C ALA C 103 10.92 -6.86 -8.40
N GLN C 104 10.17 -5.84 -7.99
CA GLN C 104 10.03 -5.58 -6.58
C GLN C 104 9.25 -6.65 -5.81
N ASN C 105 8.20 -7.15 -6.44
CA ASN C 105 7.32 -8.13 -5.83
C ASN C 105 7.97 -9.51 -5.78
N LEU C 106 8.72 -9.88 -6.81
CA LEU C 106 9.45 -11.15 -6.80
C LEU C 106 10.51 -11.18 -5.70
N ASP C 107 11.25 -10.08 -5.56
CA ASP C 107 12.30 -10.04 -4.55
C ASP C 107 11.72 -10.04 -3.13
N ARG C 108 10.65 -9.26 -2.94
CA ARG C 108 9.90 -9.26 -1.72
C ARG C 108 9.43 -10.68 -1.33
N ILE C 109 8.85 -11.39 -2.30
CA ILE C 109 8.40 -12.77 -2.12
C ILE C 109 9.56 -13.67 -1.69
N LYS C 110 10.69 -13.57 -2.39
CA LYS C 110 11.88 -14.34 -2.01
C LYS C 110 12.42 -13.97 -0.64
N ALA C 111 12.24 -12.71 -0.22
CA ALA C 111 12.64 -12.32 1.15
C ALA C 111 11.69 -12.81 2.24
N ARG C 112 10.38 -12.76 2.00
CA ARG C 112 9.39 -13.10 3.06
C ARG C 112 9.05 -14.57 3.18
N PHE C 113 9.18 -15.31 2.08
CA PHE C 113 8.86 -16.73 2.08
C PHE C 113 10.09 -17.60 1.89
N GLY C 114 11.16 -17.00 1.39
CA GLY C 114 12.40 -17.74 1.20
C GLY C 114 12.54 -18.34 -0.18
N SER C 115 13.63 -19.09 -0.35
CA SER C 115 13.94 -19.76 -1.62
C SER C 115 12.91 -20.78 -2.07
N GLY C 116 12.18 -21.40 -1.15
CA GLY C 116 11.12 -22.35 -1.51
C GLY C 116 9.78 -21.73 -1.88
N TYR C 117 9.79 -20.45 -2.27
CA TYR C 117 8.58 -19.64 -2.48
C TYR C 117 7.55 -20.22 -3.46
N LEU C 118 7.99 -21.05 -4.39
CA LEU C 118 7.09 -21.68 -5.38
C LEU C 118 5.98 -22.52 -4.77
N ASP C 119 6.18 -22.98 -3.52
CA ASP C 119 5.15 -23.74 -2.79
C ASP C 119 3.88 -22.96 -2.57
N ARG C 120 4.01 -21.65 -2.36
N ARG C 120 4.02 -21.66 -2.36
N ARG C 120 4.02 -21.66 -2.35
CA ARG C 120 2.85 -20.80 -2.14
CA ARG C 120 2.89 -20.75 -2.14
CA ARG C 120 2.87 -20.75 -2.15
C ARG C 120 1.92 -20.77 -3.35
C ARG C 120 1.97 -20.69 -3.35
C ARG C 120 1.93 -20.77 -3.34
N PHE C 121 2.45 -21.20 -4.49
CA PHE C 121 1.68 -21.20 -5.75
C PHE C 121 1.04 -22.55 -6.05
N LYS C 122 1.25 -23.51 -5.16
CA LYS C 122 0.71 -24.86 -5.34
C LYS C 122 -0.60 -24.98 -4.57
N GLY C 123 -1.43 -25.95 -4.95
CA GLY C 123 -2.67 -26.25 -4.23
C GLY C 123 -3.92 -25.67 -4.84
N SER C 124 -3.73 -24.73 -5.78
CA SER C 124 -4.84 -24.03 -6.40
C SER C 124 -5.55 -24.92 -7.44
N PRO C 125 -6.79 -24.58 -7.76
CA PRO C 125 -7.45 -25.35 -8.82
C PRO C 125 -6.94 -24.97 -10.25
N ASN C 126 -6.04 -24.00 -10.33
CA ASN C 126 -5.66 -23.45 -11.64
C ASN C 126 -4.36 -24.01 -12.23
N VAL C 127 -4.47 -24.56 -13.43
CA VAL C 127 -3.34 -25.12 -14.15
C VAL C 127 -2.55 -24.05 -14.91
N TYR C 128 -3.26 -23.08 -15.48
CA TYR C 128 -2.67 -22.02 -16.34
C TYR C 128 -2.61 -20.70 -15.60
N PRO C 129 -1.58 -19.88 -15.88
CA PRO C 129 -1.43 -18.68 -15.05
C PRO C 129 -2.58 -17.69 -15.23
N THR C 130 -3.31 -17.80 -16.34
CA THR C 130 -4.38 -16.87 -16.70
C THR C 130 -5.73 -17.43 -16.27
N ASP C 131 -5.74 -18.64 -15.72
CA ASP C 131 -7.00 -19.29 -15.34
C ASP C 131 -7.78 -18.49 -14.32
N VAL C 132 -9.11 -18.51 -14.44
CA VAL C 132 -9.97 -17.82 -13.48
C VAL C 132 -10.95 -18.86 -12.97
N GLY C 133 -10.85 -19.19 -11.68
CA GLY C 133 -11.77 -20.18 -11.12
C GLY C 133 -12.53 -19.63 -9.92
N PHE C 134 -12.94 -20.56 -9.06
CA PHE C 134 -13.73 -20.25 -7.86
C PHE C 134 -12.99 -20.64 -6.62
N SER C 135 -13.00 -19.73 -5.66
CA SER C 135 -12.35 -19.96 -4.38
C SER C 135 -13.20 -20.93 -3.58
N THR C 136 -12.57 -21.57 -2.59
CA THR C 136 -13.28 -22.49 -1.72
C THR C 136 -13.65 -21.71 -0.47
N ASP C 137 -14.79 -22.08 0.11
CA ASP C 137 -15.26 -21.43 1.32
C ASP C 137 -14.76 -22.20 2.54
N ALA C 138 -15.23 -21.85 3.73
CA ALA C 138 -14.74 -22.47 4.97
C ALA C 138 -14.98 -23.98 5.08
N SER C 139 -15.93 -24.53 4.33
CA SER C 139 -16.18 -25.98 4.37
C SER C 139 -15.22 -26.76 3.45
N GLY C 140 -14.50 -26.03 2.60
CA GLY C 140 -13.63 -26.65 1.61
C GLY C 140 -14.32 -26.86 0.27
N GLY C 141 -15.61 -26.57 0.20
CA GLY C 141 -16.35 -26.62 -1.05
C GLY C 141 -16.47 -25.25 -1.71
N ILE C 142 -17.20 -25.20 -2.83
CA ILE C 142 -17.57 -23.95 -3.50
C ILE C 142 -19.01 -23.65 -3.15
N SER C 143 -19.30 -22.40 -2.84
CA SER C 143 -20.66 -21.97 -2.49
C SER C 143 -20.91 -20.56 -2.99
N GLN C 144 -22.10 -20.04 -2.71
CA GLN C 144 -22.44 -18.67 -3.04
C GLN C 144 -21.55 -17.67 -2.28
N GLU C 145 -20.94 -18.13 -1.19
CA GLU C 145 -19.98 -17.33 -0.43
C GLU C 145 -18.57 -17.28 -1.05
N SER C 146 -18.29 -18.18 -1.99
CA SER C 146 -17.02 -18.19 -2.71
C SER C 146 -16.91 -17.00 -3.66
N GLY C 147 -15.74 -16.85 -4.26
CA GLY C 147 -15.46 -15.77 -5.17
C GLY C 147 -14.40 -16.18 -6.17
N LEU C 148 -13.66 -15.19 -6.67
CA LEU C 148 -12.72 -15.41 -7.76
C LEU C 148 -11.40 -15.97 -7.27
N LEU C 149 -10.97 -17.07 -7.87
CA LEU C 149 -9.64 -17.61 -7.62
C LEU C 149 -8.88 -17.50 -8.94
N VAL C 150 -7.95 -16.54 -8.98
CA VAL C 150 -7.26 -16.15 -10.22
C VAL C 150 -5.82 -16.65 -10.18
N SER C 151 -5.35 -17.20 -11.29
CA SER C 151 -3.93 -17.62 -11.39
C SER C 151 -3.63 -18.62 -10.29
N TYR C 152 -2.36 -18.73 -9.89
CA TYR C 152 -1.92 -19.75 -8.92
C TYR C 152 -2.08 -19.37 -7.44
N GLY C 153 -3.28 -18.96 -7.06
CA GLY C 153 -3.65 -18.78 -5.67
C GLY C 153 -4.20 -17.39 -5.33
N VAL C 154 -4.44 -16.56 -6.34
CA VAL C 154 -4.93 -15.19 -6.08
C VAL C 154 -6.42 -15.20 -5.73
N ASN C 155 -6.70 -15.19 -4.43
CA ASN C 155 -8.07 -15.18 -3.91
C ASN C 155 -8.61 -13.75 -3.78
N LEU C 156 -9.35 -13.32 -4.78
CA LEU C 156 -9.97 -11.99 -4.79
C LEU C 156 -11.10 -11.87 -3.79
N ARG C 157 -11.75 -12.99 -3.48
CA ARG C 157 -12.84 -12.99 -2.52
C ARG C 157 -12.39 -12.56 -1.11
N THR C 158 -11.29 -13.14 -0.63
CA THR C 158 -10.83 -12.85 0.73
C THR C 158 -9.85 -11.68 0.78
N LEU C 159 -9.57 -11.08 -0.37
CA LEU C 159 -8.58 -10.02 -0.47
C LEU C 159 -9.05 -8.81 0.33
N THR C 160 -8.22 -8.44 1.29
CA THR C 160 -8.55 -7.46 2.29
C THR C 160 -8.30 -6.00 1.82
N PRO C 161 -8.96 -5.01 2.47
CA PRO C 161 -8.68 -3.57 2.22
C PRO C 161 -7.20 -3.22 2.32
N GLY C 162 -6.56 -3.71 3.37
CA GLY C 162 -5.14 -3.48 3.64
C GLY C 162 -4.32 -4.06 2.52
N THR C 163 -4.60 -5.32 2.18
CA THR C 163 -3.82 -6.01 1.16
C THR C 163 -3.90 -5.26 -0.17
N TRP C 164 -5.09 -4.79 -0.50
CA TRP C 164 -5.32 -4.03 -1.71
C TRP C 164 -4.42 -2.81 -1.87
N GLN C 165 -4.26 -2.06 -0.77
N GLN C 165 -4.25 -2.05 -0.78
N GLN C 165 -4.25 -2.03 -0.81
CA GLN C 165 -3.46 -0.82 -0.72
CA GLN C 165 -3.44 -0.84 -0.80
CA GLN C 165 -3.40 -0.83 -0.89
C GLN C 165 -1.97 -1.03 -0.41
C GLN C 165 -1.94 -1.12 -0.68
C GLN C 165 -1.92 -1.11 -0.70
N ALA C 166 -1.59 -2.26 -0.10
CA ALA C 166 -0.18 -2.66 0.03
C ALA C 166 0.34 -3.21 -1.31
N THR C 168 1.64 -3.52 -4.99
CA THR C 168 2.34 -2.78 -6.02
C THR C 168 1.96 -3.41 -7.37
N LEU C 169 1.21 -2.64 -8.15
CA LEU C 169 0.54 -3.18 -9.35
C LEU C 169 0.23 -2.09 -10.38
N PRO C 170 0.56 -2.34 -11.67
CA PRO C 170 0.21 -1.44 -12.78
C PRO C 170 -1.30 -1.11 -12.77
N GLU C 171 -1.60 0.16 -13.09
N GLU C 171 -1.65 0.13 -13.10
CA GLU C 171 -2.94 0.77 -13.12
CA GLU C 171 -3.02 0.62 -12.95
C GLU C 171 -4.00 -0.07 -13.84
C GLU C 171 -4.06 -0.04 -13.87
N ASP C 172 -3.63 -0.60 -15.00
CA ASP C 172 -4.58 -1.36 -15.85
C ASP C 172 -4.93 -2.69 -15.21
N ILE C 173 -3.95 -3.35 -14.58
CA ILE C 173 -4.25 -4.64 -13.92
C ILE C 173 -5.18 -4.41 -12.72
N LYS C 174 -4.87 -3.39 -11.90
N LYS C 174 -4.83 -3.41 -11.92
CA LYS C 174 -5.73 -2.99 -10.78
CA LYS C 174 -5.65 -2.89 -10.82
C LYS C 174 -7.16 -2.63 -11.22
C LYS C 174 -7.10 -2.69 -11.28
N ALA C 175 -7.27 -1.90 -12.33
CA ALA C 175 -8.58 -1.57 -12.91
C ALA C 175 -9.35 -2.83 -13.34
N LEU C 176 -8.64 -3.78 -13.96
CA LEU C 176 -9.22 -5.04 -14.38
C LEU C 176 -9.77 -5.86 -13.20
N VAL C 177 -8.94 -6.00 -12.19
CA VAL C 177 -9.13 -6.96 -11.11
C VAL C 177 -9.92 -6.41 -9.90
N GLY C 178 -9.84 -5.11 -9.64
CA GLY C 178 -10.48 -4.49 -8.47
C GLY C 178 -11.99 -4.70 -8.30
N PRO C 179 -12.76 -4.62 -9.40
CA PRO C 179 -14.19 -4.96 -9.25
C PRO C 179 -14.45 -6.37 -8.74
N GLY C 180 -13.45 -7.25 -8.81
CA GLY C 180 -13.60 -8.64 -8.33
C GLY C 180 -13.25 -8.84 -6.85
N VAL C 181 -12.71 -7.80 -6.22
CA VAL C 181 -12.28 -7.89 -4.79
C VAL C 181 -13.49 -8.01 -3.88
N GLY C 182 -13.52 -9.08 -3.07
CA GLY C 182 -14.65 -9.34 -2.17
C GLY C 182 -15.93 -9.88 -2.80
N LEU C 183 -15.93 -10.10 -4.10
CA LEU C 183 -17.15 -10.41 -4.85
C LEU C 183 -17.56 -11.87 -4.76
N ARG C 184 -18.82 -12.10 -4.36
CA ARG C 184 -19.42 -13.41 -4.14
C ARG C 184 -19.99 -13.98 -5.43
N LEU C 185 -20.05 -15.32 -5.55
CA LEU C 185 -20.64 -15.95 -6.75
C LEU C 185 -22.03 -15.45 -7.07
N ASP C 186 -22.80 -15.15 -6.02
CA ASP C 186 -24.22 -14.80 -6.13
C ASP C 186 -24.46 -13.29 -6.34
N ALA C 187 -23.39 -12.54 -6.47
CA ALA C 187 -23.49 -11.10 -6.78
C ALA C 187 -24.08 -10.97 -8.18
N PRO C 188 -24.97 -9.97 -8.40
CA PRO C 188 -25.61 -9.77 -9.71
C PRO C 188 -24.61 -9.50 -10.82
N ASN C 189 -23.57 -8.74 -10.51
N ASN C 189 -23.56 -8.76 -10.54
CA ASN C 189 -22.48 -8.44 -11.46
CA ASN C 189 -22.52 -8.50 -11.54
C ASN C 189 -21.34 -9.47 -11.53
C ASN C 189 -21.34 -9.47 -11.53
N PHE C 190 -21.47 -10.59 -10.82
CA PHE C 190 -20.36 -11.57 -10.74
C PHE C 190 -19.96 -12.14 -12.11
N SER C 191 -20.95 -12.60 -12.87
CA SER C 191 -20.74 -13.12 -14.23
C SER C 191 -19.97 -12.14 -15.14
N ASP C 192 -20.40 -10.88 -15.15
CA ASP C 192 -19.71 -9.82 -15.90
C ASP C 192 -18.25 -9.67 -15.49
N VAL C 193 -18.02 -9.58 -14.19
CA VAL C 193 -16.70 -9.30 -13.65
C VAL C 193 -15.79 -10.52 -13.90
N PHE C 194 -16.32 -11.72 -13.66
CA PHE C 194 -15.66 -12.96 -14.06
C PHE C 194 -15.20 -12.97 -15.53
N ASN C 195 -16.14 -12.63 -16.43
CA ASN C 195 -15.93 -12.59 -17.87
C ASN C 195 -14.81 -11.62 -18.24
N THR C 196 -14.87 -10.42 -17.67
CA THR C 196 -13.93 -9.36 -17.93
C THR C 196 -12.52 -9.77 -17.54
N ILE C 197 -12.35 -10.24 -16.32
CA ILE C 197 -11.04 -10.61 -15.83
C ILE C 197 -10.51 -11.76 -16.67
N LYS C 198 -11.33 -12.77 -16.93
CA LYS C 198 -10.89 -13.90 -17.74
C LYS C 198 -10.40 -13.47 -19.12
N SER C 199 -11.15 -12.58 -19.76
CA SER C 199 -10.83 -12.09 -21.10
C SER C 199 -9.65 -11.10 -21.10
N GLY C 200 -9.38 -10.49 -19.95
CA GLY C 200 -8.44 -9.39 -19.85
C GLY C 200 -7.01 -9.82 -19.57
N LEU C 201 -6.86 -10.96 -18.92
CA LEU C 201 -5.56 -11.43 -18.53
C LEU C 201 -4.75 -12.03 -19.65
N ARG C 202 -3.45 -11.88 -19.51
CA ARG C 202 -2.50 -12.44 -20.43
C ARG C 202 -1.50 -13.12 -19.53
N TYR C 203 -0.65 -13.98 -20.12
CA TYR C 203 0.38 -14.72 -19.39
C TYR C 203 1.19 -13.80 -18.49
N THR C 204 1.72 -12.71 -19.04
CA THR C 204 2.62 -11.81 -18.32
C THR C 204 1.93 -11.03 -17.19
N THR C 205 0.70 -10.57 -17.44
CA THR C 205 -0.06 -9.78 -16.51
C THR C 205 -0.65 -10.62 -15.37
N ALA C 206 -1.05 -11.84 -15.68
CA ALA C 206 -1.48 -12.80 -14.65
C ALA C 206 -0.34 -13.11 -13.67
N VAL C 207 0.88 -13.31 -14.18
CA VAL C 207 2.05 -13.49 -13.32
C VAL C 207 2.34 -12.20 -12.51
N THR C 208 2.15 -11.04 -13.13
CA THR C 208 2.33 -9.75 -12.46
C THR C 208 1.38 -9.60 -11.26
N LEU C 209 0.11 -9.93 -11.50
CA LEU C 209 -0.91 -10.00 -10.44
C LEU C 209 -0.59 -11.05 -9.35
N LEU C 210 -0.24 -12.26 -9.78
CA LEU C 210 0.20 -13.31 -8.86
C LEU C 210 1.25 -12.81 -7.85
N LEU C 211 2.27 -12.17 -8.37
CA LEU C 211 3.42 -11.70 -7.57
C LEU C 211 3.06 -10.54 -6.64
N ALA C 212 2.18 -9.64 -7.10
CA ALA C 212 1.77 -8.48 -6.33
C ALA C 212 0.96 -8.90 -5.09
N TYR C 213 0.14 -9.93 -5.28
CA TYR C 213 -0.73 -10.49 -4.26
C TYR C 213 0.08 -11.24 -3.22
N PHE C 214 0.95 -12.15 -3.66
CA PHE C 214 1.80 -12.89 -2.70
C PHE C 214 2.89 -12.07 -2.01
N ALA C 215 3.22 -10.91 -2.58
CA ALA C 215 4.16 -9.96 -1.94
C ALA C 215 3.46 -9.07 -0.90
N ALA C 216 2.14 -8.92 -1.02
CA ALA C 216 1.39 -7.98 -0.15
C ALA C 216 0.55 -8.63 0.96
N ILE C 217 0.12 -9.87 0.76
CA ILE C 217 -0.68 -10.56 1.77
C ILE C 217 0.08 -10.64 3.09
N GLY C 218 -0.59 -10.31 4.20
CA GLY C 218 -1.91 -9.65 4.14
C GLY C 218 -2.89 -9.97 5.26
N ILE D 6 -24.46 4.43 16.07
CA ILE D 6 -23.12 4.95 15.61
C ILE D 6 -21.98 4.28 16.36
N ASN D 7 -20.84 4.15 15.68
N ASN D 7 -20.84 4.09 15.69
CA ASN D 7 -19.60 3.70 16.31
CA ASN D 7 -19.59 3.71 16.37
C ASN D 7 -18.41 4.48 15.74
C ASN D 7 -18.41 4.37 15.68
N ILE D 8 -17.22 4.22 16.25
CA ILE D 8 -16.05 4.95 15.79
C ILE D 8 -15.61 4.65 14.33
N TYR D 9 -15.95 3.47 13.83
CA TYR D 9 -15.55 3.05 12.48
C TYR D 9 -16.34 3.72 11.37
N GLN D 10 -17.67 3.61 11.46
N GLN D 10 -17.67 3.64 11.39
CA GLN D 10 -18.60 4.23 10.52
CA GLN D 10 -18.42 4.37 10.38
C GLN D 10 -18.90 5.68 10.88
C GLN D 10 -18.74 5.79 10.83
N ASN D 11 -18.61 6.07 12.11
CA ASN D 11 -18.84 7.44 12.60
C ASN D 11 -17.71 8.07 13.40
N PRO D 12 -16.51 8.19 12.80
CA PRO D 12 -15.34 8.64 13.55
C PRO D 12 -15.50 10.09 14.05
N GLY D 13 -15.98 11.00 13.20
CA GLY D 13 -16.14 12.40 13.57
C GLY D 13 -17.08 12.55 14.75
N GLN D 14 -18.25 11.91 14.66
CA GLN D 14 -19.23 11.92 15.77
C GLN D 14 -18.76 11.20 17.06
N SER D 15 -18.24 9.98 16.94
CA SER D 15 -17.75 9.31 18.12
C SER D 15 -16.66 10.13 18.83
N LEU D 16 -15.71 10.68 18.04
CA LEU D 16 -14.60 11.44 18.60
C LEU D 16 -15.05 12.81 19.12
N ALA D 17 -15.90 13.50 18.36
CA ALA D 17 -16.43 14.78 18.84
C ALA D 17 -17.16 14.66 20.19
N ASN D 18 -17.88 13.56 20.39
CA ASN D 18 -18.61 13.30 21.66
C ASN D 18 -17.66 13.26 22.84
N ILE D 19 -16.58 12.50 22.68
CA ILE D 19 -15.57 12.32 23.70
C ILE D 19 -14.88 13.65 24.05
N TYR D 20 -14.51 14.40 23.03
CA TYR D 20 -13.89 15.72 23.22
C TYR D 20 -14.84 16.80 23.73
N LYS D 21 -16.13 16.67 23.39
CA LYS D 21 -17.19 17.48 24.00
C LYS D 21 -17.25 17.20 25.49
N GLY D 22 -17.03 15.96 25.90
CA GLY D 22 -16.97 15.64 27.32
C GLY D 22 -15.79 16.29 28.02
N PHE D 23 -14.59 16.18 27.42
CA PHE D 23 -13.37 16.82 27.95
C PHE D 23 -13.52 18.32 28.08
N ALA D 24 -14.02 18.96 27.02
CA ALA D 24 -14.21 20.40 27.00
C ALA D 24 -15.21 20.91 28.03
N ARG D 25 -16.30 20.17 28.29
N ARG D 25 -16.28 20.15 28.30
CA ARG D 25 -17.25 20.52 29.37
CA ARG D 25 -17.25 20.50 29.35
C ARG D 25 -16.58 20.45 30.75
C ARG D 25 -16.65 20.39 30.76
N GLN D 26 -15.72 19.45 30.93
CA GLN D 26 -14.88 19.35 32.12
C GLN D 26 -13.90 20.54 32.25
N CYS D 27 -13.30 20.93 31.12
CA CYS D 27 -12.40 22.09 31.04
C CYS D 27 -13.05 23.45 31.33
N ASN D 28 -14.14 23.73 30.61
CA ASN D 28 -14.93 24.94 30.81
C ASN D 28 -16.30 24.64 30.23
N PRO D 29 -17.32 24.59 31.12
CA PRO D 29 -18.70 24.38 30.69
C PRO D 29 -19.21 25.52 29.82
N GLY D 30 -18.54 26.67 29.88
CA GLY D 30 -18.89 27.84 29.08
C GLY D 30 -18.21 27.89 27.72
N PHE D 31 -17.19 27.04 27.56
CA PHE D 31 -16.51 26.89 26.26
C PHE D 31 -17.53 26.37 25.25
N VAL D 32 -17.69 27.11 24.15
CA VAL D 32 -18.64 26.71 23.11
C VAL D 32 -17.96 25.64 22.23
N PHE D 33 -18.41 24.41 22.37
CA PHE D 33 -17.91 23.31 21.59
C PHE D 33 -18.34 23.45 20.13
N PRO D 34 -17.35 23.54 19.22
CA PRO D 34 -17.63 23.69 17.79
C PRO D 34 -17.90 22.30 17.19
N GLU D 35 -19.14 21.85 17.35
CA GLU D 35 -19.50 20.45 17.08
C GLU D 35 -19.55 20.09 15.60
N ALA D 36 -20.22 20.89 14.77
CA ALA D 36 -20.24 20.64 13.33
C ALA D 36 -18.81 20.51 12.76
N GLN D 37 -17.94 21.45 13.12
CA GLN D 37 -16.58 21.50 12.58
C GLN D 37 -15.71 20.33 13.04
N THR D 38 -15.89 19.91 14.30
CA THR D 38 -15.11 18.81 14.86
C THR D 38 -15.47 17.50 14.16
N ILE D 39 -16.77 17.23 14.05
CA ILE D 39 -17.29 16.05 13.38
C ILE D 39 -16.84 16.06 11.93
N GLU D 40 -17.10 17.17 11.22
CA GLU D 40 -16.67 17.30 9.83
C GLU D 40 -15.17 17.01 9.61
N ALA D 41 -14.32 17.59 10.47
CA ALA D 41 -12.88 17.46 10.34
C ALA D 41 -12.43 16.03 10.57
N TRP D 42 -13.06 15.36 11.54
CA TRP D 42 -12.60 14.02 11.91
C TRP D 42 -13.21 12.91 11.07
N ASP D 43 -14.19 13.27 10.23
CA ASP D 43 -14.72 12.40 9.18
C ASP D 43 -13.92 12.49 7.87
N ILE D 44 -13.08 13.52 7.74
CA ILE D 44 -12.31 13.72 6.49
C ILE D 44 -11.67 12.42 5.93
N PRO D 45 -10.85 11.69 6.73
CA PRO D 45 -10.20 10.48 6.23
C PRO D 45 -11.16 9.43 5.70
N LEU D 46 -12.28 9.22 6.38
CA LEU D 46 -13.27 8.24 5.96
C LEU D 46 -13.99 8.67 4.67
N ARG D 47 -14.23 9.97 4.49
N ARG D 47 -14.28 9.97 4.52
CA ARG D 47 -14.85 10.52 3.28
CA ARG D 47 -14.84 10.50 3.30
C ARG D 47 -13.93 10.46 2.06
C ARG D 47 -13.91 10.19 2.12
N LEU D 48 -12.62 10.46 2.30
CA LEU D 48 -11.63 10.28 1.24
C LEU D 48 -11.47 8.82 0.88
N HIS D 49 -11.72 7.96 1.88
CA HIS D 49 -11.54 6.53 1.73
C HIS D 49 -12.71 5.71 2.30
N PRO D 50 -13.81 5.61 1.54
CA PRO D 50 -14.94 4.81 1.98
C PRO D 50 -14.58 3.32 2.08
N GLU D 51 -13.60 2.87 1.28
CA GLU D 51 -13.11 1.49 1.27
C GLU D 51 -12.58 1.00 2.61
N PHE D 52 -12.25 1.94 3.51
CA PHE D 52 -11.84 1.62 4.88
C PHE D 52 -12.90 0.75 5.54
N ILE D 53 -14.17 0.95 5.18
CA ILE D 53 -15.28 0.09 5.65
C ILE D 53 -15.96 -0.50 4.42
N PRO D 54 -15.44 -1.64 3.91
CA PRO D 54 -15.92 -2.27 2.68
C PRO D 54 -17.39 -2.62 2.77
N GLY D 55 -18.18 -2.13 1.81
CA GLY D 55 -19.62 -2.40 1.73
C GLY D 55 -20.40 -2.18 3.02
N GLY D 56 -19.97 -1.19 3.80
CA GLY D 56 -20.61 -0.83 5.07
C GLY D 56 -20.51 -1.86 6.20
N ASP D 57 -19.59 -2.82 6.07
CA ASP D 57 -19.45 -3.92 7.02
C ASP D 57 -18.21 -3.70 7.91
N ILE D 58 -18.45 -3.36 9.18
CA ILE D 58 -17.35 -3.02 10.08
C ILE D 58 -16.52 -4.21 10.55
N SER D 59 -17.04 -5.42 10.35
CA SER D 59 -16.25 -6.62 10.60
C SER D 59 -15.19 -6.80 9.53
N LYS D 60 -15.26 -5.98 8.48
CA LYS D 60 -14.31 -6.02 7.36
C LYS D 60 -13.45 -4.75 7.32
N ALA D 61 -13.57 -3.91 8.34
CA ALA D 61 -12.85 -2.62 8.44
C ALA D 61 -11.35 -2.71 8.15
N ASP D 62 -10.82 -1.62 7.58
CA ASP D 62 -9.39 -1.53 7.28
C ASP D 62 -8.62 -1.59 8.59
N GLN D 63 -7.70 -2.53 8.67
CA GLN D 63 -6.93 -2.74 9.86
C GLN D 63 -6.07 -1.56 10.35
N GLN D 64 -5.42 -0.84 9.43
N GLN D 64 -5.43 -0.82 9.45
CA GLN D 64 -4.64 0.36 9.75
CA GLN D 64 -4.64 0.36 9.84
C GLN D 64 -5.54 1.51 10.21
C GLN D 64 -5.55 1.53 10.24
N TYR D 65 -6.62 1.75 9.48
CA TYR D 65 -7.71 2.66 9.95
C TYR D 65 -8.17 2.28 11.39
N SER D 66 -8.40 0.99 11.62
CA SER D 66 -8.92 0.55 12.92
C SER D 66 -7.93 0.81 14.03
N THR D 67 -6.66 0.65 13.70
CA THR D 67 -5.58 0.83 14.62
C THR D 67 -5.45 2.30 15.03
N LEU D 68 -5.55 3.22 14.07
CA LEU D 68 -5.53 4.65 14.39
C LEU D 68 -6.66 5.02 15.35
N LEU D 69 -7.84 4.46 15.12
CA LEU D 69 -9.01 4.75 15.96
C LEU D 69 -8.89 4.20 17.39
N ALA D 70 -8.40 2.96 17.51
CA ALA D 70 -8.08 2.33 18.80
C ALA D 70 -7.10 3.17 19.62
N GLN D 71 -6.08 3.71 18.94
CA GLN D 71 -5.07 4.58 19.58
C GLN D 71 -5.72 5.83 20.19
N GLU D 72 -6.71 6.39 19.50
CA GLU D 72 -7.44 7.58 19.96
C GLU D 72 -8.32 7.32 21.20
N ILE D 73 -8.91 6.13 21.25
CA ILE D 73 -9.65 5.61 22.41
C ILE D 73 -8.71 5.37 23.61
N ALA D 74 -7.57 4.75 23.37
CA ALA D 74 -6.58 4.57 24.43
C ALA D 74 -6.07 5.94 24.94
N ASN D 75 -5.85 6.87 24.02
CA ASN D 75 -5.45 8.22 24.37
C ASN D 75 -6.47 8.96 25.22
N GLY D 76 -7.76 8.77 24.88
CA GLY D 76 -8.90 9.27 25.65
C GLY D 76 -8.91 8.72 27.06
N VAL D 77 -8.54 7.46 27.23
CA VAL D 77 -8.48 6.90 28.58
C VAL D 77 -7.39 7.59 29.40
N THR D 78 -6.25 7.83 28.77
CA THR D 78 -5.13 8.54 29.37
C THR D 78 -5.47 9.99 29.71
N ILE D 79 -6.13 10.68 28.79
CA ILE D 79 -6.61 12.03 29.07
C ILE D 79 -7.50 12.08 30.30
N GLY D 80 -8.40 11.10 30.42
CA GLY D 80 -9.26 10.94 31.60
C GLY D 80 -8.50 10.69 32.91
N PHE D 81 -7.52 9.78 32.89
CA PHE D 81 -6.61 9.65 34.02
C PHE D 81 -5.89 10.96 34.40
N ARG D 82 -5.36 11.64 33.39
CA ARG D 82 -4.50 12.81 33.60
C ARG D 82 -5.27 14.07 34.00
N VAL D 84 -7.01 14.68 36.43
CA VAL D 84 -7.00 14.92 37.86
C VAL D 84 -5.91 15.91 38.30
N ASN D 85 -4.66 15.65 37.90
CA ASN D 85 -3.53 16.47 38.34
C ASN D 85 -2.98 17.34 37.23
N GLU D 86 -3.45 17.15 36.00
CA GLU D 86 -2.90 17.90 34.87
C GLU D 86 -3.95 18.68 34.11
N LYS D 87 -5.04 19.06 34.79
CA LYS D 87 -6.14 19.76 34.13
C LYS D 87 -5.75 21.05 33.41
N GLU D 88 -4.78 21.79 33.91
CA GLU D 88 -4.41 23.07 33.29
C GLU D 88 -3.79 22.87 31.91
N ARG D 89 -2.85 21.93 31.82
CA ARG D 89 -2.18 21.59 30.57
C ARG D 89 -3.15 20.90 29.59
N VAL D 90 -3.90 19.94 30.09
CA VAL D 90 -4.80 19.17 29.24
C VAL D 90 -5.81 20.11 28.59
N CYS D 91 -6.30 21.08 29.36
CA CYS D 91 -7.32 21.99 28.85
C CYS D 91 -6.74 23.15 28.05
N ASN D 92 -5.79 23.87 28.64
CA ASN D 92 -5.33 25.12 28.05
C ASN D 92 -4.16 24.99 27.09
N VAL D 93 -3.54 23.81 27.07
CA VAL D 93 -2.46 23.53 26.11
C VAL D 93 -2.89 22.51 25.06
N GLU D 94 -3.55 21.44 25.49
CA GLU D 94 -3.74 20.30 24.61
C GLU D 94 -5.08 20.26 23.89
N ILE D 95 -6.18 20.45 24.62
CA ILE D 95 -7.49 20.17 24.06
C ILE D 95 -8.20 21.39 23.48
N LEU D 96 -8.43 22.43 24.29
CA LEU D 96 -9.17 23.60 23.82
C LEU D 96 -8.51 24.28 22.60
N PRO D 97 -7.19 24.55 22.64
CA PRO D 97 -6.61 25.18 21.45
C PRO D 97 -6.75 24.30 20.20
N LEU D 98 -6.65 22.99 20.38
CA LEU D 98 -6.88 22.06 19.27
C LEU D 98 -8.28 22.23 18.62
N LEU D 99 -9.33 22.14 19.42
CA LEU D 99 -10.70 22.27 18.95
C LEU D 99 -10.95 23.63 18.32
N THR D 100 -10.47 24.68 18.98
CA THR D 100 -10.55 26.06 18.46
C THR D 100 -9.82 26.20 17.11
N SER D 101 -8.59 25.66 17.06
CA SER D 101 -7.71 25.86 15.91
C SER D 101 -8.30 25.14 14.71
N ALA D 103 -11.55 24.12 14.07
CA ALA D 103 -12.79 24.74 13.62
C ALA D 103 -12.55 25.98 12.75
N GLN D 104 -11.60 26.81 13.18
CA GLN D 104 -11.22 27.99 12.44
C GLN D 104 -10.55 27.67 11.11
N ASN D 105 -9.68 26.68 11.12
CA ASN D 105 -8.94 26.30 9.92
C ASN D 105 -9.86 25.66 8.91
N LEU D 106 -10.76 24.81 9.40
CA LEU D 106 -11.76 24.17 8.56
C LEU D 106 -12.65 25.20 7.91
N ASP D 107 -13.20 26.14 8.70
CA ASP D 107 -14.03 27.21 8.13
C ASP D 107 -13.27 27.97 7.02
N ARG D 108 -12.00 28.28 7.26
CA ARG D 108 -11.17 28.98 6.28
C ARG D 108 -10.97 28.14 5.00
N ILE D 109 -10.64 26.86 5.18
CA ILE D 109 -10.52 25.91 4.07
C ILE D 109 -11.80 25.81 3.20
N LYS D 110 -12.96 25.76 3.86
CA LYS D 110 -14.25 25.71 3.17
C LYS D 110 -14.51 27.03 2.41
N ALA D 111 -14.11 28.15 3.00
CA ALA D 111 -14.26 29.44 2.32
C ALA D 111 -13.33 29.56 1.13
N ARG D 112 -12.11 29.03 1.29
CA ARG D 112 -11.05 29.20 0.31
C ARG D 112 -11.14 28.25 -0.90
N PHE D 113 -11.48 26.98 -0.62
CA PHE D 113 -11.55 25.95 -1.66
C PHE D 113 -12.98 25.52 -1.97
N GLY D 114 -13.93 26.05 -1.20
CA GLY D 114 -15.34 25.81 -1.48
C GLY D 114 -15.82 24.45 -1.02
N SER D 115 -17.07 24.13 -1.36
CA SER D 115 -17.72 22.89 -0.93
C SER D 115 -16.98 21.62 -1.35
N GLY D 116 -16.30 21.67 -2.50
CA GLY D 116 -15.48 20.55 -2.96
C GLY D 116 -14.07 20.53 -2.42
N TYR D 117 -13.85 21.18 -1.28
CA TYR D 117 -12.53 21.28 -0.67
C TYR D 117 -11.74 19.96 -0.52
N LEU D 118 -12.45 18.85 -0.31
CA LEU D 118 -11.84 17.52 -0.12
C LEU D 118 -10.90 17.13 -1.25
N ASP D 119 -11.20 17.62 -2.46
CA ASP D 119 -10.35 17.34 -3.62
C ASP D 119 -8.92 17.93 -3.50
N ARG D 120 -8.74 18.91 -2.62
CA ARG D 120 -7.44 19.46 -2.30
C ARG D 120 -6.57 18.49 -1.51
N PHE D 121 -7.18 17.46 -0.94
CA PHE D 121 -6.49 16.44 -0.15
C PHE D 121 -6.21 15.19 -0.98
N LYS D 122 -6.64 15.18 -2.23
CA LYS D 122 -6.56 13.97 -3.06
C LYS D 122 -5.28 13.92 -3.89
N GLY D 123 -4.86 12.71 -4.24
CA GLY D 123 -3.71 12.54 -5.12
C GLY D 123 -2.37 12.70 -4.42
N SER D 124 -2.34 12.51 -3.10
CA SER D 124 -1.07 12.39 -2.39
C SER D 124 -0.75 10.90 -2.37
N PRO D 125 0.50 10.54 -2.13
CA PRO D 125 0.83 9.13 -1.99
C PRO D 125 0.41 8.53 -0.62
N ASN D 126 -0.12 9.35 0.28
CA ASN D 126 -0.51 8.88 1.60
C ASN D 126 -1.97 8.48 1.64
N VAL D 127 -2.24 7.25 2.05
CA VAL D 127 -3.61 6.74 2.21
C VAL D 127 -4.20 7.01 3.60
N TYR D 128 -3.36 6.94 4.62
CA TYR D 128 -3.81 7.16 6.00
C TYR D 128 -3.45 8.55 6.44
N PRO D 129 -4.31 9.15 7.28
CA PRO D 129 -4.09 10.53 7.68
C PRO D 129 -2.74 10.70 8.38
N THR D 130 -2.29 9.64 9.05
CA THR D 130 -1.06 9.72 9.84
C THR D 130 0.19 9.39 9.08
N ASP D 131 0.04 9.02 7.81
CA ASP D 131 1.19 8.61 6.98
C ASP D 131 2.23 9.68 6.83
N VAL D 132 3.48 9.23 6.80
CA VAL D 132 4.61 10.10 6.58
C VAL D 132 5.42 9.50 5.46
N GLY D 133 5.48 10.23 4.36
CA GLY D 133 6.28 9.80 3.23
C GLY D 133 7.14 10.93 2.71
N PHE D 134 7.47 10.87 1.42
CA PHE D 134 8.47 11.77 0.84
C PHE D 134 7.87 12.63 -0.24
N SER D 135 8.16 13.93 -0.16
CA SER D 135 7.61 14.91 -1.08
C SER D 135 8.20 14.71 -2.48
N THR D 136 7.53 15.27 -3.50
CA THR D 136 8.12 15.29 -4.82
C THR D 136 8.78 16.65 -5.01
N ASP D 137 9.92 16.66 -5.69
CA ASP D 137 10.71 17.88 -5.84
C ASP D 137 10.14 18.77 -6.95
N ALA D 138 10.77 19.91 -7.22
CA ALA D 138 10.22 20.85 -8.21
C ALA D 138 10.11 20.30 -9.63
N SER D 139 10.91 19.28 -9.95
CA SER D 139 10.85 18.68 -11.29
C SER D 139 9.96 17.46 -11.35
N GLY D 140 9.25 17.17 -10.25
CA GLY D 140 8.24 16.10 -10.22
C GLY D 140 8.71 14.70 -9.86
N GLY D 141 9.91 14.58 -9.29
CA GLY D 141 10.40 13.29 -8.82
C GLY D 141 10.74 13.33 -7.34
N ILE D 142 10.98 12.15 -6.76
CA ILE D 142 11.54 12.06 -5.42
C ILE D 142 13.06 12.06 -5.56
N SER D 143 13.73 12.90 -4.76
CA SER D 143 15.19 13.09 -4.78
C SER D 143 15.68 13.60 -3.43
N GLN D 144 17.00 13.74 -3.26
CA GLN D 144 17.58 14.37 -2.08
C GLN D 144 17.09 15.80 -1.83
N GLU D 145 16.47 16.42 -2.83
CA GLU D 145 15.87 17.75 -2.66
C GLU D 145 14.49 17.66 -1.97
N SER D 146 13.97 16.45 -1.84
CA SER D 146 12.68 16.21 -1.25
C SER D 146 12.75 16.26 0.27
N GLY D 147 11.58 16.27 0.90
CA GLY D 147 11.51 16.22 2.35
C GLY D 147 10.33 15.37 2.77
N LEU D 148 9.72 15.76 3.88
CA LEU D 148 8.58 15.02 4.45
C LEU D 148 7.26 15.46 3.85
N LEU D 149 6.47 14.46 3.49
CA LEU D 149 5.10 14.64 3.03
C LEU D 149 4.21 13.93 4.05
N VAL D 150 3.52 14.69 4.89
CA VAL D 150 2.68 14.08 5.90
C VAL D 150 1.18 14.26 5.70
N SER D 151 0.41 13.22 6.03
CA SER D 151 -1.05 13.21 5.85
C SER D 151 -1.38 13.51 4.39
N TYR D 152 -2.55 14.08 4.15
CA TYR D 152 -3.04 14.26 2.81
C TYR D 152 -2.47 15.49 2.12
N GLY D 153 -1.14 15.55 2.06
CA GLY D 153 -0.46 16.58 1.27
C GLY D 153 0.33 17.64 2.03
N VAL D 154 0.57 17.48 3.33
CA VAL D 154 1.33 18.50 4.08
C VAL D 154 2.83 18.35 3.72
N ASN D 155 3.29 19.22 2.82
CA ASN D 155 4.68 19.25 2.42
C ASN D 155 5.52 20.08 3.39
N LEU D 156 6.18 19.41 4.34
CA LEU D 156 7.02 20.09 5.33
C LEU D 156 8.30 20.69 4.70
N ARG D 157 8.82 20.04 3.66
CA ARG D 157 10.03 20.49 2.96
C ARG D 157 9.88 21.89 2.35
N THR D 158 8.76 22.14 1.68
CA THR D 158 8.56 23.43 1.01
C THR D 158 7.84 24.47 1.89
N LEU D 159 7.54 24.09 3.14
CA LEU D 159 6.72 24.94 4.00
C LEU D 159 7.43 26.26 4.32
N THR D 160 6.90 27.37 3.80
CA THR D 160 7.59 28.66 3.90
C THR D 160 7.52 29.25 5.30
N PRO D 161 8.46 30.17 5.62
CA PRO D 161 8.42 30.91 6.88
C PRO D 161 7.07 31.59 7.09
N GLY D 162 6.50 32.14 6.00
CA GLY D 162 5.23 32.85 6.04
C GLY D 162 4.06 31.95 6.37
N THR D 163 4.07 30.75 5.81
CA THR D 163 3.06 29.75 6.11
C THR D 163 3.15 29.35 7.59
N TRP D 164 4.38 29.11 8.05
CA TRP D 164 4.60 28.65 9.41
C TRP D 164 4.06 29.62 10.46
N GLN D 165 4.36 30.92 10.30
N GLN D 165 4.38 30.91 10.28
CA GLN D 165 3.91 31.92 11.25
CA GLN D 165 3.94 31.96 11.20
C GLN D 165 2.41 32.24 11.14
C GLN D 165 2.42 32.18 11.17
N ALA D 166 1.80 31.90 10.02
CA ALA D 166 0.34 32.05 9.84
C ALA D 166 -0.45 30.86 10.43
N THR D 168 -2.17 28.33 12.66
CA THR D 168 -2.67 28.30 14.02
C THR D 168 -2.72 26.84 14.43
N LEU D 169 -1.80 26.47 15.30
CA LEU D 169 -1.48 25.09 15.64
C LEU D 169 -1.22 25.00 17.16
N PRO D 170 -1.78 23.96 17.82
CA PRO D 170 -1.52 23.64 19.22
C PRO D 170 -0.03 23.42 19.37
N GLU D 171 0.53 23.80 20.51
N GLU D 171 0.51 23.80 20.52
CA GLU D 171 1.99 23.78 20.69
CA GLU D 171 1.95 23.79 20.77
C GLU D 171 2.64 22.37 20.67
C GLU D 171 2.61 22.39 20.66
N ASP D 172 1.92 21.34 21.10
CA ASP D 172 2.48 19.97 21.01
C ASP D 172 2.66 19.54 19.56
N ILE D 173 1.70 19.88 18.70
CA ILE D 173 1.84 19.59 17.27
C ILE D 173 2.97 20.43 16.67
N LYS D 174 3.01 21.73 16.99
CA LYS D 174 4.05 22.64 16.54
C LYS D 174 5.46 22.14 16.93
N ALA D 175 5.65 21.74 18.18
CA ALA D 175 6.94 21.17 18.63
C ALA D 175 7.33 19.87 17.90
N LEU D 176 6.35 19.04 17.59
CA LEU D 176 6.58 17.77 16.88
C LEU D 176 7.11 17.96 15.45
N VAL D 177 6.47 18.87 14.73
CA VAL D 177 6.56 18.96 13.30
C VAL D 177 7.61 20.00 12.88
N GLY D 178 7.91 20.91 13.79
CA GLY D 178 8.83 22.02 13.57
C GLY D 178 10.15 21.59 12.99
N PRO D 179 10.81 20.57 13.60
CA PRO D 179 12.08 20.09 13.09
C PRO D 179 12.06 19.51 11.66
N GLY D 180 10.89 19.20 11.14
CA GLY D 180 10.79 18.64 9.78
C GLY D 180 10.63 19.72 8.71
N VAL D 181 10.43 20.97 9.14
CA VAL D 181 10.15 22.05 8.21
C VAL D 181 11.43 22.38 7.42
N GLY D 182 11.37 22.21 6.11
CA GLY D 182 12.51 22.44 5.24
C GLY D 182 13.54 21.32 5.20
N LEU D 183 13.27 20.22 5.90
CA LEU D 183 14.30 19.21 6.09
C LEU D 183 14.43 18.31 4.87
N ARG D 184 15.66 18.25 4.36
CA ARG D 184 15.98 17.49 3.17
C ARG D 184 16.16 16.02 3.49
N LEU D 185 15.82 15.17 2.53
CA LEU D 185 16.06 13.73 2.63
C LEU D 185 17.50 13.40 3.03
N ASP D 186 18.47 14.15 2.51
CA ASP D 186 19.86 13.84 2.74
C ASP D 186 20.41 14.48 4.02
N ALA D 187 19.58 15.15 4.83
CA ALA D 187 20.12 15.82 6.02
C ALA D 187 20.60 14.78 7.04
N PRO D 188 21.63 15.09 7.84
CA PRO D 188 22.14 14.12 8.83
C PRO D 188 21.07 13.68 9.86
N ASN D 189 20.20 14.60 10.28
CA ASN D 189 19.16 14.27 11.24
C ASN D 189 17.82 13.92 10.63
N PHE D 190 17.77 13.70 9.31
CA PHE D 190 16.48 13.43 8.63
C PHE D 190 15.78 12.23 9.25
N SER D 191 16.54 11.14 9.38
CA SER D 191 16.02 9.84 9.75
C SER D 191 15.49 9.89 11.18
N ASP D 192 16.18 10.63 12.05
CA ASP D 192 15.75 10.90 13.42
C ASP D 192 14.44 11.67 13.48
N VAL D 193 14.33 12.75 12.70
CA VAL D 193 13.11 13.57 12.68
C VAL D 193 11.93 12.82 12.07
N PHE D 194 12.18 12.14 10.95
CA PHE D 194 11.21 11.26 10.26
C PHE D 194 10.61 10.29 11.27
N ASN D 195 11.46 9.59 12.00
CA ASN D 195 11.04 8.63 13.05
C ASN D 195 10.18 9.25 14.15
N THR D 196 10.64 10.38 14.68
CA THR D 196 9.96 11.14 15.72
C THR D 196 8.57 11.58 15.24
N ILE D 197 8.51 12.24 14.08
CA ILE D 197 7.23 12.71 13.54
C ILE D 197 6.27 11.54 13.28
N LYS D 198 6.77 10.49 12.63
CA LYS D 198 5.97 9.31 12.37
C LYS D 198 5.36 8.66 13.63
N SER D 199 6.17 8.41 14.65
CA SER D 199 5.69 7.81 15.89
C SER D 199 4.77 8.73 16.66
N GLY D 200 4.90 10.04 16.46
CA GLY D 200 4.20 10.98 17.32
C GLY D 200 2.84 11.43 16.85
N LEU D 201 2.51 11.16 15.59
CA LEU D 201 1.23 11.57 15.03
C LEU D 201 0.10 10.63 15.40
N ARG D 202 -1.07 11.21 15.56
CA ARG D 202 -2.31 10.48 15.82
C ARG D 202 -3.34 10.88 14.79
N TYR D 203 -4.45 10.13 14.70
CA TYR D 203 -5.48 10.39 13.72
C TYR D 203 -5.98 11.83 13.85
N THR D 204 -6.33 12.24 15.07
CA THR D 204 -6.88 13.56 15.30
C THR D 204 -5.86 14.67 15.12
N THR D 205 -4.61 14.40 15.50
CA THR D 205 -3.59 15.42 15.42
C THR D 205 -3.06 15.62 14.00
N ALA D 206 -3.01 14.53 13.23
CA ALA D 206 -2.67 14.61 11.81
C ALA D 206 -3.72 15.44 11.07
N VAL D 207 -4.99 15.20 11.39
CA VAL D 207 -6.06 15.96 10.78
C VAL D 207 -5.96 17.45 11.18
N THR D 208 -5.66 17.70 12.45
CA THR D 208 -5.43 19.06 12.92
C THR D 208 -4.30 19.75 12.11
N LEU D 209 -3.22 19.02 11.85
CA LEU D 209 -2.10 19.56 11.11
C LEU D 209 -2.46 19.87 9.66
N LEU D 210 -3.16 18.93 9.05
CA LEU D 210 -3.62 19.02 7.68
C LEU D 210 -4.42 20.32 7.42
N LEU D 211 -5.35 20.64 8.32
CA LEU D 211 -6.21 21.82 8.16
C LEU D 211 -5.48 23.13 8.45
N ALA D 212 -4.60 23.09 9.44
CA ALA D 212 -3.74 24.22 9.77
C ALA D 212 -2.89 24.61 8.57
N TYR D 213 -2.27 23.60 7.95
CA TYR D 213 -1.45 23.76 6.74
C TYR D 213 -2.23 24.35 5.57
N PHE D 214 -3.32 23.70 5.17
CA PHE D 214 -4.07 24.17 4.01
C PHE D 214 -4.82 25.48 4.26
N ALA D 215 -5.03 25.79 5.54
CA ALA D 215 -5.63 27.06 5.91
C ALA D 215 -4.61 28.19 5.85
N ALA D 216 -3.33 27.84 5.97
CA ALA D 216 -2.26 28.86 6.04
C ALA D 216 -1.38 29.07 4.78
N ILE D 217 -1.39 28.11 3.85
CA ILE D 217 -0.53 28.19 2.68
C ILE D 217 -0.87 29.41 1.83
N GLY D 218 0.17 29.95 1.23
CA GLY D 218 0.07 31.17 0.47
C GLY D 218 0.48 32.33 1.36
N GLU E 5 -19.03 11.06 30.28
CA GLU E 5 -19.50 9.65 30.23
C GLU E 5 -18.80 8.79 31.30
N ILE E 6 -17.51 8.52 31.08
CA ILE E 6 -16.74 7.56 31.88
C ILE E 6 -15.27 7.99 32.04
N ASN E 7 -14.62 7.43 33.05
CA ASN E 7 -13.17 7.55 33.24
C ASN E 7 -12.65 6.27 33.87
N ILE E 8 -11.34 6.07 33.82
CA ILE E 8 -10.74 4.83 34.33
C ILE E 8 -10.85 4.68 35.86
N TYR E 9 -10.94 5.78 36.59
CA TYR E 9 -11.05 5.70 38.05
C TYR E 9 -12.42 5.12 38.44
N GLN E 10 -13.50 5.79 38.04
CA GLN E 10 -14.86 5.39 38.38
C GLN E 10 -15.40 4.24 37.52
N ASN E 11 -14.82 4.05 36.34
CA ASN E 11 -15.28 3.05 35.39
C ASN E 11 -14.08 2.24 34.82
N PRO E 12 -13.35 1.52 35.69
CA PRO E 12 -12.18 0.77 35.21
C PRO E 12 -12.51 -0.31 34.18
N GLY E 13 -13.58 -1.07 34.40
CA GLY E 13 -13.99 -2.11 33.46
C GLY E 13 -14.32 -1.62 32.08
N GLN E 14 -15.09 -0.54 31.98
CA GLN E 14 -15.50 -0.01 30.70
C GLN E 14 -14.31 0.61 30.02
N SER E 15 -13.49 1.36 30.77
CA SER E 15 -12.31 2.03 30.20
C SER E 15 -11.28 1.03 29.68
N LEU E 16 -10.98 0.02 30.49
CA LEU E 16 -10.09 -1.03 30.03
C LEU E 16 -10.74 -1.91 28.95
N ALA E 17 -12.06 -2.13 29.01
CA ALA E 17 -12.69 -2.94 27.98
C ALA E 17 -12.61 -2.24 26.64
N ASN E 18 -12.80 -0.93 26.64
CA ASN E 18 -12.71 -0.10 25.42
C ASN E 18 -11.33 -0.14 24.74
N ILE E 19 -10.26 -0.06 25.54
CA ILE E 19 -8.88 -0.23 25.05
C ILE E 19 -8.65 -1.62 24.43
N TYR E 20 -9.07 -2.67 25.13
CA TYR E 20 -8.90 -4.04 24.62
C TYR E 20 -9.84 -4.39 23.46
N LYS E 21 -10.98 -3.71 23.37
CA LYS E 21 -11.91 -3.86 22.23
C LYS E 21 -11.26 -3.22 21.03
N GLY E 22 -10.39 -2.25 21.30
CA GLY E 22 -9.56 -1.61 20.30
C GLY E 22 -8.47 -2.53 19.81
N PHE E 23 -7.70 -3.10 20.74
CA PHE E 23 -6.63 -4.04 20.38
C PHE E 23 -7.20 -5.24 19.63
N ALA E 24 -8.39 -5.72 20.01
CA ALA E 24 -8.98 -6.91 19.39
C ALA E 24 -9.42 -6.69 17.93
N ARG E 25 -9.88 -5.47 17.61
N ARG E 25 -9.84 -5.47 17.61
CA ARG E 25 -10.33 -5.15 16.26
CA ARG E 25 -10.33 -5.14 16.28
C ARG E 25 -9.16 -4.96 15.27
C ARG E 25 -9.20 -4.89 15.26
N GLN E 26 -8.04 -4.40 15.73
CA GLN E 26 -6.84 -4.31 14.87
C GLN E 26 -6.22 -5.67 14.66
N CYS E 27 -6.31 -6.52 15.68
CA CYS E 27 -5.83 -7.91 15.61
C CYS E 27 -6.65 -8.69 14.61
N ASN E 28 -7.97 -8.62 14.75
CA ASN E 28 -8.87 -9.45 13.98
C ASN E 28 -10.26 -8.85 14.08
N PRO E 29 -10.75 -8.25 12.99
CA PRO E 29 -12.06 -7.61 13.05
C PRO E 29 -13.19 -8.63 12.95
N GLY E 30 -12.83 -9.89 12.69
CA GLY E 30 -13.76 -11.00 12.73
C GLY E 30 -13.95 -11.52 14.14
N PHE E 31 -13.08 -11.08 15.05
CA PHE E 31 -13.10 -11.53 16.45
C PHE E 31 -14.33 -11.03 17.22
N VAL E 32 -15.12 -11.99 17.69
CA VAL E 32 -16.30 -11.65 18.47
C VAL E 32 -15.88 -11.26 19.91
N PHE E 33 -15.78 -9.95 20.14
CA PHE E 33 -15.39 -9.37 21.44
C PHE E 33 -16.49 -9.56 22.52
N PRO E 34 -16.11 -10.19 23.67
CA PRO E 34 -17.06 -10.42 24.79
C PRO E 34 -17.16 -9.18 25.69
N GLU E 35 -17.80 -8.12 25.17
CA GLU E 35 -17.82 -6.84 25.88
C GLU E 35 -18.39 -6.91 27.29
N ALA E 36 -19.57 -7.52 27.44
CA ALA E 36 -20.22 -7.59 28.74
C ALA E 36 -19.36 -8.26 29.83
N GLN E 37 -18.71 -9.38 29.51
CA GLN E 37 -17.92 -10.13 30.50
C GLN E 37 -16.65 -9.41 30.94
N THR E 38 -16.04 -8.69 30.01
CA THR E 38 -14.82 -7.92 30.22
C THR E 38 -15.06 -6.69 31.10
N ILE E 39 -16.17 -5.98 30.86
CA ILE E 39 -16.54 -4.83 31.68
C ILE E 39 -16.74 -5.35 33.10
N GLU E 40 -17.58 -6.38 33.23
CA GLU E 40 -17.87 -6.99 34.54
C GLU E 40 -16.65 -7.51 35.32
N ALA E 41 -15.79 -8.27 34.66
CA ALA E 41 -14.57 -8.80 35.30
C ALA E 41 -13.63 -7.69 35.82
N TRP E 42 -13.38 -6.66 35.02
CA TRP E 42 -12.42 -5.63 35.35
C TRP E 42 -13.04 -4.54 36.25
N ASP E 43 -14.35 -4.63 36.42
CA ASP E 43 -15.03 -3.89 37.48
C ASP E 43 -14.92 -4.54 38.88
N ILE E 44 -14.58 -5.84 38.94
CA ILE E 44 -14.63 -6.58 40.19
C ILE E 44 -13.94 -5.83 41.34
N PRO E 45 -12.67 -5.44 41.16
CA PRO E 45 -11.99 -4.83 42.28
C PRO E 45 -12.71 -3.59 42.83
N LEU E 46 -13.22 -2.71 41.94
CA LEU E 46 -13.93 -1.51 42.38
C LEU E 46 -15.31 -1.83 43.03
N ARG E 47 -15.96 -2.92 42.60
N ARG E 47 -15.95 -2.91 42.55
CA ARG E 47 -17.22 -3.34 43.22
CA ARG E 47 -17.18 -3.46 43.13
C ARG E 47 -16.99 -3.86 44.65
C ARG E 47 -16.96 -3.83 44.60
N LEU E 48 -15.89 -4.59 44.83
CA LEU E 48 -15.52 -5.07 46.15
C LEU E 48 -15.02 -3.95 47.03
N HIS E 49 -14.47 -2.90 46.40
CA HIS E 49 -13.83 -1.81 47.12
C HIS E 49 -14.19 -0.41 46.62
N PRO E 50 -15.47 0.00 46.77
CA PRO E 50 -15.86 1.33 46.29
C PRO E 50 -15.14 2.51 46.95
N GLU E 51 -14.66 2.35 48.20
CA GLU E 51 -13.85 3.38 48.89
C GLU E 51 -12.53 3.74 48.19
N PHE E 52 -12.15 2.99 47.15
CA PHE E 52 -11.03 3.40 46.28
C PHE E 52 -11.32 4.80 45.73
N ILE E 53 -12.59 5.11 45.52
CA ILE E 53 -13.07 6.45 45.16
C ILE E 53 -14.04 6.95 46.25
N PRO E 54 -13.50 7.54 47.33
CA PRO E 54 -14.32 7.92 48.48
C PRO E 54 -15.40 8.94 48.13
N GLY E 55 -16.66 8.50 48.18
CA GLY E 55 -17.79 9.38 47.90
C GLY E 55 -17.80 9.94 46.49
N GLY E 56 -17.20 9.21 45.54
CA GLY E 56 -17.17 9.62 44.13
C GLY E 56 -16.29 10.81 43.81
N ASP E 57 -15.29 11.04 44.65
CA ASP E 57 -14.33 12.13 44.49
C ASP E 57 -13.00 11.57 44.00
N ILE E 58 -12.77 11.64 42.69
CA ILE E 58 -11.62 10.97 42.05
C ILE E 58 -10.29 11.64 42.39
N SER E 59 -10.35 12.86 42.94
CA SER E 59 -9.18 13.58 43.40
C SER E 59 -8.77 13.12 44.80
N LYS E 60 -9.66 12.38 45.47
CA LYS E 60 -9.34 11.70 46.72
C LYS E 60 -9.12 10.20 46.50
N ALA E 61 -8.91 9.80 45.25
CA ALA E 61 -8.69 8.39 44.90
C ALA E 61 -7.56 7.75 45.70
N ASP E 62 -7.76 6.49 46.08
CA ASP E 62 -6.75 5.68 46.74
C ASP E 62 -5.47 5.65 45.88
N GLN E 63 -4.35 5.97 46.52
N GLN E 63 -4.35 6.13 46.40
CA GLN E 63 -2.98 5.87 45.96
CA GLN E 63 -3.15 6.31 45.55
C GLN E 63 -2.66 4.53 45.27
C GLN E 63 -2.64 5.01 44.90
N GLN E 64 -2.77 3.41 45.98
N GLN E 64 -2.67 3.90 45.64
CA GLN E 64 -2.39 2.11 45.38
CA GLN E 64 -2.24 2.61 45.07
C GLN E 64 -3.27 1.74 44.19
C GLN E 64 -3.19 2.16 43.96
N TYR E 65 -4.51 2.23 44.20
CA TYR E 65 -5.49 1.96 43.14
C TYR E 65 -5.18 2.77 41.86
N SER E 66 -4.95 4.08 42.03
CA SER E 66 -4.48 4.95 40.94
C SER E 66 -3.20 4.48 40.27
N THR E 67 -2.22 4.09 41.07
CA THR E 67 -0.98 3.48 40.56
C THR E 67 -1.25 2.20 39.74
N LEU E 68 -2.14 1.33 40.22
CA LEU E 68 -2.49 0.14 39.44
C LEU E 68 -3.09 0.55 38.09
N LEU E 69 -3.87 1.64 38.11
CA LEU E 69 -4.45 2.15 36.88
C LEU E 69 -3.41 2.77 35.93
N ALA E 70 -2.47 3.56 36.47
CA ALA E 70 -1.39 4.12 35.66
C ALA E 70 -0.53 3.00 35.06
N GLN E 71 -0.30 1.92 35.80
CA GLN E 71 0.43 0.76 35.27
C GLN E 71 -0.24 0.18 34.06
N GLU E 72 -1.57 0.05 34.09
CA GLU E 72 -2.35 -0.54 32.99
C GLU E 72 -2.26 0.33 31.73
N ILE E 73 -2.38 1.64 31.93
CA ILE E 73 -2.22 2.60 30.85
C ILE E 73 -0.82 2.48 30.24
N ALA E 74 0.22 2.44 31.10
CA ALA E 74 1.61 2.27 30.66
C ALA E 74 1.80 0.95 29.90
N ASN E 75 1.16 -0.11 30.39
CA ASN E 75 1.20 -1.38 29.69
C ASN E 75 0.55 -1.30 28.32
N GLY E 76 -0.55 -0.56 28.22
CA GLY E 76 -1.24 -0.31 26.95
C GLY E 76 -0.34 0.43 25.96
N VAL E 77 0.45 1.37 26.47
CA VAL E 77 1.42 2.06 25.62
C VAL E 77 2.48 1.04 25.12
N THR E 78 2.99 0.19 26.02
CA THR E 78 3.97 -0.83 25.63
C THR E 78 3.38 -1.75 24.56
N ILE E 79 2.14 -2.19 24.73
CA ILE E 79 1.46 -3.03 23.75
C ILE E 79 1.41 -2.36 22.38
N GLY E 80 1.12 -1.06 22.35
CA GLY E 80 1.03 -0.33 21.09
C GLY E 80 2.32 -0.38 20.27
N PHE E 81 3.45 -0.28 20.98
CA PHE E 81 4.77 -0.36 20.35
C PHE E 81 5.07 -1.79 19.91
N ARG E 82 4.58 -2.78 20.68
CA ARG E 82 4.88 -4.17 20.40
C ARG E 82 4.07 -4.71 19.23
N VAL E 84 3.87 -3.30 16.50
CA VAL E 84 4.60 -3.04 15.27
C VAL E 84 5.45 -4.25 14.85
N ASN E 85 6.21 -4.82 15.79
CA ASN E 85 7.11 -5.95 15.48
C ASN E 85 6.51 -7.31 15.78
N GLU E 86 5.84 -7.41 16.93
CA GLU E 86 5.34 -8.67 17.44
C GLU E 86 3.82 -8.76 17.41
N LYS E 87 3.19 -8.28 16.34
CA LYS E 87 1.70 -8.25 16.28
C LYS E 87 1.07 -9.63 16.44
N GLU E 88 1.63 -10.62 15.77
CA GLU E 88 1.10 -11.97 15.84
C GLU E 88 1.08 -12.55 17.28
N ARG E 89 2.22 -12.47 17.97
N ARG E 89 2.21 -12.47 17.99
CA ARG E 89 2.40 -12.96 19.34
CA ARG E 89 2.29 -13.03 19.36
C ARG E 89 1.47 -12.25 20.35
C ARG E 89 1.44 -12.25 20.38
N VAL E 90 1.44 -10.92 20.25
CA VAL E 90 0.65 -10.07 21.12
C VAL E 90 -0.84 -10.35 20.96
N CYS E 91 -1.31 -10.39 19.72
CA CYS E 91 -2.72 -10.67 19.41
C CYS E 91 -3.20 -12.07 19.82
N ASN E 92 -2.42 -13.07 19.45
CA ASN E 92 -2.90 -14.44 19.47
C ASN E 92 -2.40 -15.33 20.61
N VAL E 93 -1.37 -14.88 21.33
CA VAL E 93 -0.89 -15.52 22.56
C VAL E 93 -1.29 -14.71 23.80
N GLU E 94 -1.43 -13.41 23.62
CA GLU E 94 -1.55 -12.46 24.72
C GLU E 94 -2.95 -11.92 24.90
N ILE E 95 -3.39 -11.11 23.95
CA ILE E 95 -4.62 -10.36 24.12
C ILE E 95 -5.86 -11.24 23.88
N LEU E 96 -5.94 -11.90 22.73
CA LEU E 96 -7.16 -12.65 22.39
C LEU E 96 -7.47 -13.85 23.34
N PRO E 97 -6.45 -14.70 23.66
CA PRO E 97 -6.69 -15.78 24.62
C PRO E 97 -7.13 -15.31 26.02
N LEU E 98 -6.61 -14.17 26.46
CA LEU E 98 -6.98 -13.61 27.74
C LEU E 98 -8.46 -13.25 27.77
N LEU E 99 -8.90 -12.55 26.72
CA LEU E 99 -10.28 -12.12 26.58
C LEU E 99 -11.26 -13.27 26.50
N THR E 100 -10.99 -14.26 25.64
CA THR E 100 -11.94 -15.37 25.48
C THR E 100 -11.96 -16.21 26.73
N SER E 101 -10.80 -16.45 27.30
CA SER E 101 -10.71 -17.35 28.44
C SER E 101 -11.30 -16.75 29.73
N ALA E 103 -13.67 -14.41 29.82
CA ALA E 103 -15.13 -14.45 29.59
C ALA E 103 -15.78 -15.82 29.85
N GLN E 104 -15.12 -16.88 29.39
N GLN E 104 -15.13 -16.90 29.41
CA GLN E 104 -15.56 -18.24 29.62
CA GLN E 104 -15.63 -18.26 29.66
C GLN E 104 -15.59 -18.55 31.12
C GLN E 104 -15.60 -18.57 31.16
N ASN E 105 -14.52 -18.19 31.82
CA ASN E 105 -14.39 -18.37 33.29
C ASN E 105 -15.49 -17.64 34.08
N LEU E 106 -15.72 -16.37 33.75
CA LEU E 106 -16.80 -15.60 34.38
C LEU E 106 -18.16 -16.22 34.10
N ASP E 107 -18.41 -16.57 32.84
CA ASP E 107 -19.65 -17.28 32.49
C ASP E 107 -19.85 -18.56 33.30
N ARG E 108 -18.80 -19.37 33.44
N ARG E 108 -18.78 -19.36 33.44
CA ARG E 108 -18.87 -20.60 34.25
CA ARG E 108 -18.78 -20.59 34.23
C ARG E 108 -19.19 -20.27 35.70
C ARG E 108 -19.07 -20.34 35.72
N ILE E 109 -18.48 -19.28 36.26
CA ILE E 109 -18.73 -18.86 37.63
C ILE E 109 -20.22 -18.47 37.82
N LYS E 110 -20.71 -17.61 36.95
CA LYS E 110 -22.10 -17.16 36.97
C LYS E 110 -23.14 -18.27 36.79
N ALA E 111 -22.82 -19.29 36.00
CA ALA E 111 -23.77 -20.42 35.83
C ALA E 111 -23.86 -21.31 37.09
N ARG E 112 -22.76 -21.38 37.85
N ARG E 112 -22.79 -21.38 37.87
CA ARG E 112 -22.67 -22.20 39.08
CA ARG E 112 -22.81 -22.16 39.09
C ARG E 112 -22.82 -21.42 40.41
C ARG E 112 -23.37 -21.33 40.25
N PHE E 113 -22.88 -20.09 40.36
CA PHE E 113 -23.09 -19.27 41.58
C PHE E 113 -24.10 -18.14 41.48
N GLY E 114 -24.63 -17.92 40.28
CA GLY E 114 -25.60 -16.85 40.04
C GLY E 114 -25.01 -15.49 40.30
N SER E 115 -25.88 -14.50 40.46
CA SER E 115 -25.43 -13.12 40.79
C SER E 115 -24.61 -13.03 42.08
N GLY E 116 -24.71 -14.06 42.93
CA GLY E 116 -24.02 -14.06 44.22
C GLY E 116 -22.53 -14.35 44.20
N TYR E 117 -21.90 -14.36 43.03
CA TYR E 117 -20.54 -14.88 42.93
C TYR E 117 -19.44 -14.03 43.63
N LEU E 118 -19.66 -12.73 43.79
CA LEU E 118 -18.62 -11.90 44.40
C LEU E 118 -18.28 -12.34 45.82
N ASP E 119 -19.24 -13.04 46.44
CA ASP E 119 -19.10 -13.62 47.78
C ASP E 119 -17.94 -14.56 47.89
N ARG E 120 -17.56 -15.21 46.80
N ARG E 120 -17.55 -15.18 46.79
CA ARG E 120 -16.36 -16.07 46.78
CA ARG E 120 -16.39 -16.06 46.75
C ARG E 120 -15.12 -15.24 47.10
C ARG E 120 -15.06 -15.31 46.91
N PHE E 121 -15.07 -13.99 46.61
CA PHE E 121 -13.87 -13.17 46.70
C PHE E 121 -13.74 -12.36 48.00
N LYS E 122 -14.73 -12.48 48.88
CA LYS E 122 -14.91 -11.59 50.02
C LYS E 122 -14.08 -11.99 51.21
N GLY E 123 -13.75 -11.03 52.07
CA GLY E 123 -13.11 -11.33 53.35
C GLY E 123 -11.73 -11.95 53.21
N SER E 124 -11.02 -11.49 52.17
N SER E 124 -11.00 -11.55 52.17
CA SER E 124 -9.60 -11.72 51.97
CA SER E 124 -9.58 -11.90 52.08
C SER E 124 -8.81 -10.69 52.78
C SER E 124 -8.79 -10.76 52.70
N PRO E 125 -7.62 -11.06 53.29
CA PRO E 125 -6.73 -10.01 53.78
C PRO E 125 -6.09 -9.14 52.68
N ASN E 126 -6.20 -9.55 51.42
CA ASN E 126 -5.68 -8.71 50.33
C ASN E 126 -6.73 -7.68 49.90
N VAL E 127 -6.40 -6.40 50.04
CA VAL E 127 -7.23 -5.27 49.57
C VAL E 127 -7.18 -5.07 48.03
N TYR E 128 -6.01 -5.29 47.42
CA TYR E 128 -5.77 -4.95 46.01
C TYR E 128 -5.67 -6.24 45.19
N PRO E 129 -6.17 -6.22 43.94
CA PRO E 129 -6.21 -7.44 43.12
C PRO E 129 -4.83 -8.03 42.82
N THR E 130 -3.81 -7.18 42.82
CA THR E 130 -2.45 -7.59 42.56
C THR E 130 -1.69 -7.95 43.85
N ASP E 131 -2.38 -7.94 45.00
CA ASP E 131 -1.67 -8.19 46.25
C ASP E 131 -1.15 -9.61 46.26
N VAL E 132 0.04 -9.82 46.84
CA VAL E 132 0.59 -11.17 47.03
C VAL E 132 0.97 -11.23 48.49
N GLY E 133 0.29 -12.08 49.25
CA GLY E 133 0.68 -12.31 50.63
C GLY E 133 0.83 -13.77 50.94
N PHE E 134 0.61 -14.13 52.20
CA PHE E 134 0.82 -15.50 52.71
C PHE E 134 -0.49 -16.19 53.04
N SER E 135 -0.62 -17.45 52.62
CA SER E 135 -1.72 -18.28 53.02
C SER E 135 -1.55 -18.50 54.50
N THR E 136 -2.59 -19.02 55.12
CA THR E 136 -2.74 -18.94 56.53
C THR E 136 -3.27 -20.33 56.97
N ASP E 137 -2.99 -20.73 58.21
CA ASP E 137 -3.51 -21.99 58.74
C ASP E 137 -5.03 -21.90 59.07
N ALA E 138 -5.61 -22.97 59.60
CA ALA E 138 -7.02 -22.96 60.05
C ALA E 138 -7.41 -21.72 60.88
N SER E 139 -6.54 -21.34 61.81
CA SER E 139 -6.84 -20.27 62.76
C SER E 139 -6.49 -18.87 62.30
N GLY E 140 -6.03 -18.73 61.04
CA GLY E 140 -5.68 -17.44 60.48
C GLY E 140 -4.22 -17.02 60.69
N GLY E 141 -3.40 -17.95 61.18
CA GLY E 141 -1.98 -17.73 61.38
C GLY E 141 -1.09 -18.14 60.20
N ILE E 142 0.09 -17.53 60.12
CA ILE E 142 1.08 -17.89 59.09
C ILE E 142 2.00 -18.90 59.79
N SER E 143 2.40 -19.96 59.10
CA SER E 143 3.37 -20.93 59.65
C SER E 143 4.37 -21.30 58.54
N GLN E 144 5.32 -22.19 58.84
CA GLN E 144 6.24 -22.68 57.81
C GLN E 144 5.54 -23.50 56.74
N GLU E 145 4.28 -23.86 56.99
CA GLU E 145 3.44 -24.57 56.03
C GLU E 145 2.72 -23.62 55.06
N SER E 146 2.69 -22.32 55.36
CA SER E 146 2.11 -21.33 54.46
C SER E 146 2.79 -21.27 53.11
N GLY E 147 2.09 -20.72 52.12
CA GLY E 147 2.65 -20.46 50.82
C GLY E 147 2.11 -19.15 50.32
N LEU E 148 1.88 -19.05 49.02
CA LEU E 148 1.38 -17.81 48.43
C LEU E 148 -0.14 -17.72 48.40
N LEU E 149 -0.65 -16.54 48.72
CA LEU E 149 -2.05 -16.18 48.60
C LEU E 149 -2.09 -14.94 47.75
N VAL E 150 -2.60 -15.05 46.53
CA VAL E 150 -2.54 -13.88 45.65
C VAL E 150 -3.92 -13.33 45.32
N SER E 151 -4.03 -12.00 45.24
CA SER E 151 -5.31 -11.42 44.86
C SER E 151 -6.37 -11.78 45.92
N TYR E 152 -7.63 -11.85 45.48
CA TYR E 152 -8.79 -12.08 46.33
C TYR E 152 -9.07 -13.58 46.58
N GLY E 153 -8.04 -14.29 47.01
CA GLY E 153 -8.22 -15.63 47.57
C GLY E 153 -7.57 -16.71 46.75
N VAL E 154 -6.76 -16.33 45.76
CA VAL E 154 -6.07 -17.35 44.97
C VAL E 154 -4.97 -17.95 45.85
N ASN E 155 -5.32 -19.04 46.53
CA ASN E 155 -4.38 -19.78 47.39
C ASN E 155 -3.57 -20.75 46.55
N LEU E 156 -2.32 -20.38 46.26
CA LEU E 156 -1.46 -21.20 45.42
C LEU E 156 -0.85 -22.36 46.19
N ARG E 157 -0.57 -22.13 47.47
CA ARG E 157 -0.07 -23.17 48.39
C ARG E 157 -0.92 -24.43 48.44
N THR E 158 -2.21 -24.21 48.45
CA THR E 158 -3.19 -25.23 48.73
C THR E 158 -3.79 -25.79 47.42
N LEU E 159 -3.38 -25.21 46.30
CA LEU E 159 -3.91 -25.52 44.96
C LEU E 159 -3.36 -26.84 44.46
N THR E 160 -4.26 -27.78 44.15
CA THR E 160 -3.86 -29.10 43.66
C THR E 160 -3.26 -29.04 42.24
N PRO E 161 -2.26 -29.91 41.93
CA PRO E 161 -1.91 -30.23 40.54
C PRO E 161 -3.13 -30.39 39.63
N GLY E 162 -4.16 -31.11 40.13
CA GLY E 162 -5.43 -31.30 39.42
C GLY E 162 -6.15 -29.99 39.15
N THR E 163 -6.44 -29.23 40.20
CA THR E 163 -7.14 -27.94 40.03
C THR E 163 -6.36 -26.98 39.12
N TRP E 164 -5.04 -26.97 39.29
CA TRP E 164 -4.15 -26.19 38.43
C TRP E 164 -4.30 -26.58 36.95
N GLN E 165 -4.27 -27.88 36.69
CA GLN E 165 -4.42 -28.37 35.32
C GLN E 165 -5.81 -28.03 34.74
N ALA E 166 -6.83 -28.03 35.60
CA ALA E 166 -8.19 -27.67 35.19
C ALA E 166 -8.40 -26.15 34.89
N THR E 168 -8.20 -22.51 33.18
CA THR E 168 -8.10 -21.99 31.82
C THR E 168 -7.42 -20.62 31.86
N LEU E 169 -6.16 -20.59 31.47
CA LEU E 169 -5.36 -19.39 31.48
C LEU E 169 -4.55 -19.25 30.22
N PRO E 170 -4.28 -18.00 29.82
CA PRO E 170 -3.25 -17.67 28.82
C PRO E 170 -1.86 -18.06 29.35
N GLU E 171 -0.97 -18.39 28.39
N GLU E 171 -0.94 -18.43 28.45
CA GLU E 171 0.42 -18.83 28.62
CA GLU E 171 0.27 -19.13 28.90
C GLU E 171 1.21 -17.87 29.50
C GLU E 171 1.31 -18.27 29.60
N ASP E 172 1.24 -16.62 29.07
N ASP E 172 1.34 -16.97 29.33
CA ASP E 172 1.82 -15.55 29.88
CA ASP E 172 2.20 -16.09 30.12
C ASP E 172 1.66 -15.82 31.40
C ASP E 172 1.74 -16.04 31.58
N ILE E 173 0.41 -16.00 31.82
CA ILE E 173 -0.03 -16.14 33.22
C ILE E 173 0.24 -17.53 33.86
N LYS E 174 -0.02 -18.64 33.14
CA LYS E 174 0.40 -19.96 33.65
C LYS E 174 1.91 -20.03 33.95
N ALA E 175 2.72 -19.47 33.06
CA ALA E 175 4.18 -19.43 33.26
C ALA E 175 4.59 -18.60 34.50
N LEU E 176 4.01 -17.43 34.68
CA LEU E 176 4.32 -16.59 35.83
C LEU E 176 3.98 -17.28 37.14
N VAL E 177 2.79 -17.87 37.20
CA VAL E 177 2.23 -18.39 38.46
C VAL E 177 2.51 -19.86 38.75
N GLY E 178 2.67 -20.67 37.72
CA GLY E 178 2.88 -22.10 37.91
C GLY E 178 3.90 -22.49 38.97
N PRO E 179 5.10 -21.85 38.98
CA PRO E 179 6.14 -22.15 39.99
C PRO E 179 5.70 -21.97 41.44
N GLY E 180 4.71 -21.12 41.69
CA GLY E 180 4.18 -20.93 43.05
C GLY E 180 3.16 -21.96 43.53
N VAL E 181 2.62 -22.77 42.61
CA VAL E 181 1.60 -23.76 42.93
C VAL E 181 2.16 -24.82 43.88
N GLY E 182 1.54 -24.94 45.04
CA GLY E 182 1.94 -25.91 46.06
C GLY E 182 3.17 -25.49 46.86
N LEU E 183 3.75 -24.35 46.52
CA LEU E 183 5.05 -23.96 47.07
C LEU E 183 5.02 -23.51 48.54
N ARG E 184 5.86 -24.16 49.36
N ARG E 184 5.88 -24.12 49.34
CA ARG E 184 6.01 -23.82 50.78
CA ARG E 184 5.98 -23.77 50.75
C ARG E 184 6.93 -22.61 50.94
C ARG E 184 6.93 -22.59 50.92
N LEU E 185 6.69 -21.80 51.97
CA LEU E 185 7.50 -20.61 52.21
C LEU E 185 8.97 -20.89 52.61
N ASP E 186 9.24 -22.12 53.05
CA ASP E 186 10.60 -22.52 53.36
C ASP E 186 11.25 -23.26 52.19
N ALA E 187 10.63 -23.16 51.01
CA ALA E 187 11.22 -23.72 49.80
C ALA E 187 12.39 -22.89 49.30
N PRO E 188 13.45 -23.54 48.78
CA PRO E 188 14.67 -22.85 48.32
C PRO E 188 14.43 -21.71 47.32
N ASN E 189 13.37 -21.80 46.53
CA ASN E 189 13.08 -20.78 45.52
C ASN E 189 11.86 -19.90 45.82
N PHE E 190 11.16 -20.19 46.91
CA PHE E 190 9.94 -19.48 47.25
C PHE E 190 10.08 -17.97 47.09
N SER E 191 11.22 -17.46 47.51
CA SER E 191 11.47 -16.03 47.51
C SER E 191 11.65 -15.47 46.10
N ASP E 192 12.20 -16.30 45.20
CA ASP E 192 12.28 -16.01 43.77
C ASP E 192 10.88 -15.99 43.15
N VAL E 193 10.07 -17.00 43.49
CA VAL E 193 8.72 -17.06 42.98
C VAL E 193 7.86 -15.87 43.48
N PHE E 194 7.87 -15.64 44.80
CA PHE E 194 7.13 -14.52 45.39
C PHE E 194 7.49 -13.22 44.65
N ASN E 195 8.78 -13.00 44.48
CA ASN E 195 9.34 -11.81 43.81
C ASN E 195 8.87 -11.68 42.34
N THR E 196 8.75 -12.80 41.65
CA THR E 196 8.36 -12.79 40.23
C THR E 196 6.86 -12.48 40.02
N ILE E 197 6.00 -13.16 40.79
CA ILE E 197 4.56 -12.92 40.73
C ILE E 197 4.21 -11.48 41.18
N LYS E 198 4.81 -11.04 42.27
CA LYS E 198 4.51 -9.70 42.77
C LYS E 198 4.79 -8.62 41.70
N SER E 199 5.96 -8.70 41.08
CA SER E 199 6.36 -7.77 40.01
C SER E 199 5.68 -8.04 38.66
N GLY E 200 5.31 -9.29 38.41
CA GLY E 200 4.71 -9.66 37.13
C GLY E 200 3.24 -9.32 36.96
N LEU E 201 2.45 -9.44 38.02
CA LEU E 201 0.99 -9.27 37.92
C LEU E 201 0.56 -7.81 37.67
N ARG E 202 -0.61 -7.66 37.04
CA ARG E 202 -1.21 -6.33 36.87
C ARG E 202 -2.68 -6.43 37.20
N TYR E 203 -3.31 -5.27 37.38
CA TYR E 203 -4.73 -5.18 37.69
C TYR E 203 -5.51 -6.16 36.84
N THR E 204 -5.34 -6.05 35.53
CA THR E 204 -6.00 -6.84 34.50
C THR E 204 -5.78 -8.35 34.66
N THR E 205 -4.52 -8.74 34.86
CA THR E 205 -4.12 -10.15 34.76
C THR E 205 -4.30 -10.87 36.07
N ALA E 206 -4.28 -10.09 37.16
CA ALA E 206 -4.67 -10.60 38.47
C ALA E 206 -6.15 -10.99 38.50
N VAL E 207 -6.99 -10.22 37.84
CA VAL E 207 -8.42 -10.57 37.73
C VAL E 207 -8.56 -11.83 36.87
N THR E 208 -7.76 -11.92 35.81
CA THR E 208 -7.78 -13.08 34.92
C THR E 208 -7.47 -14.35 35.71
N LEU E 209 -6.43 -14.29 36.55
CA LEU E 209 -6.03 -15.39 37.45
C LEU E 209 -7.10 -15.72 38.51
N LEU E 210 -7.63 -14.71 39.16
CA LEU E 210 -8.75 -14.87 40.08
C LEU E 210 -9.89 -15.67 39.44
N LEU E 211 -10.32 -15.24 38.24
CA LEU E 211 -11.51 -15.86 37.64
C LEU E 211 -11.23 -17.28 37.21
N ALA E 212 -10.00 -17.53 36.76
CA ALA E 212 -9.60 -18.89 36.38
C ALA E 212 -9.65 -19.85 37.58
N TYR E 213 -9.14 -19.41 38.71
CA TYR E 213 -9.10 -20.18 39.95
C TYR E 213 -10.48 -20.48 40.54
N PHE E 214 -11.33 -19.46 40.66
CA PHE E 214 -12.66 -19.67 41.19
C PHE E 214 -13.57 -20.43 40.23
N ALA E 215 -13.30 -20.31 38.93
CA ALA E 215 -14.02 -21.15 37.95
C ALA E 215 -13.68 -22.63 38.05
N ALA E 216 -12.44 -22.93 38.46
CA ALA E 216 -11.92 -24.29 38.59
C ALA E 216 -12.13 -24.96 39.94
N ILE E 217 -11.99 -24.23 41.04
CA ILE E 217 -11.89 -24.91 42.32
C ILE E 217 -13.13 -25.73 42.71
N GLY E 218 -12.88 -26.90 43.30
CA GLY E 218 -13.93 -27.83 43.66
C GLY E 218 -14.66 -28.35 42.43
N ALA F 4 23.90 46.24 -21.25
CA ALA F 4 23.80 47.59 -20.59
C ALA F 4 24.09 47.56 -19.06
N GLU F 5 23.07 47.63 -18.21
CA GLU F 5 23.26 47.69 -16.75
C GLU F 5 23.35 46.29 -16.13
N ILE F 6 24.07 45.43 -16.84
CA ILE F 6 24.31 44.06 -16.45
C ILE F 6 25.81 43.88 -16.32
N ASN F 7 26.21 42.80 -15.69
CA ASN F 7 27.62 42.40 -15.70
C ASN F 7 27.72 40.88 -15.72
N ILE F 8 28.89 40.37 -16.10
CA ILE F 8 29.12 38.96 -16.27
C ILE F 8 29.00 38.10 -15.01
N TYR F 9 29.27 38.66 -13.83
CA TYR F 9 29.15 37.88 -12.59
C TYR F 9 27.69 37.60 -12.21
N GLN F 10 26.82 38.60 -12.38
CA GLN F 10 25.42 38.53 -12.00
C GLN F 10 24.51 38.14 -13.15
N ASN F 11 24.95 38.46 -14.38
CA ASN F 11 24.18 38.19 -15.59
C ASN F 11 25.09 37.45 -16.59
N PRO F 12 25.64 36.28 -16.19
CA PRO F 12 26.60 35.62 -17.10
C PRO F 12 25.91 35.24 -18.40
N GLY F 13 24.61 34.92 -18.33
CA GLY F 13 23.89 34.46 -19.50
C GLY F 13 23.71 35.58 -20.49
N GLN F 14 23.16 36.69 -20.00
CA GLN F 14 22.94 37.86 -20.85
C GLN F 14 24.25 38.41 -21.40
N SER F 15 25.26 38.55 -20.55
CA SER F 15 26.59 38.99 -20.97
C SER F 15 27.17 38.13 -22.07
N LEU F 16 27.25 36.83 -21.85
CA LEU F 16 27.87 35.96 -22.87
C LEU F 16 27.01 35.85 -24.13
N ALA F 17 25.69 35.78 -23.93
CA ALA F 17 24.74 35.88 -25.05
C ALA F 17 25.02 37.09 -25.94
N ASN F 18 25.33 38.23 -25.32
CA ASN F 18 25.58 39.47 -26.05
C ASN F 18 26.77 39.37 -27.00
N ILE F 19 27.83 38.76 -26.50
CA ILE F 19 29.02 38.44 -27.30
C ILE F 19 28.73 37.42 -28.42
N TYR F 20 27.98 36.37 -28.07
CA TYR F 20 27.64 35.35 -29.04
C TYR F 20 26.61 35.82 -30.10
N LYS F 21 25.70 36.71 -29.72
CA LYS F 21 24.86 37.39 -30.72
C LYS F 21 25.75 38.06 -31.81
N GLY F 22 26.87 38.62 -31.37
CA GLY F 22 27.84 39.27 -32.25
C GLY F 22 28.61 38.33 -33.16
N PHE F 23 29.08 37.20 -32.61
CA PHE F 23 29.72 36.17 -33.43
C PHE F 23 28.74 35.63 -34.48
N ALA F 24 27.50 35.36 -34.06
CA ALA F 24 26.49 34.74 -34.92
C ALA F 24 26.08 35.63 -36.08
N ARG F 25 26.01 36.93 -35.82
CA ARG F 25 25.74 37.91 -36.86
C ARG F 25 26.90 37.97 -37.87
N GLN F 26 28.14 37.92 -37.39
CA GLN F 26 29.31 37.72 -38.24
C GLN F 26 29.15 36.49 -39.12
N CYS F 27 28.64 35.41 -38.54
CA CYS F 27 28.48 34.16 -39.26
C CYS F 27 27.42 34.28 -40.35
N ASN F 28 26.19 34.59 -39.95
CA ASN F 28 25.08 34.75 -40.87
C ASN F 28 24.07 35.73 -40.29
N PRO F 29 24.01 36.95 -40.84
CA PRO F 29 23.00 37.91 -40.37
C PRO F 29 21.58 37.32 -40.39
N GLY F 30 21.35 36.32 -41.24
CA GLY F 30 20.03 35.69 -41.38
C GLY F 30 19.72 34.57 -40.41
N PHE F 31 20.69 34.21 -39.57
CA PHE F 31 20.52 33.20 -38.53
C PHE F 31 19.71 33.81 -37.40
N VAL F 32 18.62 33.13 -37.05
CA VAL F 32 17.76 33.56 -35.94
C VAL F 32 18.42 33.12 -34.61
N PHE F 33 18.98 34.10 -33.91
CA PHE F 33 19.68 33.88 -32.64
C PHE F 33 18.68 33.53 -31.52
N PRO F 34 18.84 32.34 -30.89
CA PRO F 34 17.91 31.98 -29.79
C PRO F 34 18.29 32.68 -28.48
N GLU F 35 17.99 33.98 -28.35
N GLU F 35 17.97 33.97 -28.40
CA GLU F 35 18.49 34.74 -27.21
CA GLU F 35 18.32 34.87 -27.29
C GLU F 35 17.91 34.30 -25.85
C GLU F 35 17.90 34.32 -25.92
N ALA F 36 16.61 34.03 -25.80
CA ALA F 36 15.98 33.63 -24.53
C ALA F 36 16.58 32.36 -23.94
N GLN F 37 16.68 31.31 -24.77
CA GLN F 37 17.27 30.03 -24.38
C GLN F 37 18.75 30.13 -24.01
N THR F 38 19.48 30.98 -24.73
CA THR F 38 20.92 31.17 -24.49
C THR F 38 21.23 31.85 -23.14
N ILE F 39 20.52 32.95 -22.85
CA ILE F 39 20.64 33.59 -21.54
C ILE F 39 20.27 32.61 -20.41
N GLU F 40 19.11 31.93 -20.57
CA GLU F 40 18.61 31.00 -19.57
C GLU F 40 19.56 29.82 -19.31
N ALA F 41 20.07 29.22 -20.38
CA ALA F 41 21.04 28.12 -20.27
C ALA F 41 22.30 28.54 -19.50
N TRP F 42 22.86 29.69 -19.85
CA TRP F 42 24.15 30.13 -19.28
C TRP F 42 24.01 30.82 -17.90
N ASP F 43 22.77 31.13 -17.51
CA ASP F 43 22.48 31.47 -16.11
C ASP F 43 22.38 30.25 -15.17
N ILE F 44 22.23 29.05 -15.74
CA ILE F 44 21.99 27.83 -14.95
C ILE F 44 22.94 27.64 -13.73
N PRO F 45 24.28 27.69 -13.93
CA PRO F 45 25.22 27.55 -12.79
C PRO F 45 25.04 28.59 -11.71
N LEU F 46 24.66 29.81 -12.09
CA LEU F 46 24.44 30.83 -11.09
C LEU F 46 23.10 30.62 -10.40
N ARG F 47 22.09 30.17 -11.14
N ARG F 47 22.08 30.18 -11.14
CA ARG F 47 20.80 29.91 -10.53
CA ARG F 47 20.79 29.88 -10.53
C ARG F 47 20.86 28.71 -9.57
C ARG F 47 20.91 28.74 -9.53
N LEU F 48 21.76 27.77 -9.84
CA LEU F 48 22.05 26.67 -8.90
C LEU F 48 22.87 27.09 -7.68
N HIS F 49 23.76 28.04 -7.84
CA HIS F 49 24.66 28.49 -6.77
C HIS F 49 24.64 30.01 -6.64
N PRO F 50 23.53 30.59 -6.14
CA PRO F 50 23.48 32.04 -5.91
C PRO F 50 24.55 32.53 -4.92
N GLU F 51 25.15 31.62 -4.13
CA GLU F 51 26.24 32.02 -3.22
C GLU F 51 27.54 32.32 -3.94
N PHE F 52 27.58 32.09 -5.26
CA PHE F 52 28.74 32.51 -6.07
C PHE F 52 28.94 34.04 -5.97
N ILE F 53 27.82 34.75 -5.82
CA ILE F 53 27.83 36.19 -5.53
C ILE F 53 27.08 36.36 -4.20
N PRO F 54 27.78 36.20 -3.07
CA PRO F 54 27.11 36.24 -1.76
C PRO F 54 26.52 37.62 -1.40
N GLY F 55 25.20 37.65 -1.18
CA GLY F 55 24.48 38.86 -0.80
C GLY F 55 24.41 39.88 -1.94
N GLY F 56 24.54 39.39 -3.16
CA GLY F 56 24.50 40.24 -4.34
C GLY F 56 25.71 41.15 -4.48
N ASP F 57 26.81 40.78 -3.83
CA ASP F 57 28.01 41.61 -3.73
C ASP F 57 29.11 41.02 -4.60
N ILE F 58 29.32 41.57 -5.80
CA ILE F 58 30.33 41.05 -6.74
C ILE F 58 31.77 41.17 -6.23
N SER F 59 32.01 42.05 -5.26
CA SER F 59 33.34 42.19 -4.66
C SER F 59 33.74 40.94 -3.86
N LYS F 60 32.76 40.12 -3.54
N LYS F 60 32.75 40.11 -3.55
CA LYS F 60 32.99 38.88 -2.80
CA LYS F 60 32.93 38.88 -2.78
C LYS F 60 32.68 37.65 -3.67
C LYS F 60 32.82 37.63 -3.67
N ALA F 61 32.70 37.83 -4.99
CA ALA F 61 32.48 36.74 -5.94
C ALA F 61 33.43 35.56 -5.68
N ASP F 62 32.88 34.34 -5.73
CA ASP F 62 33.65 33.10 -5.65
C ASP F 62 34.78 33.11 -6.67
N GLN F 63 36.01 32.88 -6.21
N GLN F 63 36.03 32.89 -6.22
CA GLN F 63 37.21 32.81 -7.04
CA GLN F 63 37.21 32.80 -7.10
C GLN F 63 37.15 31.81 -8.20
C GLN F 63 37.05 31.84 -8.26
N GLN F 64 36.59 30.61 -7.97
CA GLN F 64 36.53 29.57 -9.01
C GLN F 64 35.48 29.89 -10.09
N TYR F 65 34.36 30.43 -9.63
CA TYR F 65 33.35 30.99 -10.52
C TYR F 65 33.92 32.08 -11.45
N SER F 66 34.62 33.04 -10.87
CA SER F 66 35.27 34.14 -11.60
C SER F 66 36.31 33.66 -12.59
N THR F 67 37.11 32.67 -12.18
CA THR F 67 38.08 32.04 -13.08
C THR F 67 37.42 31.44 -14.32
N LEU F 68 36.32 30.73 -14.12
CA LEU F 68 35.52 30.22 -15.23
C LEU F 68 35.09 31.31 -16.20
N LEU F 69 34.68 32.46 -15.65
CA LEU F 69 34.22 33.59 -16.43
C LEU F 69 35.35 34.27 -17.20
N ALA F 70 36.50 34.45 -16.53
CA ALA F 70 37.76 34.88 -17.20
C ALA F 70 38.16 33.98 -18.37
N GLN F 71 38.08 32.66 -18.18
N GLN F 71 38.06 32.67 -18.18
CA GLN F 71 38.40 31.70 -19.25
CA GLN F 71 38.39 31.68 -19.22
C GLN F 71 37.45 31.90 -20.43
C GLN F 71 37.42 31.80 -20.39
N GLU F 72 36.20 32.20 -20.10
CA GLU F 72 35.16 32.39 -21.10
C GLU F 72 35.42 33.65 -21.94
N ILE F 73 35.87 34.70 -21.26
CA ILE F 73 36.30 35.94 -21.89
C ILE F 73 37.49 35.68 -22.81
N ALA F 74 38.52 35.02 -22.28
CA ALA F 74 39.70 34.63 -23.07
C ALA F 74 39.35 33.80 -24.31
N ASN F 75 38.37 32.93 -24.19
CA ASN F 75 37.94 32.14 -25.34
C ASN F 75 37.21 32.95 -26.43
N GLY F 76 36.40 33.91 -26.00
CA GLY F 76 35.76 34.84 -26.92
C GLY F 76 36.78 35.63 -27.69
N VAL F 77 37.84 36.09 -27.01
CA VAL F 77 38.96 36.73 -27.67
C VAL F 77 39.56 35.84 -28.77
N THR F 78 39.78 34.56 -28.48
CA THR F 78 40.44 33.71 -29.48
C THR F 78 39.55 33.44 -30.69
N ILE F 79 38.25 33.29 -30.45
CA ILE F 79 37.23 33.18 -31.51
C ILE F 79 37.18 34.43 -32.43
N GLY F 80 37.28 35.62 -31.83
CA GLY F 80 37.42 36.84 -32.59
C GLY F 80 38.56 36.72 -33.59
N PHE F 81 39.71 36.20 -33.14
CA PHE F 81 40.88 36.01 -33.99
C PHE F 81 40.67 34.94 -35.06
N ARG F 82 40.04 33.83 -34.71
CA ARG F 82 39.86 32.71 -35.64
C ARG F 82 38.73 32.94 -36.67
N VAL F 84 38.59 35.43 -38.58
CA VAL F 84 39.26 35.99 -39.79
C VAL F 84 39.60 34.91 -40.84
N ASN F 85 40.15 33.79 -40.35
N ASN F 85 40.19 33.80 -40.41
CA ASN F 85 40.75 32.76 -41.20
CA ASN F 85 40.58 32.76 -41.35
C ASN F 85 40.07 31.38 -41.14
C ASN F 85 39.67 31.55 -41.32
N GLU F 86 39.23 31.18 -40.12
CA GLU F 86 38.52 29.91 -39.93
C GLU F 86 37.01 30.08 -39.80
N LYS F 87 36.46 31.03 -40.56
CA LYS F 87 35.04 31.37 -40.47
C LYS F 87 34.13 30.17 -40.68
N GLU F 88 34.39 29.35 -41.70
N GLU F 88 34.42 29.37 -41.72
CA GLU F 88 33.55 28.18 -41.95
CA GLU F 88 33.69 28.12 -42.01
C GLU F 88 33.39 27.27 -40.73
C GLU F 88 33.43 27.30 -40.76
N ARG F 89 34.51 26.91 -40.08
CA ARG F 89 34.49 26.00 -38.91
C ARG F 89 33.89 26.65 -37.68
N VAL F 90 34.38 27.85 -37.38
CA VAL F 90 33.91 28.61 -36.23
C VAL F 90 32.39 28.72 -36.30
N CYS F 91 31.87 29.06 -37.47
CA CYS F 91 30.43 29.25 -37.64
C CYS F 91 29.60 27.97 -37.68
N ASN F 92 29.99 27.06 -38.57
CA ASN F 92 29.19 25.89 -38.89
C ASN F 92 29.60 24.61 -38.18
N VAL F 93 30.72 24.62 -37.47
CA VAL F 93 31.07 23.46 -36.62
C VAL F 93 30.99 23.79 -35.12
N GLU F 94 31.42 24.98 -34.74
CA GLU F 94 31.53 25.34 -33.33
C GLU F 94 30.36 26.14 -32.75
N ILE F 95 30.02 27.25 -33.39
CA ILE F 95 29.12 28.22 -32.77
C ILE F 95 27.62 28.05 -33.05
N LEU F 96 27.21 28.12 -34.31
CA LEU F 96 25.77 28.03 -34.59
C LEU F 96 25.18 26.67 -34.14
N PRO F 97 25.90 25.55 -34.39
CA PRO F 97 25.42 24.28 -33.85
C PRO F 97 25.30 24.25 -32.32
N LEU F 98 26.24 24.88 -31.62
CA LEU F 98 26.13 25.03 -30.18
C LEU F 98 24.87 25.80 -29.79
N LEU F 99 24.64 26.93 -30.46
CA LEU F 99 23.52 27.76 -30.10
C LEU F 99 22.20 27.06 -30.38
N THR F 100 22.11 26.46 -31.58
CA THR F 100 20.96 25.66 -31.99
C THR F 100 20.69 24.53 -31.02
N SER F 101 21.73 23.77 -30.66
CA SER F 101 21.57 22.54 -29.88
C SER F 101 21.13 22.84 -28.45
N ALA F 103 19.39 25.40 -27.51
CA ALA F 103 18.02 25.91 -27.55
C ALA F 103 17.05 24.73 -27.57
N GLN F 104 17.31 23.77 -28.45
CA GLN F 104 16.49 22.57 -28.61
C GLN F 104 16.51 21.69 -27.35
N ASN F 105 17.69 21.50 -26.77
CA ASN F 105 17.82 20.67 -25.58
C ASN F 105 17.11 21.26 -24.36
N LEU F 106 17.31 22.56 -24.16
CA LEU F 106 16.63 23.34 -23.12
C LEU F 106 15.11 23.32 -23.24
N ASP F 107 14.59 23.42 -24.45
CA ASP F 107 13.13 23.38 -24.62
C ASP F 107 12.57 21.98 -24.36
N ARG F 108 13.31 20.94 -24.76
N ARG F 108 13.33 20.95 -24.72
CA ARG F 108 12.99 19.55 -24.40
CA ARG F 108 13.05 19.56 -24.43
C ARG F 108 12.92 19.37 -22.89
C ARG F 108 13.01 19.27 -22.93
N ILE F 109 13.93 19.87 -22.18
CA ILE F 109 14.00 19.73 -20.71
C ILE F 109 12.83 20.46 -20.02
N LYS F 110 12.51 21.66 -20.50
CA LYS F 110 11.41 22.45 -19.95
C LYS F 110 10.04 21.85 -20.24
N ALA F 111 9.86 21.25 -21.43
CA ALA F 111 8.63 20.52 -21.75
C ALA F 111 8.44 19.29 -20.87
N ARG F 112 9.56 18.68 -20.48
N ARG F 112 9.56 18.68 -20.47
CA ARG F 112 9.55 17.41 -19.74
CA ARG F 112 9.55 17.41 -19.74
C ARG F 112 9.34 17.58 -18.24
C ARG F 112 9.37 17.55 -18.23
N PHE F 113 9.95 18.61 -17.66
CA PHE F 113 9.98 18.80 -16.20
C PHE F 113 9.29 20.07 -15.73
N GLY F 114 8.97 20.95 -16.68
CA GLY F 114 8.29 22.20 -16.35
C GLY F 114 9.28 23.23 -15.85
N SER F 115 8.76 24.25 -15.18
CA SER F 115 9.59 25.36 -14.68
C SER F 115 10.59 24.99 -13.57
N GLY F 116 10.32 23.90 -12.86
CA GLY F 116 11.18 23.46 -11.75
C GLY F 116 12.27 22.50 -12.18
N TYR F 117 12.51 22.48 -13.49
CA TYR F 117 13.49 21.60 -14.14
C TYR F 117 14.88 21.60 -13.47
N LEU F 118 15.22 22.73 -12.86
CA LEU F 118 16.54 22.90 -12.27
C LEU F 118 16.83 21.86 -11.21
N ASP F 119 15.76 21.27 -10.65
CA ASP F 119 15.93 20.30 -9.58
C ASP F 119 16.62 19.05 -10.07
N ARG F 120 16.48 18.78 -11.37
N ARG F 120 16.49 18.78 -11.37
CA ARG F 120 17.17 17.65 -12.00
CA ARG F 120 17.16 17.63 -11.98
C ARG F 120 18.70 17.76 -11.89
C ARG F 120 18.69 17.78 -12.05
N PHE F 121 19.21 18.99 -11.83
CA PHE F 121 20.66 19.25 -11.87
C PHE F 121 21.33 19.28 -10.50
N LYS F 122 20.56 18.99 -9.45
CA LYS F 122 21.07 19.08 -8.09
C LYS F 122 21.61 17.76 -7.56
N GLY F 123 22.32 17.81 -6.43
CA GLY F 123 22.69 16.57 -5.73
C GLY F 123 23.80 15.68 -6.29
N SER F 124 24.53 16.14 -7.30
CA SER F 124 25.85 15.56 -7.54
C SER F 124 26.80 16.33 -6.62
N PRO F 125 28.02 15.82 -6.40
CA PRO F 125 28.88 16.53 -5.48
C PRO F 125 29.65 17.67 -6.16
N ASN F 126 29.35 17.89 -7.44
CA ASN F 126 30.02 18.88 -8.27
C ASN F 126 29.36 20.24 -8.12
N VAL F 127 30.14 21.24 -7.68
CA VAL F 127 29.67 22.60 -7.44
C VAL F 127 29.76 23.49 -8.72
N TYR F 128 30.78 23.24 -9.54
CA TYR F 128 31.04 24.02 -10.78
C TYR F 128 30.61 23.30 -12.05
N PRO F 129 30.20 24.05 -13.10
CA PRO F 129 29.67 23.34 -14.27
C PRO F 129 30.72 22.54 -14.99
N THR F 130 31.98 22.94 -14.85
CA THR F 130 33.11 22.30 -15.50
C THR F 130 33.74 21.21 -14.63
N ASP F 131 33.14 20.88 -13.49
CA ASP F 131 33.76 19.91 -12.60
C ASP F 131 33.80 18.52 -13.26
N VAL F 132 34.89 17.81 -12.98
CA VAL F 132 35.04 16.41 -13.36
C VAL F 132 35.42 15.62 -12.11
N GLY F 133 34.61 14.61 -11.82
CA GLY F 133 34.78 13.81 -10.64
C GLY F 133 34.42 12.37 -10.93
N PHE F 134 34.14 11.62 -9.86
CA PHE F 134 33.85 10.20 -9.97
C PHE F 134 32.36 9.86 -9.80
N SER F 135 31.88 8.96 -10.66
CA SER F 135 30.60 8.35 -10.40
C SER F 135 30.71 7.51 -9.12
N THR F 136 29.55 7.15 -8.60
CA THR F 136 29.38 6.60 -7.28
C THR F 136 28.82 5.16 -7.39
N ASP F 137 29.10 4.31 -6.40
CA ASP F 137 28.36 3.06 -6.23
C ASP F 137 27.00 3.38 -5.58
N ALA F 138 26.25 2.38 -5.22
CA ALA F 138 24.92 2.54 -4.62
C ALA F 138 24.93 2.95 -3.14
N SER F 139 26.14 3.05 -2.58
CA SER F 139 26.34 3.36 -1.15
C SER F 139 27.00 4.71 -0.93
N GLY F 140 27.11 5.46 -2.01
CA GLY F 140 27.70 6.78 -1.99
C GLY F 140 29.22 6.76 -2.09
N GLY F 141 29.83 5.59 -2.29
CA GLY F 141 31.30 5.52 -2.28
C GLY F 141 31.84 5.56 -3.70
N ILE F 142 33.14 5.36 -3.82
CA ILE F 142 33.79 5.21 -5.10
C ILE F 142 34.41 3.79 -5.07
N SER F 143 34.19 3.02 -6.14
CA SER F 143 34.79 1.69 -6.28
C SER F 143 35.46 1.65 -7.64
N GLN F 144 36.14 0.54 -7.97
CA GLN F 144 36.75 0.44 -9.28
C GLN F 144 35.77 0.27 -10.41
N GLU F 145 34.48 0.18 -10.09
CA GLU F 145 33.44 0.20 -11.10
C GLU F 145 33.05 1.63 -11.47
N SER F 146 33.45 2.60 -10.64
CA SER F 146 33.17 4.01 -10.91
C SER F 146 33.89 4.55 -12.15
N GLY F 147 33.31 5.59 -12.75
CA GLY F 147 33.90 6.29 -13.87
C GLY F 147 33.76 7.77 -13.68
N LEU F 148 33.56 8.48 -14.80
CA LEU F 148 33.51 9.92 -14.81
C LEU F 148 32.13 10.48 -14.50
N LEU F 149 32.10 11.43 -13.56
CA LEU F 149 30.93 12.23 -13.32
C LEU F 149 31.23 13.72 -13.60
N VAL F 150 30.58 14.24 -14.64
CA VAL F 150 30.97 15.53 -15.18
C VAL F 150 29.85 16.55 -15.00
N SER F 151 30.21 17.77 -14.61
CA SER F 151 29.23 18.86 -14.46
C SER F 151 28.12 18.48 -13.48
N TYR F 152 26.92 19.00 -13.72
CA TYR F 152 25.83 18.86 -12.77
C TYR F 152 25.02 17.58 -12.99
N GLY F 153 25.70 16.45 -12.87
CA GLY F 153 25.05 15.16 -13.09
C GLY F 153 25.23 14.43 -14.41
N VAL F 154 26.14 14.91 -15.29
CA VAL F 154 26.47 14.12 -16.52
C VAL F 154 27.33 12.88 -16.19
N ASN F 155 26.65 11.77 -16.01
CA ASN F 155 27.27 10.52 -15.61
C ASN F 155 27.71 9.73 -16.84
N LEU F 156 28.98 9.89 -17.18
CA LEU F 156 29.51 9.31 -18.39
C LEU F 156 29.68 7.79 -18.28
N ARG F 157 29.98 7.31 -17.07
CA ARG F 157 30.20 5.90 -16.75
C ARG F 157 28.96 5.08 -17.03
N THR F 158 27.83 5.72 -16.78
CA THR F 158 26.57 5.08 -16.77
C THR F 158 25.84 5.30 -18.11
N LEU F 159 26.29 6.30 -18.85
CA LEU F 159 25.68 6.68 -20.12
C LEU F 159 25.83 5.58 -21.17
N THR F 160 24.72 5.30 -21.86
CA THR F 160 24.66 4.23 -22.83
C THR F 160 25.23 4.70 -24.18
N PRO F 161 25.97 3.83 -24.91
CA PRO F 161 26.47 4.20 -26.24
C PRO F 161 25.34 4.62 -27.18
N GLY F 162 24.15 4.05 -26.98
CA GLY F 162 22.96 4.39 -27.75
C GLY F 162 22.39 5.77 -27.43
N THR F 163 22.13 6.01 -26.16
CA THR F 163 21.59 7.31 -25.71
C THR F 163 22.60 8.44 -25.88
N TRP F 164 23.87 8.09 -25.94
CA TRP F 164 24.94 8.99 -26.34
C TRP F 164 24.79 9.43 -27.81
N GLN F 165 24.53 8.45 -28.68
N GLN F 165 24.52 8.48 -28.69
CA GLN F 165 24.31 8.70 -30.11
CA GLN F 165 24.34 8.76 -30.11
C GLN F 165 23.10 9.61 -30.31
C GLN F 165 23.04 9.55 -30.38
N ALA F 166 22.10 9.46 -29.44
CA ALA F 166 20.84 10.22 -29.52
C ALA F 166 20.92 11.66 -28.99
N THR F 168 21.90 15.52 -28.89
CA THR F 168 22.19 16.61 -29.84
C THR F 168 23.32 17.51 -29.27
N LEU F 169 24.49 17.43 -29.92
CA LEU F 169 25.73 17.99 -29.37
C LEU F 169 26.67 18.38 -30.52
N PRO F 170 27.26 19.60 -30.47
CA PRO F 170 28.26 19.95 -31.49
C PRO F 170 29.41 18.96 -31.51
N GLU F 171 30.01 18.80 -32.69
N GLU F 171 30.04 18.80 -32.67
CA GLU F 171 31.11 17.88 -32.98
CA GLU F 171 31.05 17.76 -32.88
C GLU F 171 32.19 17.84 -31.90
C GLU F 171 32.27 17.82 -31.94
N ASP F 172 32.71 19.02 -31.56
CA ASP F 172 33.91 19.15 -30.69
C ASP F 172 33.69 18.67 -29.24
N ILE F 173 32.49 18.89 -28.73
CA ILE F 173 32.08 18.36 -27.41
C ILE F 173 31.87 16.85 -27.48
N LYS F 174 31.21 16.40 -28.53
CA LYS F 174 31.06 14.96 -28.81
C LYS F 174 32.43 14.24 -28.89
N ALA F 175 33.41 14.85 -29.54
CA ALA F 175 34.76 14.29 -29.67
C ALA F 175 35.55 14.27 -28.36
N LEU F 176 35.33 15.29 -27.54
CA LEU F 176 36.01 15.44 -26.24
C LEU F 176 35.51 14.46 -25.19
N VAL F 177 34.21 14.21 -25.20
CA VAL F 177 33.55 13.53 -24.09
C VAL F 177 33.25 12.06 -24.39
N GLY F 178 33.15 11.74 -25.69
CA GLY F 178 32.87 10.40 -26.17
C GLY F 178 33.75 9.29 -25.61
N PRO F 179 35.08 9.55 -25.52
CA PRO F 179 36.01 8.57 -24.95
C PRO F 179 35.75 8.15 -23.49
N GLY F 180 35.09 9.00 -22.73
CA GLY F 180 34.72 8.67 -21.34
C GLY F 180 33.44 7.85 -21.19
N VAL F 181 32.64 7.73 -22.24
CA VAL F 181 31.34 7.05 -22.15
C VAL F 181 31.55 5.60 -21.71
N GLY F 182 31.01 5.24 -20.55
CA GLY F 182 31.17 3.89 -20.01
C GLY F 182 32.56 3.54 -19.48
N LEU F 183 33.46 4.52 -19.42
CA LEU F 183 34.85 4.18 -19.06
C LEU F 183 35.04 3.95 -17.55
N ARG F 184 35.59 2.79 -17.19
N ARG F 184 35.62 2.80 -17.20
CA ARG F 184 35.88 2.44 -15.78
CA ARG F 184 35.94 2.46 -15.81
C ARG F 184 37.20 3.08 -15.34
C ARG F 184 37.21 3.14 -15.35
N LEU F 185 37.31 3.40 -14.05
CA LEU F 185 38.49 4.14 -13.54
C LEU F 185 39.82 3.36 -13.56
N ASP F 186 39.75 2.04 -13.75
CA ASP F 186 40.96 1.25 -13.87
C ASP F 186 41.35 0.99 -15.32
N ALA F 187 40.64 1.61 -16.26
CA ALA F 187 41.02 1.58 -17.68
C ALA F 187 42.37 2.25 -17.93
N PRO F 188 43.16 1.73 -18.91
CA PRO F 188 44.51 2.28 -19.13
C PRO F 188 44.49 3.71 -19.65
N ASN F 189 43.41 4.10 -20.32
CA ASN F 189 43.28 5.50 -20.77
C ASN F 189 42.46 6.47 -19.87
N PHE F 190 42.06 6.00 -18.69
CA PHE F 190 41.18 6.80 -17.81
C PHE F 190 41.80 8.12 -17.36
N SER F 191 43.05 8.08 -16.90
CA SER F 191 43.73 9.28 -16.45
C SER F 191 43.84 10.31 -17.57
N ASP F 192 44.30 9.85 -18.73
CA ASP F 192 44.32 10.69 -19.92
C ASP F 192 42.95 11.27 -20.26
N VAL F 193 41.90 10.44 -20.25
CA VAL F 193 40.54 10.88 -20.63
C VAL F 193 39.93 11.81 -19.57
N PHE F 194 40.09 11.44 -18.31
CA PHE F 194 39.71 12.26 -17.17
C PHE F 194 40.26 13.69 -17.35
N ASN F 195 41.53 13.76 -17.70
CA ASN F 195 42.21 15.05 -17.76
C ASN F 195 42.11 15.88 -19.03
N THR F 196 41.94 15.20 -20.16
CA THR F 196 41.48 15.80 -21.42
C THR F 196 40.14 16.52 -21.27
N ILE F 197 39.19 15.85 -20.64
CA ILE F 197 37.83 16.36 -20.48
C ILE F 197 37.87 17.55 -19.55
N LYS F 198 38.54 17.37 -18.42
CA LYS F 198 38.73 18.42 -17.47
C LYS F 198 39.32 19.67 -18.11
N SER F 199 40.43 19.51 -18.79
CA SER F 199 41.14 20.63 -19.40
C SER F 199 40.40 21.25 -20.57
N GLY F 200 39.67 20.42 -21.32
CA GLY F 200 38.90 20.84 -22.49
C GLY F 200 37.59 21.57 -22.19
N LEU F 201 37.05 21.43 -20.98
CA LEU F 201 35.72 21.96 -20.72
C LEU F 201 35.77 23.45 -20.39
N ARG F 202 34.74 24.16 -20.84
CA ARG F 202 34.52 25.53 -20.39
C ARG F 202 33.12 25.66 -19.86
N TYR F 203 32.86 26.75 -19.12
CA TYR F 203 31.59 27.00 -18.47
C TYR F 203 30.47 26.83 -19.47
N THR F 204 30.65 27.48 -20.61
CA THR F 204 29.70 27.54 -21.70
C THR F 204 29.45 26.17 -22.39
N THR F 205 30.51 25.40 -22.61
CA THR F 205 30.42 24.09 -23.27
C THR F 205 30.03 22.94 -22.32
N ALA F 206 30.39 23.08 -21.04
CA ALA F 206 29.86 22.22 -19.95
C ALA F 206 28.34 22.35 -19.85
N VAL F 207 27.81 23.56 -19.99
CA VAL F 207 26.36 23.74 -19.93
C VAL F 207 25.70 23.11 -21.18
N THR F 208 26.36 23.22 -22.33
CA THR F 208 25.91 22.57 -23.59
C THR F 208 25.79 21.03 -23.40
N LEU F 209 26.82 20.43 -22.81
CA LEU F 209 26.85 19.00 -22.54
C LEU F 209 25.74 18.64 -21.57
N LEU F 210 25.59 19.45 -20.51
CA LEU F 210 24.60 19.23 -19.46
C LEU F 210 23.18 19.11 -20.04
N LEU F 211 22.82 20.06 -20.88
CA LEU F 211 21.51 20.10 -21.49
C LEU F 211 21.32 18.98 -22.52
N ALA F 212 22.36 18.63 -23.27
CA ALA F 212 22.26 17.53 -24.23
C ALA F 212 21.92 16.20 -23.57
N TYR F 213 22.69 15.87 -22.53
CA TYR F 213 22.52 14.70 -21.68
C TYR F 213 21.12 14.69 -21.06
N PHE F 214 20.78 15.73 -20.33
CA PHE F 214 19.51 15.76 -19.60
C PHE F 214 18.29 15.86 -20.48
N ALA F 215 18.48 16.22 -21.73
CA ALA F 215 17.41 16.17 -22.72
C ALA F 215 17.21 14.72 -23.19
N ALA F 216 18.29 13.94 -23.26
CA ALA F 216 18.23 12.63 -23.89
C ALA F 216 17.92 11.52 -22.89
N ILE F 217 18.35 11.74 -21.65
CA ILE F 217 18.56 10.67 -20.70
C ILE F 217 17.26 10.12 -20.13
N GLY F 218 16.20 10.94 -20.13
CA GLY F 218 14.92 10.54 -19.57
C GLY F 218 14.94 10.62 -18.04
N ILE G 6 -43.17 3.15 -34.32
CA ILE G 6 -42.45 2.19 -33.44
C ILE G 6 -40.95 2.48 -33.30
N ASN G 7 -40.33 1.87 -32.28
CA ASN G 7 -38.91 2.02 -32.00
C ASN G 7 -38.41 0.76 -31.33
N ILE G 8 -37.09 0.58 -31.29
CA ILE G 8 -36.53 -0.69 -30.83
C ILE G 8 -36.63 -0.90 -29.30
N TYR G 9 -36.68 0.20 -28.54
CA TYR G 9 -36.75 0.10 -27.09
C TYR G 9 -38.11 -0.43 -26.64
N GLN G 10 -39.18 0.14 -27.21
CA GLN G 10 -40.56 -0.25 -26.86
C GLN G 10 -41.16 -1.35 -27.73
N ASN G 11 -40.67 -1.52 -28.96
CA ASN G 11 -41.12 -2.57 -29.89
C ASN G 11 -39.94 -3.42 -30.39
N PRO G 12 -39.22 -4.10 -29.47
CA PRO G 12 -38.03 -4.86 -29.93
C PRO G 12 -38.36 -5.95 -30.94
N GLY G 13 -39.45 -6.68 -30.73
CA GLY G 13 -39.87 -7.75 -31.64
C GLY G 13 -40.18 -7.21 -33.01
N GLN G 14 -40.99 -6.16 -33.07
CA GLN G 14 -41.43 -5.61 -34.35
C GLN G 14 -40.26 -5.05 -35.13
N SER G 15 -39.41 -4.26 -34.45
CA SER G 15 -38.20 -3.65 -35.04
C SER G 15 -37.30 -4.70 -35.64
N LEU G 16 -36.89 -5.64 -34.81
CA LEU G 16 -36.00 -6.72 -35.26
C LEU G 16 -36.62 -7.67 -36.29
N ALA G 17 -37.89 -8.03 -36.10
CA ALA G 17 -38.72 -8.71 -37.12
C ALA G 17 -38.61 -8.04 -38.50
N ASN G 18 -38.72 -6.72 -38.53
CA ASN G 18 -38.67 -5.94 -39.76
C ASN G 18 -37.34 -6.13 -40.49
N ILE G 19 -36.25 -6.00 -39.72
CA ILE G 19 -34.89 -6.19 -40.24
C ILE G 19 -34.72 -7.62 -40.74
N TYR G 20 -35.14 -8.60 -39.94
CA TYR G 20 -35.00 -10.02 -40.31
C TYR G 20 -35.91 -10.47 -41.46
N LYS G 21 -37.02 -9.76 -41.65
CA LYS G 21 -37.89 -9.97 -42.80
C LYS G 21 -37.15 -9.57 -44.08
N GLY G 22 -36.40 -8.47 -43.96
CA GLY G 22 -35.49 -8.01 -45.01
C GLY G 22 -34.44 -9.04 -45.36
N PHE G 23 -33.81 -9.66 -44.35
CA PHE G 23 -32.83 -10.75 -44.59
C PHE G 23 -33.48 -11.97 -45.24
N ALA G 24 -34.62 -12.39 -44.71
CA ALA G 24 -35.34 -13.55 -45.21
C ALA G 24 -35.78 -13.40 -46.67
N ARG G 25 -35.99 -12.15 -47.13
CA ARG G 25 -36.30 -11.88 -48.53
C ARG G 25 -35.08 -11.99 -49.46
N GLN G 26 -33.94 -11.46 -49.02
CA GLN G 26 -32.64 -11.70 -49.65
C GLN G 26 -32.44 -13.21 -49.87
N CYS G 27 -32.60 -13.98 -48.79
CA CYS G 27 -32.42 -15.42 -48.79
C CYS G 27 -33.33 -16.17 -49.76
N ASN G 28 -34.61 -15.79 -49.75
CA ASN G 28 -35.64 -16.44 -50.55
C ASN G 28 -36.95 -15.67 -50.38
N PRO G 29 -37.35 -14.92 -51.43
CA PRO G 29 -38.66 -14.24 -51.39
C PRO G 29 -39.84 -15.21 -51.23
N GLY G 30 -39.62 -16.48 -51.55
CA GLY G 30 -40.64 -17.53 -51.41
C GLY G 30 -40.78 -18.11 -50.01
N PHE G 31 -39.81 -17.82 -49.15
CA PHE G 31 -39.86 -18.24 -47.74
C PHE G 31 -40.93 -17.45 -46.99
N VAL G 32 -41.83 -18.14 -46.31
CA VAL G 32 -42.91 -17.49 -45.59
C VAL G 32 -42.42 -17.04 -44.21
N PHE G 33 -42.21 -15.73 -44.08
CA PHE G 33 -41.70 -15.16 -42.85
C PHE G 33 -42.72 -15.34 -41.71
N PRO G 34 -42.31 -16.00 -40.60
CA PRO G 34 -43.26 -16.19 -39.48
C PRO G 34 -43.33 -14.94 -38.58
N GLU G 35 -44.05 -13.92 -39.04
CA GLU G 35 -43.96 -12.59 -38.43
C GLU G 35 -44.58 -12.51 -37.05
N ALA G 36 -45.78 -13.08 -36.89
CA ALA G 36 -46.47 -13.09 -35.59
C ALA G 36 -45.58 -13.67 -34.50
N GLN G 37 -45.02 -14.84 -34.79
CA GLN G 37 -44.26 -15.58 -33.81
C GLN G 37 -42.94 -14.93 -33.50
N THR G 38 -42.36 -14.27 -34.51
CA THR G 38 -41.09 -13.63 -34.34
C THR G 38 -41.18 -12.35 -33.49
N ILE G 39 -42.24 -11.59 -33.67
CA ILE G 39 -42.48 -10.40 -32.85
C ILE G 39 -42.77 -10.83 -31.39
N GLU G 40 -43.67 -11.78 -31.21
CA GLU G 40 -44.01 -12.30 -29.88
C GLU G 40 -42.79 -12.82 -29.11
N ALA G 41 -41.96 -13.62 -29.76
CA ALA G 41 -40.72 -14.16 -29.17
C ALA G 41 -39.72 -13.09 -28.76
N TRP G 42 -39.44 -12.15 -29.64
CA TRP G 42 -38.45 -11.11 -29.34
C TRP G 42 -38.99 -9.98 -28.48
N ASP G 43 -40.27 -10.04 -28.16
CA ASP G 43 -40.90 -9.17 -27.18
C ASP G 43 -40.89 -9.75 -25.75
N ILE G 44 -40.63 -11.05 -25.63
CA ILE G 44 -40.63 -11.75 -24.33
C ILE G 44 -39.79 -11.04 -23.25
N PRO G 45 -38.51 -10.72 -23.54
CA PRO G 45 -37.77 -10.01 -22.48
C PRO G 45 -38.47 -8.72 -22.00
N LEU G 46 -39.09 -7.95 -22.90
CA LEU G 46 -39.78 -6.73 -22.49
C LEU G 46 -41.08 -6.99 -21.67
N ARG G 47 -41.81 -8.05 -22.06
N ARG G 47 -41.84 -8.04 -22.02
CA ARG G 47 -43.00 -8.49 -21.34
CA ARG G 47 -43.05 -8.36 -21.27
C ARG G 47 -42.70 -8.77 -19.88
C ARG G 47 -42.75 -8.83 -19.85
N LEU G 48 -41.63 -9.54 -19.67
CA LEU G 48 -41.18 -9.96 -18.35
C LEU G 48 -40.68 -8.78 -17.54
N HIS G 49 -40.12 -7.79 -18.25
CA HIS G 49 -39.47 -6.63 -17.65
C HIS G 49 -39.87 -5.26 -18.22
N PRO G 50 -41.14 -4.85 -18.04
CA PRO G 50 -41.56 -3.57 -18.60
C PRO G 50 -40.84 -2.36 -18.00
N GLU G 51 -40.24 -2.53 -16.81
CA GLU G 51 -39.38 -1.50 -16.18
C GLU G 51 -38.15 -1.17 -16.97
N PHE G 52 -37.85 -1.98 -17.99
CA PHE G 52 -36.72 -1.69 -18.88
C PHE G 52 -36.94 -0.29 -19.47
N ILE G 53 -38.20 0.05 -19.73
CA ILE G 53 -38.61 1.39 -20.15
C ILE G 53 -39.52 1.99 -19.09
N PRO G 54 -38.94 2.57 -18.02
CA PRO G 54 -39.71 2.99 -16.85
C PRO G 54 -40.81 3.97 -17.23
N GLY G 55 -42.03 3.74 -16.73
CA GLY G 55 -43.16 4.64 -16.99
C GLY G 55 -43.31 5.03 -18.45
N GLY G 56 -42.83 4.17 -19.36
CA GLY G 56 -42.94 4.40 -20.78
C GLY G 56 -42.05 5.47 -21.42
N ASP G 57 -41.15 6.08 -20.64
N ASP G 57 -41.10 5.98 -20.64
CA ASP G 57 -40.22 7.03 -21.26
CA ASP G 57 -40.15 6.99 -21.12
C ASP G 57 -38.88 6.37 -21.61
C ASP G 57 -38.86 6.32 -21.60
N ILE G 58 -38.55 6.45 -22.90
CA ILE G 58 -37.33 5.80 -23.44
C ILE G 58 -36.05 6.51 -23.03
N SER G 59 -36.19 7.73 -22.54
CA SER G 59 -35.04 8.51 -22.06
C SER G 59 -34.44 7.89 -20.79
N LYS G 60 -35.24 7.11 -20.07
N LYS G 60 -35.25 7.09 -20.09
CA LYS G 60 -34.80 6.45 -18.84
CA LYS G 60 -34.84 6.44 -18.84
C LYS G 60 -34.62 4.93 -19.04
C LYS G 60 -34.62 4.93 -19.04
N ALA G 61 -34.48 4.52 -20.30
CA ALA G 61 -34.29 3.09 -20.62
C ALA G 61 -33.10 2.50 -19.87
N ASP G 62 -33.32 1.31 -19.34
N ASP G 62 -33.32 1.36 -19.24
CA ASP G 62 -32.30 0.48 -18.69
CA ASP G 62 -32.23 0.77 -18.47
C ASP G 62 -31.05 0.41 -19.57
C ASP G 62 -31.10 0.39 -19.43
N GLN G 63 -29.88 0.75 -19.01
CA GLN G 63 -28.66 0.77 -19.81
C GLN G 63 -28.32 -0.61 -20.40
N GLN G 64 -28.45 -1.67 -19.62
CA GLN G 64 -28.04 -3.01 -20.07
C GLN G 64 -28.92 -3.53 -21.18
N TYR G 65 -30.21 -3.27 -21.07
CA TYR G 65 -31.21 -3.58 -22.09
C TYR G 65 -30.87 -2.88 -23.41
N SER G 66 -30.58 -1.57 -23.33
CA SER G 66 -30.19 -0.78 -24.51
C SER G 66 -28.94 -1.34 -25.20
N THR G 67 -27.92 -1.69 -24.41
CA THR G 67 -26.66 -2.28 -24.90
C THR G 67 -26.90 -3.56 -25.69
N LEU G 68 -27.83 -4.38 -25.20
CA LEU G 68 -28.28 -5.59 -25.87
C LEU G 68 -28.89 -5.32 -27.23
N LEU G 69 -29.71 -4.28 -27.30
CA LEU G 69 -30.34 -3.86 -28.53
C LEU G 69 -29.33 -3.25 -29.51
N ALA G 70 -28.36 -2.48 -29.00
CA ALA G 70 -27.23 -1.94 -29.78
C ALA G 70 -26.35 -3.07 -30.29
N GLN G 71 -26.25 -4.15 -29.54
CA GLN G 71 -25.56 -5.35 -30.03
C GLN G 71 -26.26 -6.01 -31.21
N GLU G 72 -27.59 -6.10 -31.14
CA GLU G 72 -28.39 -6.66 -32.23
C GLU G 72 -28.30 -5.84 -33.52
N ILE G 73 -28.26 -4.52 -33.34
CA ILE G 73 -28.13 -3.57 -34.45
C ILE G 73 -26.78 -3.77 -35.14
N ALA G 74 -25.74 -3.83 -34.32
CA ALA G 74 -24.39 -4.12 -34.77
C ALA G 74 -24.29 -5.48 -35.48
N ASN G 75 -24.94 -6.52 -34.94
CA ASN G 75 -24.98 -7.82 -35.62
C ASN G 75 -25.71 -7.80 -36.98
N GLY G 76 -26.82 -7.06 -37.05
CA GLY G 76 -27.58 -6.90 -38.30
C GLY G 76 -26.73 -6.26 -39.40
N VAL G 77 -25.82 -5.38 -38.99
CA VAL G 77 -24.87 -4.72 -39.89
C VAL G 77 -23.87 -5.73 -40.45
N THR G 78 -23.35 -6.56 -39.56
CA THR G 78 -22.42 -7.64 -39.89
C THR G 78 -23.03 -8.65 -40.88
N ILE G 79 -24.31 -8.97 -40.70
CA ILE G 79 -25.07 -9.85 -41.62
C ILE G 79 -25.21 -9.30 -43.02
N GLY G 80 -25.46 -7.99 -43.14
CA GLY G 80 -25.57 -7.35 -44.44
C GLY G 80 -24.29 -7.49 -45.24
N PHE G 81 -23.16 -7.27 -44.57
CA PHE G 81 -21.85 -7.45 -45.19
C PHE G 81 -21.59 -8.91 -45.56
N ARG G 82 -21.99 -9.83 -44.69
CA ARG G 82 -21.76 -11.28 -44.90
C ARG G 82 -22.69 -11.95 -45.90
N VAL G 84 -23.14 -10.98 -48.70
CA VAL G 84 -22.43 -10.82 -49.99
C VAL G 84 -21.73 -12.12 -50.44
N ASN G 85 -20.83 -12.64 -49.61
N ASN G 85 -20.83 -12.62 -49.59
CA ASN G 85 -20.09 -13.86 -49.96
CA ASN G 85 -20.05 -13.81 -49.89
C ASN G 85 -20.23 -15.04 -49.00
C ASN G 85 -20.65 -15.08 -49.28
N GLU G 86 -21.18 -14.95 -48.07
CA GLU G 86 -21.59 -16.10 -47.25
C GLU G 86 -23.11 -16.32 -47.24
N LYS G 87 -23.77 -16.04 -48.36
CA LYS G 87 -25.22 -16.16 -48.47
C LYS G 87 -25.78 -17.54 -48.06
N GLU G 88 -25.10 -18.59 -48.50
N GLU G 88 -25.16 -18.61 -48.55
CA GLU G 88 -25.55 -19.99 -48.35
CA GLU G 88 -25.63 -19.98 -48.28
C GLU G 88 -25.47 -20.54 -46.90
C GLU G 88 -25.67 -20.28 -46.78
N ARG G 89 -24.60 -19.93 -46.07
CA ARG G 89 -24.51 -20.23 -44.64
C ARG G 89 -25.41 -19.30 -43.84
N VAL G 90 -25.29 -18.00 -44.09
CA VAL G 90 -26.15 -17.00 -43.48
C VAL G 90 -27.61 -17.41 -43.60
N CYS G 91 -28.02 -17.82 -44.80
CA CYS G 91 -29.41 -18.17 -45.05
C CYS G 91 -29.80 -19.55 -44.53
N ASN G 92 -29.05 -20.58 -44.94
CA ASN G 92 -29.48 -21.96 -44.70
C ASN G 92 -28.96 -22.60 -43.40
N VAL G 93 -27.96 -22.00 -42.76
CA VAL G 93 -27.52 -22.46 -41.43
C VAL G 93 -28.01 -21.50 -40.32
N GLU G 94 -27.86 -20.19 -40.54
CA GLU G 94 -28.07 -19.19 -39.48
C GLU G 94 -29.46 -18.55 -39.36
N ILE G 95 -29.95 -17.94 -40.43
CA ILE G 95 -31.15 -17.13 -40.30
C ILE G 95 -32.47 -17.92 -40.46
N LEU G 96 -32.65 -18.61 -41.59
CA LEU G 96 -33.91 -19.34 -41.80
C LEU G 96 -34.17 -20.46 -40.77
N PRO G 97 -33.14 -21.28 -40.46
CA PRO G 97 -33.31 -22.22 -39.36
C PRO G 97 -33.70 -21.58 -38.04
N LEU G 98 -33.14 -20.42 -37.73
CA LEU G 98 -33.53 -19.72 -36.50
C LEU G 98 -35.00 -19.29 -36.48
N LEU G 99 -35.49 -18.79 -37.61
CA LEU G 99 -36.86 -18.28 -37.68
C LEU G 99 -37.89 -19.40 -37.67
N THR G 100 -37.60 -20.46 -38.41
CA THR G 100 -38.46 -21.63 -38.46
C THR G 100 -38.52 -22.28 -37.08
N SER G 101 -37.33 -22.52 -36.54
CA SER G 101 -37.13 -23.11 -35.20
C SER G 101 -37.95 -22.41 -34.13
N ALA G 103 -40.44 -20.16 -34.23
CA ALA G 103 -41.87 -20.16 -34.48
C ALA G 103 -42.48 -21.50 -34.07
N GLN G 104 -41.82 -22.59 -34.42
CA GLN G 104 -42.33 -23.91 -34.05
C GLN G 104 -42.26 -24.10 -32.55
N ASN G 105 -41.12 -23.72 -31.98
CA ASN G 105 -40.91 -23.79 -30.54
C ASN G 105 -41.89 -22.89 -29.77
N LEU G 106 -42.15 -21.68 -30.28
CA LEU G 106 -43.15 -20.82 -29.63
C LEU G 106 -44.52 -21.50 -29.66
N ASP G 107 -44.86 -22.04 -30.83
CA ASP G 107 -46.16 -22.67 -31.05
C ASP G 107 -46.35 -23.86 -30.12
N ARG G 108 -45.29 -24.63 -29.89
N ARG G 108 -45.27 -24.60 -29.91
CA ARG G 108 -45.42 -25.79 -29.01
CA ARG G 108 -45.24 -25.78 -29.06
C ARG G 108 -45.50 -25.40 -27.53
C ARG G 108 -45.47 -25.39 -27.59
N ILE G 109 -44.75 -24.35 -27.14
CA ILE G 109 -44.93 -23.78 -25.80
C ILE G 109 -46.40 -23.34 -25.52
N LYS G 110 -47.03 -22.64 -26.44
CA LYS G 110 -48.40 -22.18 -26.26
C LYS G 110 -49.34 -23.36 -26.19
N ALA G 111 -49.02 -24.41 -26.96
CA ALA G 111 -49.84 -25.60 -26.99
C ALA G 111 -49.69 -26.42 -25.70
N ARG G 112 -48.48 -26.46 -25.14
CA ARG G 112 -48.20 -27.22 -23.92
C ARG G 112 -48.62 -26.47 -22.69
N PHE G 113 -48.39 -25.16 -22.69
CA PHE G 113 -48.53 -24.34 -21.48
C PHE G 113 -49.64 -23.31 -21.50
N GLY G 114 -50.25 -23.08 -22.67
CA GLY G 114 -51.37 -22.14 -22.81
C GLY G 114 -50.91 -20.69 -22.83
N SER G 115 -51.86 -19.77 -22.74
CA SER G 115 -51.59 -18.33 -22.95
C SER G 115 -50.81 -17.68 -21.80
N GLY G 116 -50.77 -18.36 -20.66
CA GLY G 116 -49.97 -17.95 -19.53
C GLY G 116 -48.54 -18.46 -19.52
N TYR G 117 -48.05 -18.93 -20.67
CA TYR G 117 -46.71 -19.55 -20.77
C TYR G 117 -45.54 -18.69 -20.23
N LEU G 118 -45.70 -17.36 -20.16
CA LEU G 118 -44.60 -16.51 -19.63
C LEU G 118 -44.22 -16.84 -18.18
N ASP G 119 -45.17 -17.39 -17.42
CA ASP G 119 -44.96 -17.86 -16.04
C ASP G 119 -43.85 -18.89 -15.90
N ARG G 120 -43.64 -19.66 -16.96
CA ARG G 120 -42.52 -20.60 -17.03
C ARG G 120 -41.18 -19.90 -17.03
N PHE G 121 -41.17 -18.62 -17.45
CA PHE G 121 -39.93 -17.87 -17.60
C PHE G 121 -39.64 -16.98 -16.38
N LYS G 122 -40.68 -16.58 -15.66
CA LYS G 122 -40.46 -15.65 -14.57
C LYS G 122 -39.96 -16.31 -13.28
N GLY G 123 -39.46 -15.47 -12.36
CA GLY G 123 -38.94 -15.91 -11.08
C GLY G 123 -37.52 -16.45 -11.08
N SER G 124 -36.82 -16.27 -12.20
CA SER G 124 -35.44 -16.70 -12.29
C SER G 124 -34.58 -15.54 -11.80
N PRO G 125 -33.41 -15.85 -11.26
CA PRO G 125 -32.60 -14.73 -10.81
C PRO G 125 -31.95 -13.96 -11.98
N ASN G 126 -32.12 -14.44 -13.21
CA ASN G 126 -31.59 -13.75 -14.39
C ASN G 126 -32.53 -12.67 -14.86
N VAL G 127 -32.07 -11.42 -14.86
CA VAL G 127 -32.90 -10.30 -15.32
C VAL G 127 -32.94 -10.18 -16.85
N TYR G 128 -31.81 -10.45 -17.48
CA TYR G 128 -31.60 -10.25 -18.92
C TYR G 128 -31.58 -11.56 -19.67
N PRO G 129 -32.10 -11.55 -20.91
CA PRO G 129 -32.24 -12.83 -21.62
C PRO G 129 -30.89 -13.50 -21.93
N THR G 130 -29.83 -12.70 -21.87
CA THR G 130 -28.48 -13.16 -22.21
C THR G 130 -27.64 -13.54 -20.99
N ASP G 131 -28.22 -13.43 -19.78
CA ASP G 131 -27.50 -13.76 -18.57
C ASP G 131 -27.04 -15.21 -18.53
N VAL G 132 -25.86 -15.38 -17.93
CA VAL G 132 -25.29 -16.68 -17.65
C VAL G 132 -24.90 -16.58 -16.18
N GLY G 133 -25.53 -17.41 -15.36
CA GLY G 133 -25.16 -17.53 -13.98
C GLY G 133 -25.06 -18.98 -13.57
N PHE G 134 -25.22 -19.21 -12.28
CA PHE G 134 -25.04 -20.54 -11.69
C PHE G 134 -26.38 -21.21 -11.36
N SER G 135 -26.51 -22.48 -11.69
CA SER G 135 -27.64 -23.21 -11.19
C SER G 135 -27.51 -23.33 -9.65
N THR G 136 -28.66 -23.52 -8.99
CA THR G 136 -28.73 -23.57 -7.56
C THR G 136 -29.12 -24.98 -7.13
N ASP G 137 -28.78 -25.31 -5.88
CA ASP G 137 -29.23 -26.53 -5.25
C ASP G 137 -30.65 -26.35 -4.70
N ALA G 138 -31.14 -27.39 -4.05
CA ALA G 138 -32.48 -27.42 -3.48
C ALA G 138 -32.82 -26.16 -2.69
N SER G 139 -31.91 -25.76 -1.80
CA SER G 139 -32.13 -24.61 -0.92
C SER G 139 -31.96 -23.25 -1.61
N GLY G 140 -31.46 -23.25 -2.85
CA GLY G 140 -31.15 -22.00 -3.55
C GLY G 140 -29.69 -21.62 -3.44
N GLY G 141 -28.87 -22.49 -2.85
CA GLY G 141 -27.45 -22.24 -2.72
C GLY G 141 -26.70 -22.58 -3.97
N ILE G 142 -25.39 -22.30 -3.99
CA ILE G 142 -24.50 -22.71 -5.08
C ILE G 142 -23.52 -23.71 -4.46
N SER G 143 -23.22 -24.81 -5.15
CA SER G 143 -22.21 -25.74 -4.71
C SER G 143 -21.37 -26.15 -5.89
N GLN G 144 -20.40 -27.05 -5.70
CA GLN G 144 -19.58 -27.50 -6.82
C GLN G 144 -20.30 -28.44 -7.80
N GLU G 145 -21.45 -28.95 -7.38
CA GLU G 145 -22.38 -29.72 -8.22
C GLU G 145 -23.25 -28.82 -9.12
N SER G 146 -23.29 -27.51 -8.86
CA SER G 146 -23.96 -26.53 -9.72
C SER G 146 -23.34 -26.43 -11.11
N GLY G 147 -24.07 -25.87 -12.07
CA GLY G 147 -23.52 -25.58 -13.36
C GLY G 147 -24.05 -24.26 -13.88
N LEU G 148 -24.28 -24.21 -15.18
CA LEU G 148 -24.73 -23.01 -15.88
C LEU G 148 -26.25 -22.86 -15.92
N LEU G 149 -26.72 -21.69 -15.53
CA LEU G 149 -28.12 -21.30 -15.64
C LEU G 149 -28.15 -20.14 -16.63
N VAL G 150 -28.70 -20.37 -17.81
CA VAL G 150 -28.70 -19.29 -18.78
C VAL G 150 -30.06 -18.74 -19.11
N SER G 151 -30.11 -17.45 -19.45
CA SER G 151 -31.37 -16.82 -19.80
C SER G 151 -32.39 -17.05 -18.67
N TYR G 152 -33.68 -17.04 -19.02
CA TYR G 152 -34.78 -17.20 -18.08
C TYR G 152 -35.13 -18.65 -17.72
N GLY G 153 -34.14 -19.37 -17.19
CA GLY G 153 -34.39 -20.68 -16.62
C GLY G 153 -33.88 -21.84 -17.45
N VAL G 154 -32.94 -21.56 -18.36
CA VAL G 154 -32.28 -22.62 -19.14
C VAL G 154 -31.13 -23.26 -18.35
N ASN G 155 -31.47 -24.30 -17.61
CA ASN G 155 -30.54 -24.98 -16.72
C ASN G 155 -29.75 -26.04 -17.53
N LEU G 156 -28.54 -25.66 -17.94
CA LEU G 156 -27.73 -26.58 -18.73
C LEU G 156 -27.17 -27.73 -17.90
N ARG G 157 -27.00 -27.51 -16.60
CA ARG G 157 -26.40 -28.50 -15.71
C ARG G 157 -27.33 -29.68 -15.60
N THR G 158 -28.59 -29.35 -15.53
CA THR G 158 -29.64 -30.27 -15.19
C THR G 158 -30.32 -30.84 -16.46
N LEU G 159 -30.06 -30.21 -17.61
CA LEU G 159 -30.52 -30.65 -18.94
C LEU G 159 -30.38 -32.17 -19.22
N THR G 160 -31.51 -32.87 -19.31
CA THR G 160 -31.55 -34.33 -19.49
C THR G 160 -31.32 -34.70 -20.96
N PRO G 161 -30.92 -35.97 -21.24
CA PRO G 161 -30.82 -36.48 -22.61
C PRO G 161 -32.15 -36.43 -23.36
N GLY G 162 -33.26 -36.75 -22.67
CA GLY G 162 -34.60 -36.62 -23.24
C GLY G 162 -34.90 -35.20 -23.70
N THR G 163 -34.66 -34.23 -22.83
CA THR G 163 -34.78 -32.82 -23.19
C THR G 163 -33.87 -32.44 -24.36
N TRP G 164 -32.57 -32.72 -24.26
CA TRP G 164 -31.63 -32.43 -25.36
C TRP G 164 -32.08 -32.98 -26.72
N GLN G 165 -32.47 -34.26 -26.76
N GLN G 165 -32.47 -34.27 -26.72
CA GLN G 165 -32.81 -34.88 -28.04
CA GLN G 165 -32.88 -34.99 -27.93
C GLN G 165 -34.15 -34.38 -28.64
C GLN G 165 -34.14 -34.41 -28.59
N ALA G 166 -35.03 -33.84 -27.79
CA ALA G 166 -36.27 -33.22 -28.29
C ALA G 166 -36.12 -31.73 -28.65
N THR G 168 -34.93 -28.46 -30.73
CA THR G 168 -34.68 -27.97 -32.09
C THR G 168 -34.01 -26.60 -32.01
N LEU G 169 -32.70 -26.60 -32.30
CA LEU G 169 -31.90 -25.38 -32.25
C LEU G 169 -31.17 -25.28 -33.57
N PRO G 170 -31.02 -24.04 -34.10
CA PRO G 170 -30.08 -23.85 -35.22
C PRO G 170 -28.68 -24.33 -34.82
N GLU G 171 -27.93 -24.86 -35.80
CA GLU G 171 -26.62 -25.51 -35.56
C GLU G 171 -25.64 -24.70 -34.67
N ASP G 172 -25.60 -23.39 -34.93
N ASP G 172 -25.54 -23.39 -34.91
CA ASP G 172 -24.70 -22.45 -34.28
CA ASP G 172 -24.60 -22.54 -34.16
C ASP G 172 -24.97 -22.28 -32.76
C ASP G 172 -24.95 -22.40 -32.68
N ILE G 173 -26.24 -22.32 -32.36
CA ILE G 173 -26.63 -22.18 -30.95
C ILE G 173 -26.42 -23.51 -30.22
N LYS G 174 -26.79 -24.60 -30.89
CA LYS G 174 -26.54 -25.95 -30.42
C LYS G 174 -25.05 -26.18 -30.09
N ALA G 175 -24.18 -25.74 -31.01
CA ALA G 175 -22.75 -25.88 -30.88
C ALA G 175 -22.20 -25.02 -29.73
N LEU G 176 -22.76 -23.81 -29.53
CA LEU G 176 -22.37 -22.92 -28.42
C LEU G 176 -22.64 -23.53 -27.02
N VAL G 177 -23.83 -24.09 -26.88
CA VAL G 177 -24.42 -24.41 -25.59
C VAL G 177 -24.20 -25.90 -25.22
N GLY G 178 -23.94 -26.74 -26.23
CA GLY G 178 -23.74 -28.17 -26.04
C GLY G 178 -22.72 -28.52 -24.97
N PRO G 179 -21.53 -27.90 -25.05
CA PRO G 179 -20.46 -28.19 -24.09
C PRO G 179 -20.83 -27.91 -22.63
N GLY G 180 -21.88 -27.11 -22.40
CA GLY G 180 -22.31 -26.75 -21.05
C GLY G 180 -23.31 -27.69 -20.41
N VAL G 181 -23.90 -28.55 -21.23
CA VAL G 181 -24.90 -29.53 -20.78
C VAL G 181 -24.29 -30.54 -19.81
N GLY G 182 -24.81 -30.57 -18.58
CA GLY G 182 -24.34 -31.49 -17.54
C GLY G 182 -23.03 -31.08 -16.87
N LEU G 183 -22.52 -29.90 -17.20
CA LEU G 183 -21.17 -29.47 -16.74
C LEU G 183 -21.18 -28.83 -15.37
N ARG G 184 -20.38 -29.43 -14.47
N ARG G 184 -20.57 -29.45 -14.37
CA ARG G 184 -20.13 -28.99 -13.08
CA ARG G 184 -20.52 -28.75 -13.09
C ARG G 184 -19.14 -27.79 -13.00
C ARG G 184 -19.35 -27.77 -13.05
N LEU G 185 -19.40 -26.88 -12.06
CA LEU G 185 -18.53 -25.73 -11.98
C LEU G 185 -17.09 -26.05 -11.59
N ASP G 186 -16.82 -27.26 -11.10
CA ASP G 186 -15.44 -27.68 -10.79
C ASP G 186 -14.80 -28.48 -11.94
N ALA G 187 -15.52 -28.60 -13.06
CA ALA G 187 -14.97 -29.26 -14.25
C ALA G 187 -13.85 -28.41 -14.87
N PRO G 188 -12.79 -29.05 -15.40
CA PRO G 188 -11.64 -28.29 -15.88
C PRO G 188 -11.96 -27.28 -16.97
N ASN G 189 -12.93 -27.58 -17.84
CA ASN G 189 -13.31 -26.64 -18.89
C ASN G 189 -14.45 -25.69 -18.51
N PHE G 190 -14.87 -25.67 -17.25
CA PHE G 190 -16.06 -24.92 -16.91
C PHE G 190 -15.93 -23.42 -17.18
N SER G 191 -14.80 -22.84 -16.76
CA SER G 191 -14.53 -21.41 -16.98
C SER G 191 -14.59 -21.01 -18.42
N ASP G 192 -13.93 -21.81 -19.26
CA ASP G 192 -13.91 -21.62 -20.71
C ASP G 192 -15.32 -21.66 -21.28
N VAL G 193 -16.11 -22.66 -20.90
CA VAL G 193 -17.43 -22.88 -21.49
C VAL G 193 -18.37 -21.78 -21.01
N PHE G 194 -18.35 -21.50 -19.71
CA PHE G 194 -19.07 -20.36 -19.14
C PHE G 194 -18.83 -19.09 -19.95
N ASN G 195 -17.55 -18.74 -20.11
N ASN G 195 -17.58 -18.75 -20.20
CA ASN G 195 -17.05 -17.53 -20.80
CA ASN G 195 -17.29 -17.47 -20.81
C ASN G 195 -17.49 -17.49 -22.26
C ASN G 195 -17.38 -17.44 -22.32
N THR G 196 -17.29 -18.61 -22.94
CA THR G 196 -17.72 -18.79 -24.34
C THR G 196 -19.25 -18.60 -24.54
N ILE G 197 -20.06 -19.15 -23.64
CA ILE G 197 -21.51 -18.99 -23.76
C ILE G 197 -21.93 -17.56 -23.42
N LYS G 198 -21.39 -17.01 -22.34
CA LYS G 198 -21.63 -15.60 -22.01
C LYS G 198 -21.30 -14.63 -23.16
N SER G 199 -20.17 -14.85 -23.83
CA SER G 199 -19.72 -13.96 -24.92
C SER G 199 -20.45 -14.21 -26.23
N GLY G 200 -20.91 -15.44 -26.43
CA GLY G 200 -21.55 -15.85 -27.69
C GLY G 200 -23.04 -15.54 -27.83
N LEU G 201 -23.72 -15.32 -26.71
CA LEU G 201 -25.15 -15.06 -26.75
C LEU G 201 -25.48 -13.63 -27.14
N ARG G 202 -26.59 -13.49 -27.84
CA ARG G 202 -27.17 -12.20 -28.18
C ARG G 202 -28.62 -12.24 -27.73
N TYR G 203 -29.24 -11.07 -27.68
CA TYR G 203 -30.64 -10.95 -27.29
C TYR G 203 -31.54 -11.94 -28.05
N THR G 204 -31.44 -11.94 -29.37
CA THR G 204 -32.27 -12.77 -30.25
C THR G 204 -32.00 -14.28 -30.12
N THR G 205 -30.71 -14.65 -30.07
CA THR G 205 -30.31 -16.06 -29.97
C THR G 205 -30.49 -16.65 -28.57
N ALA G 206 -30.45 -15.79 -27.55
CA ALA G 206 -30.81 -16.22 -26.20
C ALA G 206 -32.31 -16.53 -26.06
N VAL G 207 -33.15 -15.71 -26.71
CA VAL G 207 -34.55 -16.05 -26.81
C VAL G 207 -34.72 -17.37 -27.56
N THR G 208 -34.00 -17.56 -28.68
CA THR G 208 -34.13 -18.75 -29.50
C THR G 208 -33.85 -20.01 -28.66
N LEU G 209 -32.78 -19.95 -27.86
CA LEU G 209 -32.43 -21.01 -26.93
C LEU G 209 -33.51 -21.23 -25.86
N LEU G 210 -34.00 -20.14 -25.26
CA LEU G 210 -35.06 -20.21 -24.25
C LEU G 210 -36.30 -20.98 -24.76
N LEU G 211 -36.73 -20.62 -25.97
CA LEU G 211 -37.91 -21.25 -26.57
C LEU G 211 -37.67 -22.73 -26.89
N ALA G 212 -36.47 -23.07 -27.34
CA ALA G 212 -36.13 -24.47 -27.65
C ALA G 212 -36.20 -25.34 -26.42
N TYR G 213 -35.68 -24.81 -25.32
CA TYR G 213 -35.59 -25.49 -24.05
C TYR G 213 -36.99 -25.72 -23.48
N PHE G 214 -37.83 -24.67 -23.48
CA PHE G 214 -39.13 -24.81 -22.83
C PHE G 214 -40.14 -25.55 -23.69
N ALA G 215 -39.89 -25.59 -25.00
CA ALA G 215 -40.65 -26.44 -25.92
C ALA G 215 -40.41 -27.93 -25.67
N ALA G 216 -39.18 -28.28 -25.29
CA ALA G 216 -38.73 -29.68 -25.22
C ALA G 216 -38.68 -30.27 -23.80
N ILE G 217 -38.65 -29.39 -22.80
CA ILE G 217 -38.40 -29.75 -21.41
C ILE G 217 -39.41 -30.76 -20.90
N GLY G 218 -38.91 -31.85 -20.34
CA GLY G 218 -39.77 -32.93 -19.87
C GLY G 218 -40.09 -33.96 -20.95
N SER G 219 -39.18 -34.10 -21.92
CA SER G 219 -39.30 -35.12 -22.97
C SER G 219 -38.55 -36.40 -22.61
N ILE H 6 -24.16 -40.79 13.68
CA ILE H 6 -22.72 -40.55 13.32
C ILE H 6 -21.86 -41.83 13.33
N ASN H 7 -20.72 -41.77 12.63
CA ASN H 7 -19.76 -42.89 12.55
C ASN H 7 -18.35 -42.33 12.31
N ILE H 8 -17.32 -43.14 12.56
CA ILE H 8 -15.95 -42.62 12.55
C ILE H 8 -15.48 -42.24 11.15
N TYR H 9 -16.14 -42.79 10.12
CA TYR H 9 -15.80 -42.54 8.70
C TYR H 9 -16.25 -41.18 8.19
N GLN H 10 -17.53 -40.86 8.35
CA GLN H 10 -18.04 -39.56 7.96
C GLN H 10 -17.93 -38.55 9.08
N ASN H 11 -17.83 -39.02 10.31
CA ASN H 11 -17.75 -38.10 11.45
C ASN H 11 -16.52 -38.35 12.31
N PRO H 12 -15.32 -38.24 11.72
CA PRO H 12 -14.13 -38.64 12.48
C PRO H 12 -13.84 -37.72 13.67
N GLY H 13 -14.03 -36.42 13.50
CA GLY H 13 -13.78 -35.45 14.57
C GLY H 13 -14.70 -35.65 15.75
N GLN H 14 -15.99 -35.83 15.47
N GLN H 14 -16.00 -35.77 15.46
CA GLN H 14 -16.98 -36.04 16.54
CA GLN H 14 -16.98 -36.05 16.50
C GLN H 14 -16.87 -37.41 17.20
C GLN H 14 -16.64 -37.35 17.21
N SER H 15 -16.49 -38.42 16.44
CA SER H 15 -16.23 -39.76 17.00
C SER H 15 -14.94 -39.87 17.82
N LEU H 16 -13.87 -39.24 17.36
CA LEU H 16 -12.63 -39.21 18.15
C LEU H 16 -12.75 -38.29 19.36
N ALA H 17 -13.39 -37.13 19.20
CA ALA H 17 -13.67 -36.23 20.32
C ALA H 17 -14.42 -36.95 21.41
N ASN H 18 -15.42 -37.75 21.04
CA ASN H 18 -16.21 -38.47 22.04
C ASN H 18 -15.38 -39.38 22.93
N ILE H 19 -14.43 -40.09 22.32
CA ILE H 19 -13.49 -40.96 23.03
C ILE H 19 -12.57 -40.15 23.93
N TYR H 20 -12.00 -39.08 23.38
CA TYR H 20 -11.05 -38.28 24.12
C TYR H 20 -11.70 -37.49 25.26
N LYS H 21 -12.99 -37.18 25.10
CA LYS H 21 -13.79 -36.54 26.13
C LYS H 21 -13.92 -37.46 27.37
N GLY H 22 -14.07 -38.77 27.11
CA GLY H 22 -14.05 -39.81 28.16
C GLY H 22 -12.70 -39.91 28.87
N PHE H 23 -11.62 -39.97 28.10
CA PHE H 23 -10.26 -40.03 28.65
C PHE H 23 -9.96 -38.82 29.50
N ALA H 24 -10.36 -37.66 29.01
CA ALA H 24 -10.16 -36.43 29.76
C ALA H 24 -10.98 -36.37 31.06
N ARG H 25 -12.19 -36.94 31.05
N ARG H 25 -12.21 -36.87 31.01
CA ARG H 25 -13.00 -37.08 32.29
CA ARG H 25 -13.13 -36.86 32.16
C ARG H 25 -12.30 -38.02 33.28
C ARG H 25 -12.60 -37.81 33.25
N GLN H 26 -11.92 -39.19 32.81
N GLN H 26 -12.05 -38.93 32.82
CA GLN H 26 -11.13 -40.14 33.60
CA GLN H 26 -11.33 -39.84 33.73
C GLN H 26 -9.82 -39.54 34.15
C GLN H 26 -10.05 -39.19 34.32
N CYS H 27 -9.26 -38.55 33.45
CA CYS H 27 -8.00 -37.87 33.87
C CYS H 27 -8.18 -36.73 34.88
N ASN H 28 -9.14 -35.87 34.63
CA ASN H 28 -9.36 -34.67 35.43
C ASN H 28 -10.76 -34.21 35.12
N PRO H 29 -11.73 -34.50 36.03
CA PRO H 29 -13.13 -34.12 35.79
C PRO H 29 -13.36 -32.62 35.66
N GLY H 30 -12.43 -31.81 36.18
CA GLY H 30 -12.53 -30.36 36.08
C GLY H 30 -12.01 -29.80 34.75
N PHE H 31 -11.16 -30.57 34.06
CA PHE H 31 -10.59 -30.15 32.79
C PHE H 31 -11.73 -29.85 31.81
N VAL H 32 -11.73 -28.67 31.22
CA VAL H 32 -12.80 -28.28 30.31
C VAL H 32 -12.44 -28.79 28.90
N PHE H 33 -13.18 -29.80 28.43
CA PHE H 33 -12.84 -30.44 27.17
C PHE H 33 -13.12 -29.48 26.00
N PRO H 34 -12.11 -29.21 25.13
CA PRO H 34 -12.29 -28.25 24.02
C PRO H 34 -12.96 -28.87 22.80
N GLU H 35 -14.27 -29.08 22.92
CA GLU H 35 -15.00 -29.95 22.03
C GLU H 35 -15.06 -29.41 20.60
N ALA H 36 -15.43 -28.16 20.44
CA ALA H 36 -15.59 -27.58 19.13
C ALA H 36 -14.29 -27.66 18.29
N GLN H 37 -13.16 -27.33 18.91
CA GLN H 37 -11.85 -27.29 18.26
C GLN H 37 -11.37 -28.69 17.93
N THR H 38 -11.61 -29.62 18.85
CA THR H 38 -11.18 -30.99 18.72
C THR H 38 -11.87 -31.65 17.51
N ILE H 39 -13.17 -31.44 17.39
CA ILE H 39 -13.98 -31.92 16.26
C ILE H 39 -13.50 -31.27 14.96
N GLU H 40 -13.35 -29.94 14.95
CA GLU H 40 -12.87 -29.23 13.78
C GLU H 40 -11.45 -29.66 13.37
N ALA H 41 -10.54 -29.79 14.34
CA ALA H 41 -9.18 -30.29 14.03
C ALA H 41 -9.15 -31.69 13.44
N TRP H 42 -9.87 -32.65 14.06
CA TRP H 42 -9.82 -34.05 13.54
C TRP H 42 -10.67 -34.35 12.31
N ASP H 43 -11.44 -33.38 11.88
CA ASP H 43 -12.16 -33.38 10.61
C ASP H 43 -11.30 -32.81 9.46
N ILE H 44 -10.27 -32.01 9.78
CA ILE H 44 -9.43 -31.37 8.72
C ILE H 44 -9.06 -32.34 7.53
N PRO H 45 -8.51 -33.54 7.82
CA PRO H 45 -8.16 -34.45 6.74
C PRO H 45 -9.32 -34.84 5.83
N LEU H 46 -10.50 -35.04 6.40
CA LEU H 46 -11.69 -35.33 5.61
C LEU H 46 -12.21 -34.09 4.89
N ARG H 47 -12.03 -32.92 5.50
CA ARG H 47 -12.37 -31.65 4.87
C ARG H 47 -11.50 -31.36 3.61
N LEU H 48 -10.24 -31.75 3.66
CA LEU H 48 -9.28 -31.55 2.58
C LEU H 48 -9.50 -32.56 1.48
N HIS H 49 -9.94 -33.76 1.87
CA HIS H 49 -10.16 -34.87 0.94
C HIS H 49 -11.54 -35.49 1.10
N PRO H 50 -12.59 -34.75 0.68
CA PRO H 50 -13.95 -35.29 0.73
C PRO H 50 -14.14 -36.56 -0.11
N GLU H 51 -13.25 -36.80 -1.08
CA GLU H 51 -13.34 -38.03 -1.88
C GLU H 51 -13.05 -39.29 -1.06
N PHE H 52 -12.52 -39.12 0.16
CA PHE H 52 -12.30 -40.28 1.06
C PHE H 52 -13.58 -41.10 1.24
N ILE H 53 -14.73 -40.41 1.23
CA ILE H 53 -16.05 -41.05 1.25
C ILE H 53 -16.80 -40.73 -0.06
N PRO H 54 -16.63 -41.58 -1.10
CA PRO H 54 -17.18 -41.38 -2.44
C PRO H 54 -18.69 -41.47 -2.45
N GLY H 55 -19.35 -40.36 -2.82
CA GLY H 55 -20.81 -40.28 -2.94
C GLY H 55 -21.54 -40.70 -1.68
N GLY H 56 -21.06 -40.25 -0.53
CA GLY H 56 -21.64 -40.58 0.77
C GLY H 56 -21.72 -42.05 1.16
N ASP H 57 -20.99 -42.91 0.45
CA ASP H 57 -21.11 -44.36 0.64
C ASP H 57 -19.93 -44.95 1.46
N ILE H 58 -20.15 -45.16 2.76
CA ILE H 58 -19.10 -45.61 3.70
C ILE H 58 -18.47 -46.98 3.42
N SER H 59 -19.14 -47.79 2.62
CA SER H 59 -18.59 -49.09 2.26
C SER H 59 -17.48 -48.89 1.22
N LYS H 60 -17.61 -47.84 0.42
CA LYS H 60 -16.59 -47.45 -0.56
C LYS H 60 -15.54 -46.49 0.05
N ALA H 61 -15.52 -46.35 1.37
CA ALA H 61 -14.53 -45.46 2.01
C ALA H 61 -13.08 -45.85 1.69
N ASP H 62 -12.22 -44.84 1.50
CA ASP H 62 -10.79 -45.02 1.23
C ASP H 62 -10.17 -45.88 2.34
N GLN H 63 -9.57 -46.98 1.91
CA GLN H 63 -9.07 -48.04 2.78
C GLN H 63 -7.93 -47.53 3.68
N GLN H 64 -7.02 -46.74 3.11
CA GLN H 64 -5.93 -46.16 3.92
C GLN H 64 -6.51 -45.22 4.97
N TYR H 65 -7.51 -44.43 4.60
CA TYR H 65 -8.20 -43.52 5.51
C TYR H 65 -8.91 -44.29 6.64
N SER H 66 -9.62 -45.35 6.28
CA SER H 66 -10.31 -46.19 7.26
C SER H 66 -9.34 -46.83 8.25
N THR H 67 -8.19 -47.27 7.74
CA THR H 67 -7.19 -47.97 8.54
C THR H 67 -6.58 -47.06 9.60
N LEU H 68 -6.31 -45.80 9.22
CA LEU H 68 -5.82 -44.79 10.16
C LEU H 68 -6.79 -44.51 11.32
N LEU H 69 -8.07 -44.44 11.00
CA LEU H 69 -9.12 -44.33 11.98
C LEU H 69 -9.26 -45.58 12.90
N ALA H 70 -9.19 -46.78 12.34
CA ALA H 70 -9.18 -48.02 13.12
C ALA H 70 -8.03 -48.01 14.11
N GLN H 71 -6.85 -47.55 13.67
CA GLN H 71 -5.69 -47.53 14.55
C GLN H 71 -5.89 -46.59 15.76
N GLU H 72 -6.67 -45.54 15.57
CA GLU H 72 -7.01 -44.61 16.68
C GLU H 72 -7.96 -45.25 17.68
N ILE H 73 -8.87 -46.06 17.16
CA ILE H 73 -9.78 -46.84 17.99
C ILE H 73 -8.97 -47.87 18.80
N ALA H 74 -8.08 -48.60 18.13
CA ALA H 74 -7.20 -49.57 18.80
C ALA H 74 -6.27 -48.88 19.82
N ASN H 75 -5.72 -47.72 19.44
CA ASN H 75 -4.91 -46.94 20.37
C ASN H 75 -5.78 -46.53 21.57
N GLY H 76 -7.03 -46.15 21.31
CA GLY H 76 -7.97 -45.82 22.40
C GLY H 76 -8.07 -46.92 23.45
N VAL H 77 -8.11 -48.18 22.99
CA VAL H 77 -8.18 -49.34 23.87
C VAL H 77 -6.92 -49.51 24.74
N THR H 78 -5.74 -49.32 24.15
CA THR H 78 -4.48 -49.38 24.85
C THR H 78 -4.37 -48.26 25.89
N ILE H 79 -4.88 -47.08 25.55
CA ILE H 79 -4.91 -45.95 26.50
C ILE H 79 -5.73 -46.27 27.75
N GLY H 80 -6.92 -46.85 27.56
CA GLY H 80 -7.76 -47.28 28.67
C GLY H 80 -7.11 -48.37 29.52
N PHE H 81 -6.32 -49.25 28.89
CA PHE H 81 -5.53 -50.21 29.65
C PHE H 81 -4.51 -49.52 30.51
N ARG H 82 -3.81 -48.54 29.93
CA ARG H 82 -2.67 -47.90 30.55
C ARG H 82 -3.05 -46.92 31.68
N VAL H 84 -4.47 -47.49 34.31
CA VAL H 84 -4.30 -48.08 35.64
C VAL H 84 -2.88 -47.88 36.18
N ASN H 85 -1.88 -48.41 35.50
CA ASN H 85 -0.49 -48.27 35.96
C ASN H 85 0.25 -46.99 35.51
N GLU H 86 -0.32 -46.29 34.55
CA GLU H 86 0.34 -45.14 33.94
C GLU H 86 -0.52 -43.91 33.77
N LYS H 87 -1.46 -43.68 34.69
CA LYS H 87 -2.34 -42.54 34.62
C LYS H 87 -1.59 -41.21 34.56
N GLU H 88 -0.56 -41.05 35.40
N GLU H 88 -0.57 -41.06 35.40
CA GLU H 88 0.19 -39.79 35.45
CA GLU H 88 0.24 -39.85 35.46
C GLU H 88 0.82 -39.42 34.10
C GLU H 88 0.74 -39.47 34.07
N ARG H 89 1.45 -40.38 33.42
CA ARG H 89 2.03 -40.11 32.11
C ARG H 89 0.98 -39.91 31.02
N VAL H 90 0.00 -40.82 30.95
CA VAL H 90 -1.10 -40.74 29.99
C VAL H 90 -1.82 -39.40 30.04
N CYS H 91 -2.11 -38.95 31.25
CA CYS H 91 -2.96 -37.77 31.40
C CYS H 91 -2.15 -36.48 31.25
N ASN H 92 -1.10 -36.37 32.07
CA ASN H 92 -0.30 -35.15 32.17
C ASN H 92 0.76 -34.92 31.09
N VAL H 93 1.14 -35.97 30.36
CA VAL H 93 2.17 -35.90 29.32
C VAL H 93 1.57 -36.09 27.92
N GLU H 94 0.65 -37.05 27.80
CA GLU H 94 0.13 -37.49 26.50
C GLU H 94 -1.22 -36.87 26.06
N ILE H 95 -2.24 -36.96 26.89
CA ILE H 95 -3.60 -36.62 26.45
C ILE H 95 -3.99 -35.17 26.70
N LEU H 96 -3.89 -34.71 27.94
CA LEU H 96 -4.34 -33.35 28.26
C LEU H 96 -3.50 -32.25 27.55
N PRO H 97 -2.16 -32.41 27.55
CA PRO H 97 -1.38 -31.47 26.76
C PRO H 97 -1.69 -31.51 25.27
N LEU H 98 -1.92 -32.70 24.70
CA LEU H 98 -2.40 -32.75 23.32
C LEU H 98 -3.67 -31.94 23.10
N LEU H 99 -4.68 -32.12 23.97
CA LEU H 99 -6.01 -31.60 23.67
C LEU H 99 -5.97 -30.09 23.73
N THR H 100 -5.17 -29.61 24.66
CA THR H 100 -5.03 -28.19 24.98
C THR H 100 -4.24 -27.47 23.88
N SER H 101 -3.13 -28.07 23.49
CA SER H 101 -2.26 -27.53 22.46
C SER H 101 -2.98 -27.42 21.11
N ALA H 103 -6.25 -27.19 20.57
CA ALA H 103 -7.31 -26.19 20.60
C ALA H 103 -6.72 -24.79 20.48
N GLN H 104 -5.64 -24.53 21.22
CA GLN H 104 -4.94 -23.25 21.16
C GLN H 104 -4.37 -22.94 19.78
N ASN H 105 -3.72 -23.95 19.19
CA ASN H 105 -3.11 -23.84 17.87
C ASN H 105 -4.11 -23.64 16.75
N LEU H 106 -5.24 -24.33 16.81
CA LEU H 106 -6.33 -24.12 15.84
C LEU H 106 -6.83 -22.69 15.91
N ASP H 107 -7.14 -22.24 17.12
CA ASP H 107 -7.62 -20.89 17.31
C ASP H 107 -6.63 -19.83 16.80
N ARG H 108 -5.35 -20.03 17.07
CA ARG H 108 -4.31 -19.13 16.56
C ARG H 108 -4.30 -19.11 15.04
N ILE H 109 -4.32 -20.30 14.43
CA ILE H 109 -4.36 -20.47 12.98
C ILE H 109 -5.57 -19.75 12.38
N LYS H 110 -6.74 -19.91 13.00
CA LYS H 110 -7.94 -19.25 12.50
C LYS H 110 -7.78 -17.73 12.55
N ALA H 111 -7.14 -17.25 13.62
CA ALA H 111 -6.90 -15.82 13.82
C ALA H 111 -5.92 -15.26 12.80
N ARG H 112 -4.87 -16.02 12.47
CA ARG H 112 -3.83 -15.55 11.53
C ARG H 112 -4.26 -15.60 10.08
N PHE H 113 -4.99 -16.65 9.73
CA PHE H 113 -5.22 -16.98 8.32
C PHE H 113 -6.70 -16.87 7.93
N GLY H 114 -7.54 -16.60 8.92
CA GLY H 114 -8.97 -16.42 8.68
C GLY H 114 -9.73 -17.71 8.36
N SER H 115 -10.96 -17.55 7.89
CA SER H 115 -11.86 -18.69 7.65
C SER H 115 -11.38 -19.68 6.59
N GLY H 116 -10.60 -19.19 5.63
CA GLY H 116 -10.06 -20.03 4.56
C GLY H 116 -8.73 -20.67 4.86
N TYR H 117 -8.46 -20.91 6.14
CA TYR H 117 -7.17 -21.45 6.60
C TYR H 117 -6.80 -22.83 6.04
N LEU H 118 -7.81 -23.59 5.60
CA LEU H 118 -7.52 -24.91 5.01
C LEU H 118 -6.57 -24.81 3.80
N ASP H 119 -6.56 -23.64 3.13
CA ASP H 119 -5.67 -23.42 1.97
C ASP H 119 -4.20 -23.58 2.28
N ARG H 120 -3.78 -23.18 3.49
CA ARG H 120 -2.40 -23.33 3.93
C ARG H 120 -1.97 -24.79 3.96
N PHE H 121 -2.95 -25.69 3.91
CA PHE H 121 -2.71 -27.12 3.95
C PHE H 121 -2.67 -27.76 2.57
N LYS H 122 -3.03 -27.02 1.53
CA LYS H 122 -3.09 -27.57 0.16
C LYS H 122 -1.75 -27.50 -0.58
N GLY H 123 -1.60 -28.35 -1.59
CA GLY H 123 -0.46 -28.27 -2.50
C GLY H 123 0.75 -29.10 -2.11
N SER H 124 0.66 -29.76 -0.94
CA SER H 124 1.69 -30.69 -0.48
C SER H 124 1.59 -31.95 -1.30
N PRO H 125 2.66 -32.77 -1.31
CA PRO H 125 2.54 -34.02 -2.05
C PRO H 125 1.77 -35.08 -1.25
N ASN H 126 1.45 -34.78 0.01
CA ASN H 126 0.84 -35.77 0.92
C ASN H 126 -0.70 -35.82 0.89
N VAL H 127 -1.24 -37.01 0.74
CA VAL H 127 -2.71 -37.20 0.70
C VAL H 127 -3.29 -37.49 2.09
N TYR H 128 -2.52 -38.24 2.89
CA TYR H 128 -2.93 -38.67 4.24
C TYR H 128 -2.23 -37.85 5.31
N PRO H 129 -2.90 -37.62 6.45
CA PRO H 129 -2.25 -36.70 7.40
C PRO H 129 -0.99 -37.30 8.04
N THR H 130 -0.80 -38.63 7.93
CA THR H 130 0.34 -39.32 8.50
C THR H 130 1.45 -39.54 7.46
N ASP H 131 1.15 -39.14 6.23
CA ASP H 131 2.10 -39.20 5.15
C ASP H 131 3.40 -38.42 5.48
N VAL H 132 4.54 -39.01 5.12
CA VAL H 132 5.83 -38.39 5.22
C VAL H 132 6.49 -38.46 3.85
N GLY H 133 6.72 -37.30 3.21
CA GLY H 133 7.38 -37.22 1.92
C GLY H 133 8.56 -36.28 1.95
N PHE H 134 8.95 -35.73 0.81
CA PHE H 134 10.21 -34.97 0.74
C PHE H 134 10.04 -33.49 0.42
N SER H 135 10.79 -32.66 1.13
CA SER H 135 10.85 -31.21 0.92
C SER H 135 11.32 -30.82 -0.50
N THR H 136 10.88 -29.65 -0.95
CA THR H 136 11.23 -29.13 -2.26
C THR H 136 12.39 -28.14 -2.13
N ASP H 137 13.23 -28.04 -3.17
CA ASP H 137 14.19 -26.96 -3.29
C ASP H 137 13.66 -25.82 -4.17
N ALA H 138 14.50 -24.81 -4.38
CA ALA H 138 14.17 -23.59 -5.14
C ALA H 138 13.71 -23.89 -6.57
N SER H 139 14.30 -24.94 -7.15
CA SER H 139 14.09 -25.36 -8.53
C SER H 139 12.66 -25.84 -8.79
N GLY H 140 12.02 -26.36 -7.73
CA GLY H 140 10.74 -27.04 -7.83
C GLY H 140 10.91 -28.55 -7.61
N GLY H 141 12.17 -29.00 -7.59
CA GLY H 141 12.49 -30.44 -7.50
C GLY H 141 12.85 -30.99 -6.12
N ILE H 142 13.23 -32.25 -6.07
CA ILE H 142 13.71 -32.86 -4.84
C ILE H 142 15.20 -33.06 -4.99
N SER H 143 15.97 -32.79 -3.94
CA SER H 143 17.42 -33.07 -3.99
C SER H 143 18.02 -33.42 -2.64
N GLN H 144 19.35 -33.56 -2.62
CA GLN H 144 20.08 -33.94 -1.41
C GLN H 144 19.86 -32.97 -0.26
N GLU H 145 19.58 -31.70 -0.59
CA GLU H 145 19.36 -30.63 0.38
C GLU H 145 17.91 -30.46 0.79
N SER H 146 17.04 -31.30 0.22
CA SER H 146 15.70 -31.50 0.73
C SER H 146 15.76 -32.29 2.04
N GLY H 147 14.65 -32.23 2.79
CA GLY H 147 14.44 -33.11 3.93
C GLY H 147 13.00 -33.55 4.03
N LEU H 148 12.49 -33.67 5.26
CA LEU H 148 11.18 -34.25 5.50
C LEU H 148 10.06 -33.24 5.32
N LEU H 149 9.06 -33.64 4.56
CA LEU H 149 7.81 -32.91 4.49
C LEU H 149 6.73 -33.85 5.03
N VAL H 150 6.26 -33.53 6.24
CA VAL H 150 5.33 -34.40 6.92
C VAL H 150 3.92 -33.84 7.00
N SER H 151 2.93 -34.72 6.84
CA SER H 151 1.51 -34.28 6.88
C SER H 151 1.27 -33.20 5.83
N TYR H 152 0.24 -32.38 6.02
CA TYR H 152 -0.15 -31.36 5.04
C TYR H 152 0.72 -30.11 5.06
N GLY H 153 2.01 -30.29 4.88
CA GLY H 153 2.88 -29.14 4.67
C GLY H 153 3.87 -28.82 5.75
N VAL H 154 4.08 -29.74 6.70
CA VAL H 154 5.08 -29.52 7.77
C VAL H 154 6.51 -29.79 7.29
N ASN H 155 7.18 -28.73 6.85
CA ASN H 155 8.52 -28.78 6.31
C ASN H 155 9.59 -28.81 7.40
N LEU H 156 10.00 -30.02 7.79
CA LEU H 156 10.96 -30.14 8.90
C LEU H 156 12.32 -29.60 8.49
N ARG H 157 12.66 -29.78 7.22
CA ARG H 157 13.94 -29.31 6.68
C ARG H 157 14.21 -27.80 6.89
N THR H 158 13.19 -26.98 6.62
CA THR H 158 13.37 -25.53 6.68
C THR H 158 12.91 -24.94 8.04
N LEU H 159 12.31 -25.78 8.88
CA LEU H 159 11.75 -25.35 10.15
C LEU H 159 12.91 -24.84 10.97
N THR H 160 12.85 -23.57 11.38
CA THR H 160 13.94 -22.91 12.12
C THR H 160 13.88 -23.17 13.64
N PRO H 161 15.07 -23.11 14.32
CA PRO H 161 15.17 -23.04 15.78
C PRO H 161 14.17 -22.12 16.48
N GLY H 162 14.00 -20.89 15.99
CA GLY H 162 13.00 -20.00 16.50
C GLY H 162 11.58 -20.55 16.40
N THR H 163 11.26 -21.20 15.29
CA THR H 163 9.92 -21.75 15.09
C THR H 163 9.68 -22.96 15.98
N TRP H 164 10.67 -23.84 16.06
CA TRP H 164 10.63 -24.98 16.97
C TRP H 164 10.25 -24.59 18.40
N GLN H 165 10.89 -23.56 18.94
N GLN H 165 10.96 -23.58 18.91
CA GLN H 165 10.64 -23.15 20.32
CA GLN H 165 10.74 -22.99 20.25
C GLN H 165 9.43 -22.21 20.48
C GLN H 165 9.33 -22.48 20.41
N ALA H 166 8.84 -21.84 19.36
CA ALA H 166 7.57 -21.11 19.37
C ALA H 166 6.40 -22.06 19.33
N THR H 168 3.82 -25.10 20.24
CA THR H 168 3.22 -25.71 21.42
C THR H 168 2.82 -27.12 21.02
N LEU H 169 3.63 -28.07 21.44
CA LEU H 169 3.57 -29.45 20.98
C LEU H 169 3.79 -30.32 22.23
N PRO H 170 2.93 -31.33 22.44
CA PRO H 170 3.11 -32.31 23.51
C PRO H 170 4.48 -32.96 23.42
N GLU H 171 5.05 -33.32 24.57
N GLU H 171 5.09 -33.34 24.54
CA GLU H 171 6.40 -33.90 24.73
CA GLU H 171 6.50 -33.77 24.57
C GLU H 171 6.71 -35.03 23.76
C GLU H 171 6.84 -34.99 23.71
N ASP H 172 5.76 -35.96 23.68
N ASP H 172 5.97 -36.01 23.70
CA ASP H 172 5.90 -37.22 22.96
CA ASP H 172 6.25 -37.19 22.88
C ASP H 172 6.04 -37.03 21.43
C ASP H 172 6.36 -36.82 21.41
N ILE H 173 5.48 -35.94 20.92
CA ILE H 173 5.52 -35.58 19.49
C ILE H 173 6.78 -34.76 19.19
N LYS H 174 7.13 -33.84 20.09
CA LYS H 174 8.42 -33.12 19.99
C LYS H 174 9.64 -34.03 19.94
N ALA H 175 9.64 -35.06 20.79
CA ALA H 175 10.76 -36.03 20.87
C ALA H 175 10.81 -36.92 19.64
N LEU H 176 9.65 -37.13 19.04
CA LEU H 176 9.54 -37.89 17.80
C LEU H 176 10.03 -37.12 16.56
N VAL H 177 9.80 -35.81 16.54
CA VAL H 177 9.91 -35.05 15.31
C VAL H 177 11.17 -34.17 15.31
N GLY H 178 11.63 -33.79 16.50
CA GLY H 178 12.82 -32.95 16.66
C GLY H 178 14.05 -33.42 15.88
N PRO H 179 14.36 -34.73 15.97
CA PRO H 179 15.50 -35.26 15.22
C PRO H 179 15.49 -35.00 13.72
N GLY H 180 14.30 -34.86 13.12
CA GLY H 180 14.20 -34.54 11.69
C GLY H 180 14.29 -33.05 11.34
N VAL H 181 14.26 -32.17 12.34
CA VAL H 181 14.40 -30.74 12.11
C VAL H 181 15.76 -30.41 11.44
N GLY H 182 15.69 -29.92 10.20
CA GLY H 182 16.87 -29.49 9.47
C GLY H 182 17.64 -30.59 8.75
N LEU H 183 17.12 -31.82 8.84
CA LEU H 183 17.84 -33.00 8.38
C LEU H 183 17.73 -33.21 6.87
N ARG H 184 18.87 -33.31 6.19
CA ARG H 184 18.93 -33.50 4.73
C ARG H 184 18.77 -34.95 4.32
N LEU H 185 18.34 -35.19 3.08
CA LEU H 185 18.15 -36.56 2.54
C LEU H 185 19.42 -37.42 2.62
N ASP H 186 20.56 -36.80 2.33
CA ASP H 186 21.84 -37.48 2.34
C ASP H 186 22.48 -37.53 3.72
N ALA H 187 21.75 -37.09 4.75
CA ALA H 187 22.27 -37.11 6.13
C ALA H 187 22.48 -38.55 6.55
N PRO H 188 23.55 -38.82 7.35
CA PRO H 188 23.81 -40.23 7.67
C PRO H 188 22.68 -40.86 8.50
N ASN H 189 22.05 -40.09 9.38
CA ASN H 189 20.96 -40.63 10.18
C ASN H 189 19.57 -40.40 9.60
N PHE H 190 19.50 -39.99 8.33
CA PHE H 190 18.23 -39.56 7.73
C PHE H 190 17.24 -40.70 7.66
N SER H 191 17.71 -41.86 7.25
CA SER H 191 16.85 -43.02 7.04
C SER H 191 16.24 -43.51 8.36
N ASP H 192 17.04 -43.53 9.43
CA ASP H 192 16.55 -43.89 10.77
C ASP H 192 15.54 -42.90 11.33
N VAL H 193 15.75 -41.62 11.07
CA VAL H 193 14.86 -40.59 11.57
C VAL H 193 13.56 -40.64 10.78
N PHE H 194 13.69 -40.75 9.46
CA PHE H 194 12.53 -40.90 8.59
C PHE H 194 11.69 -42.13 9.02
N ASN H 195 12.35 -43.25 9.28
CA ASN H 195 11.72 -44.46 9.78
C ASN H 195 10.95 -44.24 11.10
N THR H 196 11.59 -43.60 12.08
CA THR H 196 11.01 -43.29 13.37
C THR H 196 9.77 -42.38 13.29
N ILE H 197 9.85 -41.33 12.46
CA ILE H 197 8.69 -40.44 12.28
C ILE H 197 7.52 -41.14 11.59
N LYS H 198 7.82 -41.80 10.48
CA LYS H 198 6.82 -42.52 9.71
C LYS H 198 6.08 -43.59 10.56
N SER H 199 6.82 -44.28 11.42
CA SER H 199 6.27 -45.33 12.27
C SER H 199 5.54 -44.85 13.49
N GLY H 200 5.90 -43.67 14.01
CA GLY H 200 5.29 -43.18 15.23
C GLY H 200 4.08 -42.26 15.05
N LEU H 201 3.82 -41.80 13.83
CA LEU H 201 2.75 -40.86 13.59
C LEU H 201 1.43 -41.58 13.55
N ARG H 202 0.39 -40.95 14.12
CA ARG H 202 -0.97 -41.46 14.00
C ARG H 202 -1.83 -40.34 13.41
N TYR H 203 -3.05 -40.67 13.02
CA TYR H 203 -3.96 -39.71 12.43
C TYR H 203 -4.11 -38.44 13.29
N THR H 204 -4.35 -38.63 14.58
CA THR H 204 -4.57 -37.51 15.51
C THR H 204 -3.32 -36.72 15.88
N THR H 205 -2.20 -37.41 16.03
CA THR H 205 -0.98 -36.75 16.43
C THR H 205 -0.30 -36.09 15.24
N ALA H 206 -0.54 -36.59 14.03
CA ALA H 206 -0.17 -35.88 12.80
C ALA H 206 -0.89 -34.53 12.69
N VAL H 207 -2.19 -34.51 12.95
CA VAL H 207 -2.95 -33.26 12.92
C VAL H 207 -2.46 -32.30 14.02
N THR H 208 -2.11 -32.85 15.18
CA THR H 208 -1.52 -32.07 16.26
C THR H 208 -0.24 -31.32 15.84
N LEU H 209 0.69 -32.05 15.22
CA LEU H 209 1.88 -31.47 14.63
C LEU H 209 1.56 -30.44 13.54
N LEU H 210 0.63 -30.76 12.65
CA LEU H 210 0.23 -29.83 11.61
C LEU H 210 -0.18 -28.46 12.17
N LEU H 211 -1.02 -28.50 13.19
CA LEU H 211 -1.56 -27.27 13.79
C LEU H 211 -0.49 -26.53 14.57
N ALA H 212 0.42 -27.24 15.22
CA ALA H 212 1.48 -26.59 15.99
C ALA H 212 2.40 -25.81 15.05
N TYR H 213 2.74 -26.45 13.94
CA TYR H 213 3.63 -25.87 12.94
C TYR H 213 2.99 -24.63 12.31
N PHE H 214 1.76 -24.75 11.84
CA PHE H 214 1.12 -23.64 11.14
C PHE H 214 0.68 -22.49 12.05
N ALA H 215 0.47 -22.80 13.33
CA ALA H 215 0.24 -21.76 14.34
C ALA H 215 1.52 -20.95 14.59
N ALA H 216 2.68 -21.58 14.45
CA ALA H 216 3.95 -20.97 14.84
C ALA H 216 4.84 -20.36 13.75
N ILE H 217 4.82 -20.89 12.50
CA ILE H 217 5.52 -20.21 11.38
C ILE H 217 4.85 -18.86 11.24
N GLY H 218 4.89 -18.14 10.13
CA GLY H 218 5.99 -17.93 9.21
C GLY H 218 5.88 -16.41 9.20
N SER H 219 5.05 -15.80 8.35
CA SER H 219 4.10 -16.39 7.36
C SER H 219 4.19 -17.88 7.12
#